data_4I25
#
_entry.id   4I25
#
_cell.length_a   88.253
_cell.length_b   142.932
_cell.length_c   175.125
_cell.angle_alpha   90.000
_cell.angle_beta   90.000
_cell.angle_gamma   90.000
#
_symmetry.space_group_name_H-M   'P 21 21 21'
#
loop_
_entity.id
_entity.type
_entity.pdbx_description
1 polymer '2-aminomuconate 6-semialdehyde dehydrogenase'
2 non-polymer NICOTINAMIDE-ADENINE-DINUCLEOTIDE
3 non-polymer 'SODIUM ION'
4 non-polymer '(2E,4E)-2-amino-6-oxohexa-2,4-dienoic acid'
5 water water
#
_entity_poly.entity_id   1
_entity_poly.type   'polypeptide(L)'
_entity_poly.pdbx_seq_one_letter_code
;MNTLPSQVWRTNIGSAPSQLLNYIDGNFVTSASSFANINPVNGKLISDVFEADAKQVNEAVVAAQNALKGPWGKLSVQDR
AALIHKIADGIQARFEEFVAAEVADTGRPVHQARTLDIPRAIANFRTFADLAKTSHTDLFEMSTSDGSGALNYTVRKPLG
VIGVISPWNLPLLLFTWKVAPALACGNTVVAKPSEESPSSATLLAEVMHDAGVPPGVFNLIHGFGKDSAGEFLTQHPGIS
ALTFTGESKTGSTIMKAVADGVKEVSFELGGKNAAVVFADADLDAAIEGVLRSSFTNSGQVCLCSERVYVHRSIFDEFVS
GLKVEAERLVVGYPDQDGVNMGPLISHGHRDKVLSYYRLAVDEGATVVTGGGVPKFNDERDQGAYVQPTIWTGLSDKARC
VTEEIFGPVCHISPFDDEDEVINRVNDSNYGLACAIWTTNLSRAHRVSRQIHVGLVWVNTWYLRDLRTPFGGVKLSGLGR
EGGRFSMDFYSDIANICIKI
;
_entity_poly.pdbx_strand_id   A,B,C,D
#
# COMPACT_ATOMS: atom_id res chain seq x y z
N SER A 18 -39.29 24.57 21.14
CA SER A 18 -38.45 23.74 20.21
C SER A 18 -38.38 22.35 20.78
N GLN A 19 -38.49 21.38 19.91
CA GLN A 19 -38.54 19.96 20.33
C GLN A 19 -37.58 19.09 19.46
N LEU A 20 -36.90 18.14 20.07
CA LEU A 20 -35.97 17.25 19.34
C LEU A 20 -36.45 15.81 19.46
N LEU A 21 -36.84 15.23 18.33
CA LEU A 21 -37.33 13.86 18.24
C LEU A 21 -36.25 12.83 17.86
N ASN A 22 -36.53 11.57 18.17
CA ASN A 22 -35.77 10.49 17.64
C ASN A 22 -36.10 10.31 16.16
N TYR A 23 -35.20 9.65 15.43
CA TYR A 23 -35.43 9.38 14.02
C TYR A 23 -35.18 7.92 13.86
N ILE A 24 -36.26 7.17 13.76
CA ILE A 24 -36.21 5.73 13.69
C ILE A 24 -36.94 5.17 12.45
N ASP A 25 -36.23 4.38 11.65
CA ASP A 25 -36.83 3.73 10.48
C ASP A 25 -37.51 4.74 9.54
N GLY A 26 -36.87 5.87 9.33
CA GLY A 26 -37.41 6.84 8.42
C GLY A 26 -38.44 7.79 9.00
N ASN A 27 -38.76 7.66 10.28
CA ASN A 27 -39.74 8.58 10.93
C ASN A 27 -39.23 9.28 12.15
N PHE A 28 -39.58 10.56 12.28
CA PHE A 28 -39.37 11.28 13.56
C PHE A 28 -40.42 10.84 14.55
N VAL A 29 -40.03 10.43 15.73
CA VAL A 29 -40.98 9.93 16.70
C VAL A 29 -40.65 10.56 18.03
N THR A 30 -41.69 10.73 18.87
CA THR A 30 -41.51 11.21 20.25
C THR A 30 -41.32 10.03 21.22
N SER A 31 -41.23 10.30 22.50
CA SER A 31 -41.11 9.25 23.50
C SER A 31 -41.98 9.60 24.70
N ALA A 32 -42.03 8.69 25.68
CA ALA A 32 -42.76 8.83 26.95
C ALA A 32 -42.10 9.87 27.85
N SER A 33 -40.79 9.98 27.79
CA SER A 33 -40.04 10.83 28.68
C SER A 33 -39.27 11.88 27.85
N SER A 34 -38.99 13.03 28.46
CA SER A 34 -38.20 14.09 27.81
C SER A 34 -37.23 14.71 28.78
N PHE A 35 -36.25 15.43 28.26
CA PHE A 35 -35.34 16.20 29.08
C PHE A 35 -35.03 17.53 28.43
N ALA A 36 -34.46 18.41 29.22
CA ALA A 36 -34.17 19.76 28.77
C ALA A 36 -32.79 19.87 28.15
N ASN A 37 -32.72 20.57 27.02
CA ASN A 37 -31.50 21.11 26.46
C ASN A 37 -31.33 22.57 26.94
N ILE A 38 -30.24 22.86 27.62
CA ILE A 38 -29.98 24.16 28.24
C ILE A 38 -28.85 24.89 27.56
N ASN A 39 -29.01 26.19 27.37
CA ASN A 39 -27.99 27.03 26.76
C ASN A 39 -26.99 27.45 27.84
N PRO A 40 -25.71 27.13 27.69
CA PRO A 40 -24.75 27.37 28.77
C PRO A 40 -24.32 28.81 28.95
N VAL A 41 -24.66 29.63 27.99
CA VAL A 41 -24.41 31.05 28.07
C VAL A 41 -25.24 31.74 29.12
N ASN A 42 -26.49 31.32 29.22
CA ASN A 42 -27.44 32.03 30.07
C ASN A 42 -28.34 31.16 30.93
N GLY A 43 -28.18 29.84 30.86
CA GLY A 43 -29.06 28.92 31.56
C GLY A 43 -30.46 28.75 31.05
N LYS A 44 -30.78 29.33 29.92
CA LYS A 44 -32.14 29.27 29.41
C LYS A 44 -32.42 27.96 28.63
N LEU A 45 -33.66 27.51 28.72
CA LEU A 45 -34.16 26.37 28.00
C LEU A 45 -34.07 26.61 26.47
N ILE A 46 -33.46 25.69 25.72
CA ILE A 46 -33.48 25.81 24.24
C ILE A 46 -34.55 24.89 23.71
N SER A 47 -34.61 23.66 24.21
CA SER A 47 -35.59 22.72 23.69
C SER A 47 -35.82 21.59 24.63
N ASP A 48 -36.89 20.84 24.39
CA ASP A 48 -37.13 19.56 25.04
C ASP A 48 -36.74 18.41 24.09
N VAL A 49 -36.19 17.36 24.66
CA VAL A 49 -35.64 16.24 23.89
C VAL A 49 -36.28 15.00 24.38
N PHE A 50 -36.78 14.20 23.44
CA PHE A 50 -37.42 12.94 23.78
C PHE A 50 -36.41 11.83 23.93
N GLU A 51 -36.44 11.19 25.12
CA GLU A 51 -35.52 10.11 25.47
C GLU A 51 -36.05 8.78 24.93
N ALA A 52 -35.28 8.08 24.11
CA ALA A 52 -35.69 6.78 23.57
C ALA A 52 -35.64 5.75 24.70
N ASP A 53 -36.65 4.89 24.76
CA ASP A 53 -36.60 3.79 25.72
C ASP A 53 -36.06 2.55 25.04
N ALA A 54 -35.92 1.45 25.80
CA ALA A 54 -35.43 0.19 25.30
C ALA A 54 -36.19 -0.34 24.10
N LYS A 55 -37.49 -0.19 24.12
CA LYS A 55 -38.31 -0.61 23.02
C LYS A 55 -37.96 0.16 21.73
N GLN A 56 -37.74 1.46 21.85
CA GLN A 56 -37.40 2.25 20.68
C GLN A 56 -35.94 1.92 20.16
N VAL A 57 -35.02 1.66 21.07
CA VAL A 57 -33.68 1.26 20.68
C VAL A 57 -33.79 -0.04 19.91
N ASN A 58 -34.55 -1.00 20.43
CA ASN A 58 -34.72 -2.23 19.72
C ASN A 58 -35.28 -1.98 18.33
N GLU A 59 -36.26 -1.12 18.27
CA GLU A 59 -36.84 -0.79 16.99
C GLU A 59 -35.84 -0.16 15.98
N ALA A 60 -34.98 0.72 16.46
CA ALA A 60 -33.88 1.24 15.66
C ALA A 60 -32.92 0.16 15.17
N VAL A 61 -32.46 -0.71 16.06
CA VAL A 61 -31.50 -1.75 15.71
C VAL A 61 -32.10 -2.66 14.68
N VAL A 62 -33.36 -3.09 14.92
CA VAL A 62 -34.05 -3.98 13.96
C VAL A 62 -34.23 -3.33 12.64
N ALA A 63 -34.63 -2.06 12.65
CA ALA A 63 -34.73 -1.34 11.35
C ALA A 63 -33.37 -1.26 10.59
N ALA A 64 -32.30 -1.05 11.33
CA ALA A 64 -30.97 -0.97 10.73
C ALA A 64 -30.54 -2.36 10.20
N GLN A 65 -30.90 -3.43 10.91
CA GLN A 65 -30.61 -4.76 10.38
C GLN A 65 -31.33 -4.98 9.05
N ASN A 66 -32.59 -4.57 8.97
CA ASN A 66 -33.41 -4.81 7.82
C ASN A 66 -33.02 -3.95 6.66
N ALA A 67 -32.50 -2.77 6.95
CA ALA A 67 -32.08 -1.89 5.89
C ALA A 67 -30.84 -2.41 5.14
N LEU A 68 -30.06 -3.24 5.80
CA LEU A 68 -28.89 -3.85 5.13
C LEU A 68 -29.33 -4.74 3.96
N LYS A 69 -30.55 -5.25 4.04
CA LYS A 69 -31.14 -6.14 3.04
C LYS A 69 -32.09 -5.43 2.08
N GLY A 70 -32.22 -4.11 2.19
CA GLY A 70 -33.07 -3.33 1.31
C GLY A 70 -32.24 -2.68 0.21
N PRO A 71 -32.75 -1.60 -0.37
CA PRO A 71 -32.11 -0.81 -1.45
C PRO A 71 -30.68 -0.33 -1.08
N TRP A 72 -30.49 0.05 0.19
CA TRP A 72 -29.18 0.54 0.56
C TRP A 72 -28.11 -0.51 0.20
N GLY A 73 -28.43 -1.76 0.53
CA GLY A 73 -27.53 -2.90 0.33
C GLY A 73 -27.17 -3.20 -1.13
N LYS A 74 -27.96 -2.73 -2.08
CA LYS A 74 -27.79 -3.04 -3.50
C LYS A 74 -27.12 -1.91 -4.18
N LEU A 75 -26.90 -0.79 -3.50
CA LEU A 75 -26.21 0.29 -4.20
C LEU A 75 -24.78 -0.11 -4.54
N SER A 76 -24.31 0.29 -5.70
CA SER A 76 -22.92 0.20 -6.02
C SER A 76 -22.16 1.15 -5.10
N VAL A 77 -20.86 0.92 -4.98
CA VAL A 77 -20.02 1.79 -4.20
C VAL A 77 -20.07 3.19 -4.76
N GLN A 78 -20.09 3.36 -6.08
CA GLN A 78 -20.18 4.70 -6.66
C GLN A 78 -21.50 5.41 -6.34
N ASP A 79 -22.62 4.70 -6.39
CA ASP A 79 -23.89 5.31 -6.06
C ASP A 79 -24.00 5.63 -4.55
N ARG A 80 -23.50 4.73 -3.70
CA ARG A 80 -23.42 5.04 -2.31
C ARG A 80 -22.62 6.27 -2.06
N ALA A 81 -21.44 6.36 -2.66
CA ALA A 81 -20.63 7.55 -2.51
C ALA A 81 -21.38 8.86 -2.96
N ALA A 82 -22.11 8.81 -4.07
CA ALA A 82 -22.86 9.98 -4.55
C ALA A 82 -23.84 10.42 -3.52
N LEU A 83 -24.58 9.47 -2.94
CA LEU A 83 -25.59 9.77 -1.94
C LEU A 83 -24.96 10.40 -0.66
N ILE A 84 -23.80 9.92 -0.28
CA ILE A 84 -23.09 10.54 0.86
C ILE A 84 -22.65 12.00 0.55
N HIS A 85 -22.19 12.23 -0.69
CA HIS A 85 -21.94 13.62 -1.14
C HIS A 85 -23.23 14.52 -1.11
N LYS A 86 -24.37 13.94 -1.37
CA LYS A 86 -25.64 14.61 -1.28
C LYS A 86 -25.98 14.94 0.21
N ILE A 87 -25.64 14.04 1.13
CA ILE A 87 -25.70 14.37 2.55
C ILE A 87 -24.83 15.60 2.87
N ALA A 88 -23.57 15.59 2.48
CA ALA A 88 -22.72 16.74 2.66
C ALA A 88 -23.29 18.04 2.05
N ASP A 89 -23.85 17.93 0.86
CA ASP A 89 -24.47 19.06 0.19
C ASP A 89 -25.63 19.59 1.02
N GLY A 90 -26.44 18.69 1.55
CA GLY A 90 -27.56 19.02 2.39
C GLY A 90 -27.16 19.85 3.63
N ILE A 91 -26.02 19.51 4.25
CA ILE A 91 -25.55 20.24 5.41
C ILE A 91 -25.07 21.59 4.93
N GLN A 92 -24.29 21.61 3.85
CA GLN A 92 -23.82 22.87 3.30
C GLN A 92 -25.03 23.83 2.97
N ALA A 93 -26.12 23.27 2.51
CA ALA A 93 -27.30 24.04 2.07
C ALA A 93 -28.01 24.62 3.27
N ARG A 94 -27.72 24.09 4.45
CA ARG A 94 -28.30 24.61 5.66
C ARG A 94 -27.22 25.02 6.61
N PHE A 95 -26.09 25.47 6.07
CA PHE A 95 -24.90 25.73 6.84
C PHE A 95 -25.19 26.57 8.08
N GLU A 96 -25.82 27.72 7.87
CA GLU A 96 -26.00 28.65 9.01
C GLU A 96 -26.98 28.13 10.07
N GLU A 97 -27.94 27.31 9.68
CA GLU A 97 -28.76 26.56 10.66
C GLU A 97 -27.96 25.61 11.52
N PHE A 98 -26.97 24.92 10.93
CA PHE A 98 -26.17 24.01 11.71
C PHE A 98 -25.25 24.82 12.64
N VAL A 99 -24.73 25.93 12.14
CA VAL A 99 -23.92 26.81 12.99
C VAL A 99 -24.72 27.24 14.22
N ALA A 100 -25.94 27.67 13.99
CA ALA A 100 -26.80 28.16 15.09
C ALA A 100 -27.11 27.09 16.09
N ALA A 101 -27.41 25.88 15.62
CA ALA A 101 -27.68 24.77 16.50
C ALA A 101 -26.45 24.38 17.35
N GLU A 102 -25.26 24.35 16.75
CA GLU A 102 -24.06 23.99 17.50
C GLU A 102 -23.75 25.04 18.58
N VAL A 103 -23.84 26.31 18.20
CA VAL A 103 -23.60 27.41 19.12
C VAL A 103 -24.61 27.40 20.29
N ALA A 104 -25.87 27.17 20.01
CA ALA A 104 -26.90 27.25 21.06
C ALA A 104 -26.65 26.19 22.12
N ASP A 105 -26.37 24.95 21.70
CA ASP A 105 -26.16 23.85 22.62
C ASP A 105 -24.94 24.03 23.52
N THR A 106 -23.88 24.60 22.99
CA THR A 106 -22.57 24.48 23.57
C THR A 106 -21.92 25.81 23.99
N GLY A 107 -22.42 26.92 23.47
CA GLY A 107 -21.87 28.27 23.74
C GLY A 107 -20.56 28.53 23.02
N ARG A 108 -20.22 27.73 21.99
CA ARG A 108 -18.92 27.94 21.35
C ARG A 108 -18.96 29.20 20.50
N PRO A 109 -17.83 29.90 20.40
CA PRO A 109 -17.81 31.07 19.57
C PRO A 109 -18.27 30.79 18.13
N VAL A 110 -19.05 31.69 17.61
CA VAL A 110 -19.65 31.54 16.30
C VAL A 110 -18.56 31.32 15.24
N HIS A 111 -17.48 32.05 15.37
CA HIS A 111 -16.42 31.93 14.35
C HIS A 111 -15.78 30.50 14.31
N GLN A 112 -15.68 29.86 15.46
CA GLN A 112 -15.22 28.48 15.58
C GLN A 112 -16.21 27.52 14.99
N ALA A 113 -17.50 27.73 15.23
CA ALA A 113 -18.49 26.88 14.63
C ALA A 113 -18.46 27.00 13.08
N ARG A 114 -18.21 28.20 12.60
CA ARG A 114 -18.25 28.50 11.16
C ARG A 114 -17.03 28.01 10.46
N THR A 115 -15.91 27.95 11.14
CA THR A 115 -14.64 27.62 10.49
C THR A 115 -14.10 26.20 10.82
N LEU A 116 -14.44 25.65 11.96
CA LEU A 116 -14.01 24.30 12.32
C LEU A 116 -15.20 23.35 12.32
N ASP A 117 -16.10 23.55 13.25
CA ASP A 117 -17.11 22.55 13.54
C ASP A 117 -17.91 22.14 12.31
N ILE A 118 -18.58 23.08 11.66
CA ILE A 118 -19.48 22.66 10.61
C ILE A 118 -18.75 22.24 9.33
N PRO A 119 -17.76 23.00 8.92
CA PRO A 119 -17.04 22.55 7.72
C PRO A 119 -16.35 21.18 7.90
N ARG A 120 -15.81 20.91 9.09
CA ARG A 120 -15.29 19.57 9.37
C ARG A 120 -16.33 18.50 9.21
N ALA A 121 -17.56 18.71 9.71
CA ALA A 121 -18.58 17.71 9.55
C ALA A 121 -18.86 17.43 8.10
N ILE A 122 -18.83 18.47 7.28
CA ILE A 122 -19.11 18.28 5.85
C ILE A 122 -17.92 17.55 5.24
N ALA A 123 -16.71 17.95 5.59
CA ALA A 123 -15.49 17.31 5.07
C ALA A 123 -15.37 15.87 5.50
N ASN A 124 -15.90 15.52 6.68
CA ASN A 124 -15.92 14.11 7.10
C ASN A 124 -16.67 13.25 6.09
N PHE A 125 -17.86 13.65 5.71
CA PHE A 125 -18.67 12.91 4.77
C PHE A 125 -17.97 12.80 3.41
N ARG A 126 -17.45 13.92 2.91
CA ARG A 126 -16.80 13.96 1.62
C ARG A 126 -15.54 13.11 1.58
N THR A 127 -14.69 13.17 2.59
CA THR A 127 -13.47 12.39 2.65
C THR A 127 -13.77 10.90 2.62
N PHE A 128 -14.77 10.44 3.37
CA PHE A 128 -15.00 9.02 3.45
C PHE A 128 -15.77 8.52 2.24
N ALA A 129 -16.62 9.36 1.68
CA ALA A 129 -17.22 9.04 0.37
C ALA A 129 -16.14 8.82 -0.70
N ASP A 130 -15.19 9.71 -0.78
CA ASP A 130 -14.10 9.58 -1.73
C ASP A 130 -13.20 8.35 -1.44
N LEU A 131 -12.92 8.10 -0.17
CA LEU A 131 -12.13 6.93 0.21
C LEU A 131 -12.85 5.62 -0.16
N ALA A 132 -14.17 5.60 -0.05
CA ALA A 132 -14.96 4.45 -0.42
C ALA A 132 -14.85 4.13 -1.94
N LYS A 133 -14.65 5.17 -2.72
CA LYS A 133 -14.48 5.05 -4.16
C LYS A 133 -13.08 4.58 -4.55
N THR A 134 -12.06 5.07 -3.92
CA THR A 134 -10.75 4.77 -4.37
C THR A 134 -10.25 3.49 -3.72
N SER A 135 -10.86 3.01 -2.64
CA SER A 135 -10.19 1.97 -1.84
C SER A 135 -10.25 0.62 -2.56
N HIS A 136 -9.19 -0.17 -2.44
CA HIS A 136 -9.21 -1.54 -2.95
C HIS A 136 -8.64 -2.50 -1.95
N THR A 137 -8.60 -3.74 -2.34
CA THR A 137 -8.05 -4.79 -1.46
C THR A 137 -6.90 -5.58 -2.16
N ASP A 138 -6.56 -6.78 -1.65
CA ASP A 138 -5.31 -7.41 -1.95
C ASP A 138 -5.45 -8.75 -2.65
N LEU A 139 -4.41 -9.09 -3.40
CA LEU A 139 -4.35 -10.33 -4.13
C LEU A 139 -3.04 -10.99 -3.75
N PHE A 140 -3.11 -12.24 -3.33
CA PHE A 140 -1.97 -13.03 -2.85
C PHE A 140 -1.93 -14.28 -3.69
N GLU A 141 -0.89 -14.50 -4.47
CA GLU A 141 -0.73 -15.76 -5.19
C GLU A 141 0.09 -16.73 -4.36
N MET A 142 -0.21 -18.01 -4.48
CA MET A 142 0.63 -19.02 -3.77
C MET A 142 0.82 -20.27 -4.55
N SER A 143 1.93 -20.92 -4.25
CA SER A 143 2.24 -22.19 -4.86
C SER A 143 1.51 -23.29 -4.09
N THR A 144 1.26 -24.42 -4.73
CA THR A 144 0.72 -25.58 -3.99
C THR A 144 1.54 -26.82 -4.35
N SER A 145 1.44 -27.85 -3.50
CA SER A 145 2.09 -29.16 -3.71
C SER A 145 1.86 -29.74 -5.05
N ASP A 146 0.62 -29.65 -5.58
CA ASP A 146 0.37 -30.19 -6.91
C ASP A 146 0.88 -29.33 -8.09
N GLY A 147 1.46 -28.16 -7.84
CA GLY A 147 2.03 -27.38 -8.90
C GLY A 147 1.04 -26.45 -9.61
N SER A 148 -0.25 -26.49 -9.30
CA SER A 148 -1.22 -25.63 -10.00
C SER A 148 -1.46 -24.29 -9.29
N GLY A 149 -1.13 -24.23 -8.02
CA GLY A 149 -1.20 -22.99 -7.33
C GLY A 149 -2.62 -22.63 -6.82
N ALA A 150 -2.70 -21.49 -6.16
CA ALA A 150 -3.97 -20.94 -5.64
C ALA A 150 -3.88 -19.44 -5.59
N LEU A 151 -5.04 -18.80 -5.41
CA LEU A 151 -5.17 -17.40 -5.29
C LEU A 151 -5.96 -17.08 -4.05
N ASN A 152 -5.48 -16.14 -3.23
CA ASN A 152 -6.27 -15.58 -2.15
C ASN A 152 -6.56 -14.14 -2.46
N TYR A 153 -7.81 -13.73 -2.41
CA TYR A 153 -8.15 -12.32 -2.54
C TYR A 153 -9.03 -11.85 -1.42
N THR A 154 -8.89 -10.60 -1.07
CA THR A 154 -9.66 -10.07 -0.01
C THR A 154 -10.70 -9.13 -0.54
N VAL A 155 -11.83 -9.05 0.16
CA VAL A 155 -12.92 -8.12 -0.17
C VAL A 155 -13.32 -7.38 1.12
N ARG A 156 -13.86 -6.17 1.00
CA ARG A 156 -14.40 -5.42 2.12
C ARG A 156 -15.89 -5.48 1.99
N LYS A 157 -16.53 -5.85 3.05
CA LYS A 157 -17.98 -5.83 3.08
C LYS A 157 -18.41 -4.99 4.26
N PRO A 158 -19.68 -4.58 4.28
CA PRO A 158 -20.20 -3.91 5.49
C PRO A 158 -20.08 -4.79 6.72
N LEU A 159 -19.67 -4.25 7.84
CA LEU A 159 -19.67 -4.97 9.11
C LEU A 159 -21.07 -5.35 9.55
N GLY A 160 -22.04 -4.46 9.34
CA GLY A 160 -23.41 -4.65 9.84
C GLY A 160 -23.99 -3.35 10.42
N VAL A 161 -24.69 -3.47 11.54
CA VAL A 161 -25.18 -2.30 12.24
C VAL A 161 -24.13 -1.72 13.17
N ILE A 162 -23.75 -0.46 12.94
CA ILE A 162 -22.78 0.21 13.82
C ILE A 162 -23.48 1.07 14.83
N GLY A 163 -23.25 0.82 16.13
CA GLY A 163 -23.77 1.71 17.15
C GLY A 163 -22.73 2.79 17.40
N VAL A 164 -23.18 4.02 17.39
CA VAL A 164 -22.35 5.18 17.54
C VAL A 164 -22.78 5.96 18.79
N ILE A 165 -21.85 6.22 19.70
CA ILE A 165 -22.18 7.02 20.91
C ILE A 165 -21.16 8.09 21.01
N SER A 166 -21.58 9.33 20.93
CA SER A 166 -20.66 10.45 20.85
C SER A 166 -20.82 11.48 22.01
N PRO A 167 -19.78 12.31 22.18
CA PRO A 167 -19.67 13.25 23.33
C PRO A 167 -20.11 14.66 22.95
N TRP A 168 -20.02 15.59 23.89
CA TRP A 168 -20.62 16.88 23.68
C TRP A 168 -19.59 17.96 23.28
N ASN A 169 -18.31 17.65 23.36
CA ASN A 169 -17.31 18.71 23.17
C ASN A 169 -17.12 19.20 21.72
N LEU A 170 -17.26 18.32 20.74
CA LEU A 170 -17.27 18.75 19.33
C LEU A 170 -18.40 17.99 18.66
N PRO A 171 -19.65 18.43 18.87
CA PRO A 171 -20.80 17.59 18.62
C PRO A 171 -20.94 17.11 17.21
N LEU A 172 -21.06 18.01 16.24
CA LEU A 172 -21.30 17.50 14.92
C LEU A 172 -20.01 16.87 14.33
N LEU A 173 -18.87 17.46 14.64
CA LEU A 173 -17.59 16.99 14.11
C LEU A 173 -17.38 15.51 14.56
N LEU A 174 -17.49 15.24 15.84
CA LEU A 174 -17.24 13.87 16.34
C LEU A 174 -18.31 12.88 16.01
N PHE A 175 -19.54 13.36 15.83
CA PHE A 175 -20.65 12.51 15.46
C PHE A 175 -20.42 12.03 14.00
N THR A 176 -20.15 12.97 13.08
CA THR A 176 -19.97 12.64 11.72
C THR A 176 -18.61 11.94 11.44
N TRP A 177 -17.64 12.14 12.31
CA TRP A 177 -16.41 11.39 12.27
C TRP A 177 -16.66 9.87 12.33
N LYS A 178 -17.69 9.46 13.05
CA LYS A 178 -18.06 8.06 13.13
C LYS A 178 -19.12 7.63 12.06
N VAL A 179 -20.14 8.48 11.85
CA VAL A 179 -21.24 8.18 11.00
C VAL A 179 -20.80 8.15 9.53
N ALA A 180 -19.91 9.06 9.10
CA ALA A 180 -19.44 9.10 7.71
C ALA A 180 -18.75 7.77 7.23
N PRO A 181 -17.72 7.32 7.95
CA PRO A 181 -17.07 6.05 7.53
C PRO A 181 -17.99 4.85 7.66
N ALA A 182 -18.89 4.88 8.63
CA ALA A 182 -19.86 3.80 8.84
C ALA A 182 -20.72 3.65 7.61
N LEU A 183 -21.26 4.75 7.13
CA LEU A 183 -22.09 4.75 5.95
C LEU A 183 -21.28 4.53 4.66
N ALA A 184 -20.10 5.12 4.55
CA ALA A 184 -19.32 4.97 3.38
C ALA A 184 -18.91 3.51 3.15
N CYS A 185 -18.86 2.74 4.23
CA CYS A 185 -18.50 1.31 4.19
C CYS A 185 -19.74 0.43 3.97
N GLY A 186 -20.90 1.06 3.77
CA GLY A 186 -22.16 0.34 3.47
C GLY A 186 -22.85 -0.18 4.72
N ASN A 187 -22.40 0.25 5.90
CA ASN A 187 -23.11 -0.12 7.10
C ASN A 187 -24.43 0.66 7.28
N THR A 188 -25.21 0.23 8.23
CA THR A 188 -26.33 1.02 8.76
C THR A 188 -25.96 1.41 10.18
N VAL A 189 -26.63 2.44 10.72
CA VAL A 189 -26.21 3.11 11.93
C VAL A 189 -27.40 3.38 12.91
N VAL A 190 -27.15 3.17 14.17
CA VAL A 190 -27.96 3.68 15.24
C VAL A 190 -27.04 4.54 16.09
N ALA A 191 -27.35 5.82 16.19
CA ALA A 191 -26.46 6.78 16.75
C ALA A 191 -27.13 7.52 17.90
N LYS A 192 -26.40 7.68 18.99
CA LYS A 192 -26.91 8.31 20.17
C LYS A 192 -25.95 9.50 20.50
N PRO A 193 -26.34 10.74 20.18
CA PRO A 193 -25.53 11.87 20.54
C PRO A 193 -25.59 12.22 22.02
N SER A 194 -24.66 13.06 22.46
CA SER A 194 -24.66 13.50 23.83
C SER A 194 -25.93 14.27 24.17
N GLU A 195 -26.45 13.99 25.34
CA GLU A 195 -27.61 14.68 25.89
C GLU A 195 -27.40 16.17 26.07
N GLU A 196 -26.15 16.61 26.18
CA GLU A 196 -25.82 18.02 26.30
C GLU A 196 -25.83 18.76 24.97
N SER A 197 -25.74 18.04 23.86
CA SER A 197 -25.59 18.70 22.59
C SER A 197 -26.35 17.92 21.48
N PRO A 198 -27.67 17.80 21.61
CA PRO A 198 -28.44 16.95 20.73
C PRO A 198 -28.89 17.61 19.47
N SER A 199 -28.72 18.93 19.34
CA SER A 199 -29.37 19.62 18.24
C SER A 199 -28.86 19.34 16.83
N SER A 200 -27.55 19.43 16.64
CA SER A 200 -27.01 19.37 15.28
C SER A 200 -27.20 17.95 14.75
N ALA A 201 -27.19 16.96 15.63
CA ALA A 201 -27.46 15.59 15.24
C ALA A 201 -28.87 15.42 14.72
N THR A 202 -29.80 16.10 15.38
CA THR A 202 -31.18 16.02 14.93
C THR A 202 -31.37 16.70 13.58
N LEU A 203 -30.72 17.85 13.35
CA LEU A 203 -30.69 18.45 12.02
C LEU A 203 -30.07 17.55 10.97
N LEU A 204 -29.06 16.80 11.39
CA LEU A 204 -28.43 15.84 10.48
C LEU A 204 -29.47 14.76 10.07
N ALA A 205 -30.29 14.34 11.00
CA ALA A 205 -31.36 13.40 10.64
C ALA A 205 -32.28 13.98 9.58
N GLU A 206 -32.64 15.25 9.71
CA GLU A 206 -33.40 15.93 8.69
C GLU A 206 -32.72 15.94 7.34
N VAL A 207 -31.44 16.23 7.28
CA VAL A 207 -30.74 16.24 6.04
C VAL A 207 -30.72 14.84 5.41
N MET A 208 -30.54 13.81 6.21
CA MET A 208 -30.55 12.40 5.72
C MET A 208 -31.88 12.08 5.08
N HIS A 209 -32.95 12.39 5.82
CA HIS A 209 -34.28 12.23 5.32
C HIS A 209 -34.51 12.95 4.00
N ASP A 210 -34.11 14.20 3.90
CA ASP A 210 -34.47 14.95 2.73
C ASP A 210 -33.56 14.56 1.59
N ALA A 211 -32.41 13.97 1.88
CA ALA A 211 -31.52 13.51 0.84
C ALA A 211 -31.88 12.12 0.24
N GLY A 212 -32.91 11.49 0.77
CA GLY A 212 -33.37 10.23 0.27
C GLY A 212 -32.66 9.01 0.84
N VAL A 213 -31.92 9.18 1.93
CA VAL A 213 -31.34 8.03 2.59
C VAL A 213 -32.42 7.03 3.01
N PRO A 214 -32.33 5.81 2.51
CA PRO A 214 -33.37 4.84 2.77
C PRO A 214 -33.70 4.64 4.24
N PRO A 215 -34.96 4.34 4.54
CA PRO A 215 -35.37 4.20 5.91
C PRO A 215 -34.65 3.07 6.64
N GLY A 216 -34.22 3.36 7.87
CA GLY A 216 -33.47 2.40 8.67
C GLY A 216 -31.97 2.46 8.51
N VAL A 217 -31.50 3.20 7.52
CA VAL A 217 -30.03 3.25 7.24
C VAL A 217 -29.37 4.07 8.33
N PHE A 218 -29.97 5.24 8.62
CA PHE A 218 -29.51 6.11 9.66
C PHE A 218 -30.62 6.31 10.72
N ASN A 219 -30.37 5.92 11.94
CA ASN A 219 -31.34 6.13 13.02
C ASN A 219 -30.71 6.90 14.21
N LEU A 220 -31.48 7.81 14.77
CA LEU A 220 -31.03 8.73 15.80
C LEU A 220 -31.86 8.53 17.03
N ILE A 221 -31.22 8.17 18.13
CA ILE A 221 -31.89 7.95 19.40
C ILE A 221 -31.32 8.91 20.43
N HIS A 222 -32.18 9.60 21.16
CA HIS A 222 -31.72 10.49 22.21
C HIS A 222 -31.73 9.90 23.58
N GLY A 223 -30.86 10.41 24.45
CA GLY A 223 -30.88 10.02 25.82
C GLY A 223 -29.57 10.12 26.54
N PHE A 224 -29.54 9.44 27.68
CA PHE A 224 -28.36 9.43 28.56
C PHE A 224 -27.57 8.14 28.38
N GLY A 225 -26.69 7.90 29.33
CA GLY A 225 -25.85 6.70 29.35
C GLY A 225 -26.45 5.52 30.12
N LYS A 226 -26.04 5.42 31.37
CA LYS A 226 -26.58 4.43 32.30
C LYS A 226 -28.10 4.42 32.30
N ASP A 227 -28.67 3.23 32.17
CA ASP A 227 -30.09 3.05 32.28
C ASP A 227 -30.83 3.89 31.29
N SER A 228 -30.21 4.17 30.13
CA SER A 228 -30.88 4.93 29.12
C SER A 228 -30.39 4.45 27.74
N ALA A 229 -30.75 5.21 26.73
CA ALA A 229 -30.50 4.90 25.32
C ALA A 229 -29.08 4.34 25.05
N GLY A 230 -28.08 5.00 25.64
CA GLY A 230 -26.72 4.59 25.43
C GLY A 230 -26.47 3.20 25.91
N GLU A 231 -26.87 2.95 27.16
CA GLU A 231 -26.72 1.61 27.70
C GLU A 231 -27.46 0.56 26.87
N PHE A 232 -28.71 0.84 26.51
CA PHE A 232 -29.50 -0.08 25.77
C PHE A 232 -28.89 -0.38 24.43
N LEU A 233 -28.27 0.63 23.82
CA LEU A 233 -27.61 0.42 22.56
C LEU A 233 -26.50 -0.57 22.75
N THR A 234 -25.71 -0.40 23.79
CA THR A 234 -24.51 -1.21 23.91
C THR A 234 -24.83 -2.60 24.23
N GLN A 235 -26.01 -2.82 24.85
CA GLN A 235 -26.45 -4.16 25.25
C GLN A 235 -27.18 -4.95 24.15
N HIS A 236 -27.55 -4.26 23.08
CA HIS A 236 -28.37 -4.89 22.06
C HIS A 236 -27.55 -5.90 21.23
N PRO A 237 -28.00 -7.14 21.18
CA PRO A 237 -27.32 -8.22 20.43
C PRO A 237 -27.30 -8.00 18.94
N GLY A 238 -28.11 -7.09 18.46
CA GLY A 238 -28.23 -6.84 17.05
C GLY A 238 -27.15 -6.01 16.40
N ILE A 239 -26.34 -5.30 17.18
CA ILE A 239 -25.30 -4.48 16.61
C ILE A 239 -24.10 -5.37 16.26
N SER A 240 -23.29 -4.90 15.33
CA SER A 240 -21.98 -5.59 14.99
C SER A 240 -20.76 -4.93 15.56
N ALA A 241 -20.90 -3.66 15.95
CA ALA A 241 -19.80 -2.88 16.48
C ALA A 241 -20.31 -1.71 17.29
N LEU A 242 -19.44 -1.20 18.16
CA LEU A 242 -19.74 -0.02 18.97
C LEU A 242 -18.54 0.89 18.86
N THR A 243 -18.74 2.04 18.24
CA THR A 243 -17.73 3.06 18.26
C THR A 243 -18.09 4.22 19.14
N PHE A 244 -17.12 4.71 19.88
CA PHE A 244 -17.35 5.54 21.04
C PHE A 244 -16.26 6.56 21.21
N THR A 245 -16.64 7.77 21.62
CA THR A 245 -15.69 8.79 22.05
C THR A 245 -16.21 9.36 23.36
N GLY A 246 -15.32 9.52 24.34
CA GLY A 246 -15.75 9.98 25.67
C GLY A 246 -14.72 9.63 26.75
N GLU A 247 -15.19 9.57 27.98
CA GLU A 247 -14.34 9.34 29.13
C GLU A 247 -13.85 7.92 29.18
N SER A 248 -12.61 7.71 29.66
CA SER A 248 -12.01 6.38 29.76
C SER A 248 -12.88 5.38 30.51
N LYS A 249 -13.39 5.79 31.65
CA LYS A 249 -14.23 4.92 32.49
C LYS A 249 -15.44 4.42 31.74
N THR A 250 -16.07 5.29 30.96
CA THR A 250 -17.21 4.90 30.18
C THR A 250 -16.82 3.86 29.09
N GLY A 251 -15.70 4.11 28.45
CA GLY A 251 -15.08 3.10 27.57
C GLY A 251 -14.99 1.73 28.21
N SER A 252 -14.41 1.66 29.39
CA SER A 252 -14.33 0.37 30.15
C SER A 252 -15.69 -0.28 30.39
N THR A 253 -16.67 0.54 30.72
CA THR A 253 -18.03 0.06 30.97
C THR A 253 -18.62 -0.53 29.69
N ILE A 254 -18.48 0.17 28.58
CA ILE A 254 -19.01 -0.30 27.26
C ILE A 254 -18.27 -1.57 26.85
N MET A 255 -16.97 -1.63 27.08
CA MET A 255 -16.20 -2.80 26.68
C MET A 255 -16.77 -4.03 27.41
N LYS A 256 -17.18 -3.87 28.67
CA LYS A 256 -17.79 -5.02 29.43
C LYS A 256 -19.17 -5.35 28.91
N ALA A 257 -19.92 -4.32 28.52
CA ALA A 257 -21.24 -4.48 28.00
C ALA A 257 -21.35 -5.28 26.71
N VAL A 258 -20.37 -5.15 25.80
CA VAL A 258 -20.45 -5.83 24.52
C VAL A 258 -19.68 -7.16 24.51
N ALA A 259 -19.06 -7.46 25.63
CA ALA A 259 -18.13 -8.59 25.70
C ALA A 259 -18.81 -9.92 25.40
N ASP A 260 -20.04 -10.11 25.88
CA ASP A 260 -20.75 -11.39 25.61
C ASP A 260 -21.09 -11.58 24.14
N GLY A 261 -21.23 -10.48 23.38
CA GLY A 261 -21.39 -10.54 21.94
C GLY A 261 -20.07 -10.54 21.16
N VAL A 262 -18.94 -10.42 21.83
CA VAL A 262 -17.67 -10.14 21.18
C VAL A 262 -17.80 -9.08 20.04
N LYS A 263 -18.42 -7.94 20.33
CA LYS A 263 -18.62 -6.91 19.28
C LYS A 263 -17.30 -6.17 19.04
N GLU A 264 -17.05 -5.78 17.79
CA GLU A 264 -15.90 -4.97 17.47
C GLU A 264 -16.05 -3.61 18.20
N VAL A 265 -14.93 -3.05 18.66
CA VAL A 265 -14.92 -1.84 19.45
C VAL A 265 -13.82 -0.91 18.96
N SER A 266 -14.11 0.37 19.00
CA SER A 266 -13.16 1.45 18.67
C SER A 266 -13.41 2.60 19.60
N PHE A 267 -12.42 2.94 20.42
CA PHE A 267 -12.58 3.96 21.46
C PHE A 267 -11.54 5.05 21.34
N GLU A 268 -11.99 6.28 21.45
CA GLU A 268 -11.13 7.45 21.58
C GLU A 268 -11.52 8.05 22.92
N LEU A 269 -10.59 7.98 23.87
CA LEU A 269 -10.93 8.22 25.27
C LEU A 269 -10.19 9.42 25.85
N GLY A 270 -9.93 9.46 27.13
CA GLY A 270 -9.34 10.72 27.62
C GLY A 270 -7.88 10.97 27.32
N GLY A 271 -7.41 12.08 27.83
CA GLY A 271 -6.01 12.30 27.91
C GLY A 271 -5.69 13.28 29.00
N LYS A 272 -4.42 13.33 29.37
CA LYS A 272 -3.87 14.45 30.15
C LYS A 272 -2.67 14.87 29.40
N ASN A 273 -2.88 15.63 28.32
CA ASN A 273 -1.83 15.93 27.37
C ASN A 273 -0.83 17.00 27.85
N ALA A 274 0.41 16.78 27.48
CA ALA A 274 1.48 17.70 27.70
C ALA A 274 1.82 18.55 26.47
N ALA A 275 2.28 19.77 26.74
CA ALA A 275 3.07 20.58 25.78
C ALA A 275 4.46 20.78 26.31
N VAL A 276 5.50 20.65 25.48
CA VAL A 276 6.89 20.81 25.91
C VAL A 276 7.49 21.96 25.13
N VAL A 277 8.00 22.96 25.84
CA VAL A 277 8.72 24.10 25.21
C VAL A 277 10.23 24.04 25.49
N PHE A 278 11.02 23.75 24.50
CA PHE A 278 12.44 23.69 24.62
C PHE A 278 13.09 25.08 24.54
N ALA A 279 14.31 25.20 25.05
CA ALA A 279 14.99 26.50 25.14
C ALA A 279 15.15 27.14 23.74
N ASP A 280 15.32 26.31 22.69
CA ASP A 280 15.45 26.82 21.33
C ASP A 280 14.12 27.12 20.63
N ALA A 281 13.02 27.06 21.35
CA ALA A 281 11.71 27.38 20.75
C ALA A 281 11.61 28.84 20.28
N ASP A 282 10.81 29.08 19.26
CA ASP A 282 10.40 30.44 18.99
C ASP A 282 9.46 30.79 20.10
N LEU A 283 9.90 31.67 21.03
CA LEU A 283 9.16 31.85 22.30
C LEU A 283 7.76 32.44 22.19
N ASP A 284 7.61 33.49 21.41
CA ASP A 284 6.32 34.09 21.20
C ASP A 284 5.38 33.16 20.53
N ALA A 285 5.86 32.41 19.54
CA ALA A 285 5.01 31.39 18.89
C ALA A 285 4.60 30.28 19.87
N ALA A 286 5.51 29.84 20.73
CA ALA A 286 5.17 28.82 21.74
C ALA A 286 4.12 29.32 22.72
N ILE A 287 4.26 30.57 23.17
CA ILE A 287 3.27 31.21 24.06
C ILE A 287 1.90 31.21 23.41
N GLU A 288 1.86 31.64 22.16
CA GLU A 288 0.62 31.66 21.41
C GLU A 288 0.05 30.25 21.17
N GLY A 289 0.92 29.29 20.86
CA GLY A 289 0.44 27.93 20.63
C GLY A 289 -0.07 27.26 21.89
N VAL A 290 0.57 27.51 23.03
CA VAL A 290 0.15 26.88 24.28
C VAL A 290 -1.16 27.57 24.76
N LEU A 291 -1.28 28.86 24.48
CA LEU A 291 -2.51 29.58 24.70
C LEU A 291 -3.63 28.90 23.94
N ARG A 292 -3.42 28.60 22.68
CA ARG A 292 -4.46 27.94 21.93
C ARG A 292 -4.67 26.53 22.41
N SER A 293 -3.61 25.79 22.66
CA SER A 293 -3.76 24.34 23.05
C SER A 293 -4.37 24.19 24.44
N SER A 294 -4.28 25.22 25.28
CA SER A 294 -4.89 25.12 26.63
C SER A 294 -6.29 25.63 26.72
N PHE A 295 -6.60 26.67 25.95
CA PHE A 295 -7.83 27.38 26.16
C PHE A 295 -8.84 27.33 24.98
N THR A 296 -8.50 26.71 23.86
CA THR A 296 -9.48 26.52 22.77
C THR A 296 -10.67 25.73 23.26
N ASN A 297 -11.85 26.16 22.86
CA ASN A 297 -13.10 25.57 23.26
C ASN A 297 -13.18 25.54 24.78
N SER A 298 -12.61 26.55 25.42
CA SER A 298 -12.57 26.66 26.88
C SER A 298 -11.97 25.41 27.55
N GLY A 299 -10.93 24.86 26.89
CA GLY A 299 -10.20 23.74 27.42
C GLY A 299 -10.91 22.46 27.27
N GLN A 300 -12.05 22.48 26.56
CA GLN A 300 -12.90 21.29 26.50
C GLN A 300 -12.69 20.48 25.19
N VAL A 301 -11.44 20.25 24.86
CA VAL A 301 -11.10 19.34 23.78
C VAL A 301 -10.26 18.25 24.42
N CYS A 302 -10.44 16.99 24.02
CA CYS A 302 -9.64 15.91 24.56
C CYS A 302 -8.15 16.11 24.25
N LEU A 303 -7.85 16.83 23.17
CA LEU A 303 -6.49 17.20 22.74
C LEU A 303 -5.84 18.37 23.47
N CYS A 304 -6.59 19.09 24.33
CA CYS A 304 -6.00 20.26 25.00
C CYS A 304 -4.84 19.90 25.90
N SER A 305 -3.90 20.82 26.04
CA SER A 305 -2.76 20.66 26.92
C SER A 305 -3.12 21.11 28.34
N GLU A 306 -3.08 20.20 29.31
CA GLU A 306 -3.31 20.62 30.66
C GLU A 306 -2.02 20.58 31.51
N ARG A 307 -0.95 19.99 30.96
CA ARG A 307 0.35 20.00 31.59
C ARG A 307 1.35 20.61 30.61
N VAL A 308 2.13 21.59 31.06
CA VAL A 308 3.14 22.22 30.24
C VAL A 308 4.50 22.17 30.88
N TYR A 309 5.52 21.80 30.13
CA TYR A 309 6.90 21.72 30.63
C TYR A 309 7.75 22.66 29.78
N VAL A 310 8.49 23.56 30.44
CA VAL A 310 9.21 24.62 29.85
C VAL A 310 10.62 24.59 30.32
N HIS A 311 11.58 24.73 29.42
CA HIS A 311 12.96 24.65 29.87
C HIS A 311 13.25 25.75 30.93
N ARG A 312 13.98 25.39 31.96
CA ARG A 312 14.19 26.31 33.11
C ARG A 312 14.74 27.66 32.68
N SER A 313 15.59 27.70 31.67
CA SER A 313 16.17 28.95 31.25
C SER A 313 15.16 29.96 30.68
N ILE A 314 14.00 29.51 30.22
CA ILE A 314 13.00 30.42 29.63
C ILE A 314 11.69 30.35 30.38
N PHE A 315 11.69 29.61 31.50
CA PHE A 315 10.48 29.35 32.27
C PHE A 315 9.80 30.60 32.71
N ASP A 316 10.54 31.50 33.37
CA ASP A 316 9.92 32.70 33.95
C ASP A 316 9.30 33.60 32.90
N GLU A 317 10.08 33.82 31.86
CA GLU A 317 9.64 34.61 30.70
C GLU A 317 8.45 33.95 30.03
N PHE A 318 8.42 32.60 29.98
CA PHE A 318 7.28 31.94 29.35
C PHE A 318 6.01 32.15 30.15
N VAL A 319 6.11 31.98 31.46
CA VAL A 319 4.98 32.07 32.34
C VAL A 319 4.42 33.48 32.36
N SER A 320 5.32 34.44 32.35
CA SER A 320 4.96 35.84 32.37
C SER A 320 4.19 36.17 31.12
N GLY A 321 4.78 35.81 29.96
CA GLY A 321 4.19 36.04 28.64
C GLY A 321 2.83 35.37 28.49
N LEU A 322 2.68 34.14 29.03
CA LEU A 322 1.40 33.43 28.90
C LEU A 322 0.35 34.10 29.77
N LYS A 323 0.72 34.54 30.95
CA LYS A 323 -0.20 35.31 31.78
C LYS A 323 -0.81 36.53 31.09
N VAL A 324 0.02 37.29 30.42
CA VAL A 324 -0.44 38.50 29.72
C VAL A 324 -1.41 38.15 28.57
N GLU A 325 -1.06 37.15 27.76
CA GLU A 325 -1.98 36.66 26.71
C GLU A 325 -3.28 36.08 27.25
N ALA A 326 -3.20 35.31 28.34
CA ALA A 326 -4.40 34.67 28.88
C ALA A 326 -5.34 35.76 29.46
N GLU A 327 -4.76 36.82 30.04
CA GLU A 327 -5.62 37.90 30.57
C GLU A 327 -6.21 38.82 29.49
N ARG A 328 -5.71 38.77 28.24
CA ARG A 328 -6.35 39.49 27.13
C ARG A 328 -7.44 38.67 26.43
N LEU A 329 -7.58 37.39 26.80
CA LEU A 329 -8.64 36.59 26.22
C LEU A 329 -9.96 37.25 26.57
N VAL A 330 -10.85 37.33 25.61
CA VAL A 330 -12.20 37.74 25.80
C VAL A 330 -13.11 36.54 26.04
N VAL A 331 -13.78 36.54 27.19
CA VAL A 331 -14.68 35.48 27.59
C VAL A 331 -16.09 36.06 27.55
N GLY A 332 -16.99 35.47 26.77
CA GLY A 332 -18.32 36.02 26.63
C GLY A 332 -19.26 35.39 25.65
N TYR A 333 -20.08 36.22 25.01
CA TYR A 333 -21.08 35.72 24.08
C TYR A 333 -20.49 35.08 22.80
N PRO A 334 -21.16 34.06 22.25
CA PRO A 334 -20.61 33.41 21.04
C PRO A 334 -20.43 34.39 19.87
N ASP A 335 -21.30 35.39 19.73
CA ASP A 335 -21.08 36.41 18.68
C ASP A 335 -20.53 37.78 19.15
N GLN A 336 -19.90 37.82 20.31
CA GLN A 336 -19.32 39.05 20.83
C GLN A 336 -18.04 39.37 20.08
N ASP A 337 -17.77 40.66 19.94
CA ASP A 337 -16.80 41.10 18.98
C ASP A 337 -15.56 40.26 18.87
N GLY A 338 -14.66 40.35 19.82
CA GLY A 338 -13.40 39.57 19.62
C GLY A 338 -13.37 38.33 20.54
N VAL A 339 -14.48 37.60 20.66
CA VAL A 339 -14.58 36.57 21.70
C VAL A 339 -13.63 35.41 21.41
N ASN A 340 -12.99 34.93 22.42
CA ASN A 340 -12.08 33.80 22.35
C ASN A 340 -12.68 32.59 23.09
N MET A 341 -13.37 32.82 24.19
CA MET A 341 -13.90 31.69 24.97
C MET A 341 -15.34 31.88 25.27
N GLY A 342 -16.10 30.82 25.07
CA GLY A 342 -17.47 30.75 25.62
C GLY A 342 -17.49 30.05 27.00
N PRO A 343 -18.67 29.68 27.45
CA PRO A 343 -18.78 29.03 28.75
C PRO A 343 -18.41 27.55 28.67
N LEU A 344 -18.42 26.87 29.80
CA LEU A 344 -18.37 25.42 29.85
C LEU A 344 -19.73 24.89 29.42
N ILE A 345 -19.76 23.62 29.04
CA ILE A 345 -20.97 22.99 28.48
C ILE A 345 -22.21 23.08 29.36
N SER A 346 -22.03 23.18 30.67
CA SER A 346 -23.11 23.01 31.63
C SER A 346 -22.69 23.34 33.04
N HIS A 347 -23.69 23.57 33.88
CA HIS A 347 -23.46 23.97 35.30
C HIS A 347 -22.84 22.81 36.05
N GLY A 348 -23.25 21.59 35.71
CA GLY A 348 -22.68 20.39 36.37
C GLY A 348 -21.21 20.23 35.96
N HIS A 349 -20.88 20.44 34.70
CA HIS A 349 -19.46 20.42 34.31
C HIS A 349 -18.66 21.53 34.99
N ARG A 350 -19.24 22.70 35.12
CA ARG A 350 -18.54 23.79 35.80
C ARG A 350 -18.32 23.47 37.27
N ASP A 351 -19.31 22.85 37.92
CA ASP A 351 -19.09 22.34 39.29
C ASP A 351 -17.82 21.50 39.42
N LYS A 352 -17.67 20.51 38.54
CA LYS A 352 -16.49 19.67 38.51
C LYS A 352 -15.20 20.44 38.30
N VAL A 353 -15.21 21.39 37.39
CA VAL A 353 -14.00 22.17 37.10
C VAL A 353 -13.56 23.08 38.29
N LEU A 354 -14.53 23.75 38.90
CA LEU A 354 -14.28 24.59 40.05
C LEU A 354 -13.78 23.79 41.27
N SER A 355 -14.27 22.57 41.38
CA SER A 355 -13.85 21.61 42.35
C SER A 355 -12.36 21.31 42.15
N TYR A 356 -11.95 21.13 40.89
CA TYR A 356 -10.53 21.01 40.61
C TYR A 356 -9.77 22.32 40.85
N TYR A 357 -10.39 23.47 40.58
CA TYR A 357 -9.74 24.73 40.90
C TYR A 357 -9.37 24.86 42.41
N ARG A 358 -10.28 24.42 43.25
CA ARG A 358 -10.06 24.44 44.71
C ARG A 358 -9.02 23.41 45.11
N LEU A 359 -9.06 22.25 44.45
CA LEU A 359 -8.10 21.20 44.73
C LEU A 359 -6.70 21.68 44.47
N ALA A 360 -6.48 22.43 43.40
CA ALA A 360 -5.13 22.87 43.07
C ALA A 360 -4.59 23.78 44.19
N VAL A 361 -5.45 24.64 44.69
CA VAL A 361 -5.06 25.57 45.73
C VAL A 361 -4.69 24.75 46.96
N ASP A 362 -5.47 23.72 47.24
CA ASP A 362 -5.23 22.80 48.37
C ASP A 362 -3.98 21.99 48.23
N GLU A 363 -3.62 21.60 47.01
CA GLU A 363 -2.35 20.92 46.76
C GLU A 363 -1.14 21.86 46.72
N GLY A 364 -1.34 23.16 46.89
CA GLY A 364 -0.25 24.09 47.00
C GLY A 364 0.09 24.85 45.73
N ALA A 365 -0.87 24.90 44.80
CA ALA A 365 -0.61 25.65 43.53
C ALA A 365 -0.54 27.10 43.75
N THR A 366 0.35 27.78 43.02
CA THR A 366 0.27 29.22 42.81
C THR A 366 -0.66 29.47 41.64
N VAL A 367 -1.67 30.30 41.87
CA VAL A 367 -2.59 30.69 40.83
C VAL A 367 -2.02 31.88 40.11
N VAL A 368 -1.43 31.63 38.95
CA VAL A 368 -0.80 32.70 38.18
C VAL A 368 -1.86 33.65 37.58
N THR A 369 -2.98 33.11 37.16
CA THR A 369 -4.09 33.92 36.67
C THR A 369 -5.31 33.04 36.71
N GLY A 370 -6.49 33.67 36.75
CA GLY A 370 -7.74 32.97 36.74
C GLY A 370 -8.05 32.34 38.05
N GLY A 371 -8.65 31.15 38.01
CA GLY A 371 -8.88 30.38 39.21
C GLY A 371 -10.28 30.59 39.75
N GLY A 372 -11.14 31.32 39.01
CA GLY A 372 -12.56 31.57 39.44
C GLY A 372 -13.53 31.73 38.26
N VAL A 373 -14.63 32.43 38.53
CA VAL A 373 -15.62 32.73 37.52
C VAL A 373 -15.69 34.24 37.24
N PRO A 374 -15.81 34.67 35.96
CA PRO A 374 -15.91 36.11 35.68
C PRO A 374 -17.25 36.69 36.14
N LYS A 375 -17.28 37.98 36.46
CA LYS A 375 -18.53 38.63 36.94
C LYS A 375 -18.97 39.49 35.77
N PHE A 376 -20.11 39.18 35.17
CA PHE A 376 -20.54 39.86 33.95
C PHE A 376 -21.59 40.95 34.22
N ASN A 377 -22.31 40.82 35.34
CA ASN A 377 -23.50 41.66 35.66
C ASN A 377 -24.54 41.65 34.55
N ASP A 378 -24.74 40.53 33.90
CA ASP A 378 -25.84 40.35 32.98
C ASP A 378 -26.24 38.91 32.97
N GLU A 379 -27.02 38.50 32.00
CA GLU A 379 -27.48 37.12 31.90
C GLU A 379 -26.38 36.07 31.88
N ARG A 380 -25.17 36.46 31.48
CA ARG A 380 -24.08 35.49 31.47
C ARG A 380 -23.80 34.96 32.87
N ASP A 381 -24.20 35.71 33.92
CA ASP A 381 -23.98 35.23 35.29
C ASP A 381 -24.85 34.03 35.58
N GLN A 382 -25.90 33.80 34.79
CA GLN A 382 -26.72 32.60 34.89
C GLN A 382 -26.21 31.42 34.04
N GLY A 383 -25.11 31.64 33.36
CA GLY A 383 -24.49 30.66 32.47
C GLY A 383 -23.44 29.81 33.20
N ALA A 384 -22.60 29.12 32.45
CA ALA A 384 -21.59 28.24 33.03
C ALA A 384 -20.18 28.64 32.69
N TYR A 385 -19.85 29.92 32.87
CA TYR A 385 -18.50 30.39 32.61
C TYR A 385 -17.51 30.18 33.76
N VAL A 386 -16.26 29.97 33.36
CA VAL A 386 -15.12 30.04 34.24
C VAL A 386 -14.01 30.81 33.54
N GLN A 387 -13.04 31.26 34.33
CA GLN A 387 -11.87 31.92 33.83
C GLN A 387 -10.77 30.97 33.33
N PRO A 388 -10.06 31.39 32.30
CA PRO A 388 -8.84 30.70 31.92
C PRO A 388 -7.84 30.78 33.07
N THR A 389 -7.23 29.64 33.39
CA THR A 389 -6.45 29.51 34.59
C THR A 389 -5.08 28.85 34.31
N ILE A 390 -4.07 29.40 34.96
CA ILE A 390 -2.72 28.88 34.87
C ILE A 390 -2.22 28.62 36.31
N TRP A 391 -1.66 27.43 36.55
CA TRP A 391 -1.04 27.07 37.81
C TRP A 391 0.43 26.85 37.67
N THR A 392 1.13 27.07 38.78
CA THR A 392 2.51 26.74 38.90
C THR A 392 2.76 26.13 40.33
N GLY A 393 3.85 25.42 40.51
CA GLY A 393 4.29 24.95 41.80
C GLY A 393 3.84 23.59 42.25
N LEU A 394 3.11 22.85 41.43
CA LEU A 394 2.68 21.52 41.83
C LEU A 394 3.69 20.46 41.44
N SER A 395 3.68 19.36 42.20
CA SER A 395 4.58 18.26 41.90
C SER A 395 3.92 17.40 40.79
N ASP A 396 4.75 16.62 40.11
CA ASP A 396 4.28 15.70 39.10
C ASP A 396 3.24 14.70 39.59
N LYS A 397 3.12 14.52 40.88
CA LYS A 397 2.19 13.56 41.45
C LYS A 397 0.89 14.21 41.92
N ALA A 398 0.80 15.51 41.86
CA ALA A 398 -0.44 16.16 42.26
C ALA A 398 -1.60 15.66 41.43
N ARG A 399 -2.77 15.56 42.04
CA ARG A 399 -3.96 15.13 41.36
C ARG A 399 -4.31 16.06 40.20
N CYS A 400 -4.04 17.35 40.39
CA CYS A 400 -4.39 18.34 39.34
C CYS A 400 -3.49 18.27 38.11
N VAL A 401 -2.37 17.58 38.23
CA VAL A 401 -1.43 17.42 37.18
C VAL A 401 -1.58 16.01 36.55
N THR A 402 -2.42 15.14 37.11
CA THR A 402 -2.54 13.77 36.64
C THR A 402 -3.96 13.38 36.18
N GLU A 403 -4.98 14.02 36.70
CA GLU A 403 -6.33 13.72 36.33
C GLU A 403 -6.83 14.75 35.31
N GLU A 404 -7.62 14.27 34.38
CA GLU A 404 -8.18 15.08 33.32
C GLU A 404 -9.21 16.04 33.89
N ILE A 405 -8.99 17.34 33.69
CA ILE A 405 -9.94 18.34 34.24
C ILE A 405 -10.97 18.75 33.19
N PHE A 406 -10.55 18.87 31.92
CA PHE A 406 -11.47 19.18 30.82
C PHE A 406 -12.05 20.62 30.99
N GLY A 407 -11.18 21.55 31.36
CA GLY A 407 -11.52 22.95 31.48
C GLY A 407 -10.36 23.77 30.98
N PRO A 408 -10.47 25.11 31.07
CA PRO A 408 -9.46 25.99 30.50
C PRO A 408 -8.31 26.25 31.45
N VAL A 409 -7.42 25.26 31.57
CA VAL A 409 -6.39 25.28 32.60
C VAL A 409 -5.13 24.58 32.16
N CYS A 410 -4.00 25.10 32.58
CA CYS A 410 -2.78 24.36 32.45
C CYS A 410 -1.89 24.65 33.65
N HIS A 411 -1.11 23.62 34.01
CA HIS A 411 -0.03 23.73 34.97
C HIS A 411 1.27 23.80 34.20
N ILE A 412 2.16 24.69 34.59
CA ILE A 412 3.44 24.86 33.96
C ILE A 412 4.59 24.51 34.91
N SER A 413 5.51 23.64 34.47
CA SER A 413 6.58 23.20 35.33
C SER A 413 7.87 23.30 34.59
N PRO A 414 8.98 23.65 35.28
CA PRO A 414 10.27 23.72 34.56
C PRO A 414 10.91 22.37 34.35
N PHE A 415 11.80 22.26 33.38
CA PHE A 415 12.64 21.09 33.25
C PHE A 415 14.01 21.49 32.84
N ASP A 416 14.94 20.57 32.93
CA ASP A 416 16.33 20.80 32.64
C ASP A 416 16.88 19.97 31.45
N ASP A 417 16.51 18.68 31.36
CA ASP A 417 17.14 17.76 30.40
C ASP A 417 16.07 17.11 29.51
N GLU A 418 16.45 16.78 28.31
CA GLU A 418 15.52 16.23 27.28
C GLU A 418 15.03 14.90 27.73
N ASP A 419 15.94 14.04 28.22
CA ASP A 419 15.53 12.71 28.57
C ASP A 419 14.65 12.77 29.74
N GLU A 420 14.99 13.61 30.73
CA GLU A 420 14.08 13.85 31.84
C GLU A 420 12.62 14.26 31.45
N VAL A 421 12.47 15.23 30.54
CA VAL A 421 11.12 15.71 30.24
C VAL A 421 10.33 14.66 29.45
N ILE A 422 11.03 13.91 28.62
CA ILE A 422 10.41 12.77 27.88
C ILE A 422 9.84 11.79 28.91
N ASN A 423 10.59 11.44 29.98
CA ASN A 423 10.08 10.54 31.00
C ASN A 423 8.90 11.12 31.75
N ARG A 424 8.96 12.42 32.00
CA ARG A 424 7.82 13.08 32.69
C ARG A 424 6.51 13.18 31.85
N VAL A 425 6.64 13.42 30.57
CA VAL A 425 5.48 13.42 29.67
C VAL A 425 4.90 12.00 29.66
N ASN A 426 5.75 11.00 29.56
CA ASN A 426 5.32 9.57 29.44
C ASN A 426 4.86 8.96 30.74
N ASP A 427 5.03 9.66 31.85
CA ASP A 427 4.62 9.10 33.14
C ASP A 427 3.19 9.41 33.41
N SER A 428 2.35 8.65 32.77
CA SER A 428 0.92 8.92 32.76
C SER A 428 0.24 7.63 32.38
N ASN A 429 -0.97 7.46 32.82
CA ASN A 429 -1.78 6.35 32.44
C ASN A 429 -2.51 6.62 31.11
N TYR A 430 -2.51 7.88 30.67
CA TYR A 430 -2.99 8.30 29.35
C TYR A 430 -1.87 8.47 28.32
N GLY A 431 -2.26 8.62 27.07
CA GLY A 431 -1.35 8.81 26.03
C GLY A 431 -2.05 9.17 24.73
N LEU A 432 -2.68 10.34 24.72
CA LEU A 432 -3.42 10.76 23.55
C LEU A 432 -2.59 11.62 22.65
N ALA A 433 -2.19 12.82 23.11
CA ALA A 433 -1.46 13.75 22.22
C ALA A 433 -0.40 14.51 22.97
N CYS A 434 0.53 15.07 22.23
CA CYS A 434 1.58 15.94 22.79
C CYS A 434 1.96 16.98 21.74
N ALA A 435 2.29 18.20 22.17
CA ALA A 435 2.84 19.26 21.34
C ALA A 435 4.20 19.65 21.81
N ILE A 436 5.14 19.76 20.91
CA ILE A 436 6.52 20.08 21.23
C ILE A 436 6.86 21.34 20.46
N TRP A 437 7.57 22.25 21.12
CA TRP A 437 8.08 23.48 20.49
C TRP A 437 9.59 23.53 20.47
N THR A 438 10.17 23.53 19.25
CA THR A 438 11.60 23.61 19.04
C THR A 438 11.86 24.04 17.64
N THR A 439 12.99 24.69 17.41
CA THR A 439 13.36 25.09 16.04
C THR A 439 14.46 24.19 15.47
N ASN A 440 14.86 23.17 16.22
CA ASN A 440 16.00 22.32 15.89
C ASN A 440 15.55 21.04 15.18
N LEU A 441 16.07 20.81 13.99
CA LEU A 441 15.69 19.66 13.14
C LEU A 441 15.78 18.29 13.86
N SER A 442 16.96 17.97 14.37
CA SER A 442 17.21 16.69 15.11
C SER A 442 16.29 16.53 16.29
N ARG A 443 16.17 17.57 17.10
CA ARG A 443 15.36 17.43 18.28
C ARG A 443 13.91 17.08 17.95
N ALA A 444 13.33 17.76 16.95
CA ALA A 444 11.91 17.53 16.59
C ALA A 444 11.69 16.05 16.34
N HIS A 445 12.53 15.44 15.51
CA HIS A 445 12.30 14.07 15.12
C HIS A 445 12.75 13.09 16.20
N ARG A 446 13.85 13.43 16.88
CA ARG A 446 14.34 12.55 18.00
C ARG A 446 13.38 12.49 19.13
N VAL A 447 12.85 13.63 19.53
CA VAL A 447 12.01 13.65 20.70
C VAL A 447 10.63 13.14 20.38
N SER A 448 10.07 13.57 19.24
CA SER A 448 8.70 13.18 18.84
C SER A 448 8.51 11.67 18.92
N ARG A 449 9.47 10.92 18.37
CA ARG A 449 9.33 9.49 18.27
C ARG A 449 9.37 8.80 19.61
N GLN A 450 9.90 9.51 20.63
CA GLN A 450 9.91 8.95 21.98
C GLN A 450 8.70 9.19 22.85
N ILE A 451 7.77 10.05 22.41
CA ILE A 451 6.60 10.36 23.22
C ILE A 451 5.55 9.30 23.08
N HIS A 452 5.11 8.73 24.19
CA HIS A 452 4.13 7.60 24.19
C HIS A 452 2.70 8.06 24.02
N VAL A 453 2.38 8.54 22.84
CA VAL A 453 1.08 9.05 22.53
C VAL A 453 0.72 8.66 21.08
N GLY A 454 -0.53 8.81 20.74
CA GLY A 454 -0.95 8.59 19.33
C GLY A 454 -0.64 9.71 18.36
N LEU A 455 -0.52 10.94 18.86
CA LEU A 455 -0.41 12.12 18.04
C LEU A 455 0.54 13.10 18.64
N VAL A 456 1.60 13.44 17.91
CA VAL A 456 2.53 14.50 18.29
C VAL A 456 2.46 15.64 17.26
N TRP A 457 2.31 16.90 17.71
CA TRP A 457 2.52 18.07 16.88
C TRP A 457 3.80 18.79 17.27
N VAL A 458 4.55 19.21 16.26
CA VAL A 458 5.72 20.02 16.44
C VAL A 458 5.47 21.43 15.89
N ASN A 459 5.56 22.40 16.79
CA ASN A 459 5.39 23.79 16.47
C ASN A 459 3.98 24.13 15.99
N THR A 460 2.99 23.36 16.44
CA THR A 460 1.64 23.64 16.15
C THR A 460 0.80 22.81 17.11
N TRP A 461 -0.49 22.84 16.92
CA TRP A 461 -1.40 22.04 17.72
C TRP A 461 -2.71 21.82 16.96
N TYR A 462 -3.26 20.63 17.09
CA TYR A 462 -4.51 20.31 16.46
C TYR A 462 -4.59 20.70 14.96
N LEU A 463 -3.54 20.40 14.23
CA LEU A 463 -3.55 20.49 12.77
C LEU A 463 -3.95 19.11 12.23
N ARG A 464 -5.05 19.00 11.48
CA ARG A 464 -5.62 17.70 11.10
C ARG A 464 -5.60 17.41 9.59
N ASP A 465 -5.12 16.24 9.25
CA ASP A 465 -5.23 15.72 7.86
C ASP A 465 -6.03 14.45 8.05
N LEU A 466 -7.17 14.40 7.40
CA LEU A 466 -8.15 13.36 7.68
C LEU A 466 -7.73 11.99 7.22
N ARG A 467 -6.66 11.92 6.40
CA ARG A 467 -6.12 10.64 5.99
C ARG A 467 -5.30 9.94 7.08
N THR A 468 -4.84 10.64 8.12
CA THR A 468 -3.90 10.06 9.07
C THR A 468 -4.58 9.21 10.09
N PRO A 469 -3.82 8.28 10.67
CA PRO A 469 -4.33 7.48 11.75
C PRO A 469 -4.49 8.31 12.99
N PHE A 470 -5.61 8.15 13.68
CA PHE A 470 -5.93 8.98 14.84
C PHE A 470 -6.36 8.10 16.00
N GLY A 471 -5.74 8.30 17.15
CA GLY A 471 -6.09 7.43 18.28
C GLY A 471 -5.08 7.62 19.36
N GLY A 472 -5.28 6.99 20.52
CA GLY A 472 -4.36 7.14 21.61
C GLY A 472 -3.88 5.81 22.09
N VAL A 473 -2.96 5.85 23.04
CA VAL A 473 -2.51 4.62 23.61
C VAL A 473 -2.84 4.60 25.08
N LYS A 474 -2.54 3.47 25.71
CA LYS A 474 -2.86 3.25 27.14
C LYS A 474 -4.33 3.54 27.36
N LEU A 475 -4.67 4.32 28.38
CA LEU A 475 -6.08 4.57 28.69
C LEU A 475 -6.78 5.46 27.71
N SER A 476 -6.05 6.02 26.72
CA SER A 476 -6.63 7.01 25.83
C SER A 476 -7.33 6.43 24.61
N GLY A 477 -7.29 5.10 24.47
CA GLY A 477 -7.80 4.52 23.24
C GLY A 477 -7.70 3.02 23.12
N LEU A 478 -8.45 2.54 22.16
CA LEU A 478 -8.38 1.19 21.73
C LEU A 478 -8.66 1.31 20.21
N GLY A 479 -7.70 0.83 19.42
CA GLY A 479 -7.73 0.96 17.96
C GLY A 479 -7.35 2.30 17.41
N ARG A 480 -7.47 2.42 16.08
CA ARG A 480 -7.17 3.63 15.40
C ARG A 480 -8.24 3.83 14.33
N GLU A 481 -8.58 5.09 14.08
CA GLU A 481 -9.48 5.49 13.02
C GLU A 481 -8.74 6.50 12.17
N GLY A 482 -9.31 6.81 11.01
CA GLY A 482 -8.73 7.72 10.07
C GLY A 482 -8.20 6.96 8.86
N GLY A 483 -8.44 7.49 7.68
CA GLY A 483 -8.00 6.85 6.44
C GLY A 483 -8.34 5.39 6.35
N ARG A 484 -7.37 4.57 6.00
CA ARG A 484 -7.63 3.16 5.81
C ARG A 484 -7.96 2.43 7.09
N PHE A 485 -7.54 2.97 8.24
CA PHE A 485 -7.92 2.38 9.50
C PHE A 485 -9.43 2.41 9.71
N SER A 486 -10.07 3.50 9.32
CA SER A 486 -11.53 3.58 9.43
C SER A 486 -12.14 2.59 8.41
N MET A 487 -11.59 2.52 7.22
CA MET A 487 -12.14 1.66 6.16
C MET A 487 -12.01 0.19 6.60
N ASP A 488 -10.97 -0.12 7.37
CA ASP A 488 -10.81 -1.48 7.86
C ASP A 488 -11.73 -1.67 9.08
N PHE A 489 -11.76 -0.71 10.02
CA PHE A 489 -12.65 -0.90 11.15
C PHE A 489 -14.12 -1.09 10.80
N TYR A 490 -14.63 -0.28 9.90
CA TYR A 490 -16.07 -0.31 9.56
C TYR A 490 -16.44 -1.34 8.48
N SER A 491 -15.51 -2.20 8.13
CA SER A 491 -15.75 -3.23 7.13
C SER A 491 -15.47 -4.61 7.66
N ASP A 492 -16.19 -5.60 7.19
CA ASP A 492 -15.75 -6.98 7.30
C ASP A 492 -14.66 -7.21 6.24
N ILE A 493 -13.48 -7.58 6.66
CA ILE A 493 -12.44 -8.02 5.72
C ILE A 493 -12.54 -9.53 5.55
N ALA A 494 -12.89 -9.98 4.35
CA ALA A 494 -12.97 -11.43 4.13
C ALA A 494 -11.92 -11.91 3.12
N ASN A 495 -11.41 -13.11 3.36
CA ASN A 495 -10.38 -13.72 2.53
C ASN A 495 -11.00 -14.90 1.80
N ILE A 496 -10.85 -14.93 0.49
CA ILE A 496 -11.47 -15.94 -0.36
C ILE A 496 -10.29 -16.60 -1.07
N CYS A 497 -10.14 -17.89 -0.85
CA CYS A 497 -9.03 -18.69 -1.40
C CYS A 497 -9.53 -19.65 -2.46
N ILE A 498 -9.07 -19.49 -3.70
CA ILE A 498 -9.40 -20.35 -4.85
C ILE A 498 -8.28 -21.30 -5.17
N LYS A 499 -8.52 -22.58 -4.98
CA LYS A 499 -7.56 -23.60 -5.42
C LYS A 499 -7.69 -23.71 -6.96
N ILE A 500 -6.62 -23.54 -7.71
CA ILE A 500 -6.70 -23.61 -9.15
C ILE A 500 -6.44 -25.06 -9.69
N SER B 18 8.58 -32.91 39.09
CA SER B 18 9.38 -31.79 38.49
C SER B 18 9.92 -32.07 37.09
N GLN B 19 9.30 -31.48 36.05
CA GLN B 19 9.75 -31.73 34.67
C GLN B 19 9.61 -30.46 33.80
N LEU B 20 8.49 -29.76 33.83
CA LEU B 20 8.32 -28.51 33.01
C LEU B 20 8.25 -27.25 33.86
N LEU B 21 9.27 -26.42 33.71
CA LEU B 21 9.38 -25.20 34.46
C LEU B 21 8.89 -23.96 33.71
N ASN B 22 8.51 -22.95 34.47
CA ASN B 22 8.30 -21.60 33.93
C ASN B 22 9.62 -20.97 33.51
N TYR B 23 9.56 -19.95 32.65
CA TYR B 23 10.76 -19.23 32.25
C TYR B 23 10.47 -17.80 32.49
N ILE B 24 11.12 -17.22 33.52
CA ILE B 24 10.87 -15.85 33.90
C ILE B 24 12.17 -15.05 34.09
N ASP B 25 12.25 -13.88 33.44
CA ASP B 25 13.45 -13.07 33.41
C ASP B 25 14.71 -13.88 33.18
N GLY B 26 14.68 -14.74 32.18
CA GLY B 26 15.86 -15.45 31.77
C GLY B 26 16.32 -16.65 32.62
N ASN B 27 15.48 -17.07 33.56
CA ASN B 27 15.70 -18.26 34.39
C ASN B 27 14.54 -19.24 34.37
N PHE B 28 14.86 -20.52 34.25
CA PHE B 28 13.85 -21.54 34.55
C PHE B 28 13.57 -21.62 36.03
N VAL B 29 12.31 -21.56 36.46
CA VAL B 29 11.97 -21.57 37.84
C VAL B 29 10.81 -22.52 38.06
N THR B 30 10.82 -23.17 39.24
CA THR B 30 9.74 -24.07 39.67
C THR B 30 8.78 -23.18 40.36
N SER B 31 7.69 -23.75 40.89
CA SER B 31 6.66 -23.02 41.56
C SER B 31 6.21 -23.80 42.80
N ALA B 32 5.26 -23.25 43.56
CA ALA B 32 4.68 -23.90 44.74
C ALA B 32 3.85 -25.15 44.50
N SER B 33 3.13 -25.22 43.37
CA SER B 33 2.45 -26.47 43.01
C SER B 33 2.64 -26.91 41.53
N SER B 34 2.40 -28.20 41.28
CA SER B 34 2.49 -28.75 39.95
C SER B 34 1.22 -29.46 39.55
N PHE B 35 1.08 -29.70 38.25
CA PHE B 35 -0.07 -30.47 37.79
C PHE B 35 0.43 -31.42 36.74
N ALA B 36 -0.36 -32.45 36.52
CA ALA B 36 0.07 -33.55 35.68
C ALA B 36 -0.25 -33.26 34.22
N ASN B 37 0.69 -33.56 33.36
CA ASN B 37 0.49 -33.55 31.92
C ASN B 37 0.35 -35.00 31.46
N ILE B 38 -0.79 -35.36 30.91
CA ILE B 38 -1.17 -36.74 30.59
C ILE B 38 -1.22 -37.00 29.09
N ASN B 39 -0.63 -38.12 28.69
CA ASN B 39 -0.63 -38.60 27.32
C ASN B 39 -1.98 -39.18 26.91
N PRO B 40 -2.62 -38.56 25.93
CA PRO B 40 -3.98 -38.93 25.60
C PRO B 40 -4.02 -40.27 24.84
N VAL B 41 -2.88 -40.75 24.38
CA VAL B 41 -2.83 -42.06 23.74
C VAL B 41 -3.09 -43.23 24.72
N ASN B 42 -2.63 -43.09 25.96
CA ASN B 42 -2.71 -44.23 26.91
C ASN B 42 -2.99 -43.80 28.32
N GLY B 43 -3.25 -42.50 28.55
CA GLY B 43 -3.52 -41.99 29.91
C GLY B 43 -2.31 -41.97 30.82
N LYS B 44 -1.10 -42.19 30.30
CA LYS B 44 0.07 -42.18 31.18
C LYS B 44 0.61 -40.77 31.49
N LEU B 45 1.22 -40.64 32.66
CA LEU B 45 1.85 -39.43 33.08
C LEU B 45 3.08 -39.14 32.25
N ILE B 46 3.13 -37.96 31.62
CA ILE B 46 4.25 -37.58 30.81
C ILE B 46 5.18 -36.72 31.66
N SER B 47 4.63 -35.80 32.42
CA SER B 47 5.46 -34.90 33.20
C SER B 47 4.61 -34.15 34.19
N ASP B 48 5.28 -33.52 35.13
CA ASP B 48 4.66 -32.64 36.07
C ASP B 48 5.00 -31.20 35.61
N VAL B 49 4.03 -30.30 35.72
CA VAL B 49 4.20 -28.94 35.20
C VAL B 49 4.01 -27.97 36.36
N PHE B 50 4.97 -27.10 36.55
CA PHE B 50 4.84 -26.09 37.63
C PHE B 50 3.96 -24.91 37.31
N GLU B 51 2.93 -24.73 38.12
CA GLU B 51 1.91 -23.77 37.90
C GLU B 51 2.31 -22.40 38.45
N ALA B 52 2.46 -21.41 37.56
CA ALA B 52 2.82 -20.07 37.96
C ALA B 52 1.74 -19.52 38.89
N ASP B 53 2.16 -18.91 40.00
CA ASP B 53 1.21 -18.19 40.83
C ASP B 53 1.17 -16.68 40.47
N ALA B 54 0.30 -15.94 41.13
CA ALA B 54 0.14 -14.55 40.87
C ALA B 54 1.44 -13.75 41.00
N LYS B 55 2.28 -14.09 41.96
CA LYS B 55 3.51 -13.37 42.19
C LYS B 55 4.48 -13.59 41.06
N GLN B 56 4.53 -14.82 40.59
CA GLN B 56 5.35 -15.16 39.44
C GLN B 56 4.83 -14.50 38.16
N VAL B 57 3.53 -14.35 38.04
CA VAL B 57 2.93 -13.66 36.86
C VAL B 57 3.30 -12.20 36.92
N ASN B 58 3.25 -11.61 38.11
CA ASN B 58 3.78 -10.25 38.30
C ASN B 58 5.21 -10.12 38.00
N GLU B 59 6.01 -11.06 38.45
CA GLU B 59 7.42 -10.99 38.14
C GLU B 59 7.73 -11.00 36.63
N ALA B 60 7.00 -11.84 35.90
CA ALA B 60 7.18 -11.98 34.47
C ALA B 60 6.77 -10.69 33.78
N VAL B 61 5.63 -10.14 34.14
CA VAL B 61 5.16 -8.93 33.49
C VAL B 61 6.18 -7.80 33.74
N VAL B 62 6.62 -7.68 35.01
CA VAL B 62 7.63 -6.63 35.35
C VAL B 62 8.92 -6.81 34.65
N ALA B 63 9.35 -8.07 34.53
CA ALA B 63 10.57 -8.35 33.78
C ALA B 63 10.41 -7.95 32.28
N ALA B 64 9.26 -8.24 31.74
CA ALA B 64 8.95 -7.92 30.32
C ALA B 64 8.93 -6.40 30.18
N GLN B 65 8.31 -5.70 31.14
CA GLN B 65 8.38 -4.23 31.13
C GLN B 65 9.77 -3.73 31.11
N ASN B 66 10.58 -4.23 32.01
CA ASN B 66 11.95 -3.75 32.04
C ASN B 66 12.76 -4.11 30.86
N ALA B 67 12.52 -5.28 30.24
CA ALA B 67 13.35 -5.67 29.11
C ALA B 67 13.16 -4.70 27.91
N LEU B 68 12.04 -4.01 27.89
CA LEU B 68 11.78 -3.03 26.80
C LEU B 68 12.77 -1.88 26.89
N LYS B 69 13.31 -1.63 28.08
CA LYS B 69 14.33 -0.57 28.28
C LYS B 69 15.77 -1.05 28.19
N GLY B 70 15.99 -2.35 28.06
CA GLY B 70 17.33 -2.89 27.96
C GLY B 70 17.79 -3.05 26.53
N PRO B 71 18.78 -3.90 26.33
CA PRO B 71 19.39 -4.11 25.01
C PRO B 71 18.39 -4.51 23.92
N TRP B 72 17.32 -5.23 24.29
CA TRP B 72 16.31 -5.60 23.30
C TRP B 72 15.71 -4.35 22.68
N GLY B 73 15.43 -3.31 23.47
CA GLY B 73 14.85 -2.08 22.98
C GLY B 73 15.76 -1.31 22.06
N LYS B 74 17.07 -1.55 22.14
CA LYS B 74 18.09 -0.85 21.33
C LYS B 74 18.45 -1.53 20.03
N LEU B 75 17.96 -2.74 19.78
CA LEU B 75 18.33 -3.42 18.57
C LEU B 75 17.69 -2.71 17.38
N SER B 76 18.42 -2.63 16.31
CA SER B 76 17.83 -2.23 15.04
C SER B 76 16.80 -3.27 14.60
N VAL B 77 15.96 -2.88 13.63
CA VAL B 77 15.01 -3.80 13.09
C VAL B 77 15.74 -4.94 12.40
N GLN B 78 16.85 -4.68 11.72
CA GLN B 78 17.62 -5.73 11.03
C GLN B 78 18.26 -6.71 12.05
N ASP B 79 18.72 -6.18 13.16
CA ASP B 79 19.34 -6.99 14.20
C ASP B 79 18.27 -7.82 14.96
N ARG B 80 17.13 -7.21 15.28
CA ARG B 80 15.97 -7.96 15.81
C ARG B 80 15.52 -9.10 14.90
N ALA B 81 15.40 -8.82 13.61
CA ALA B 81 15.02 -9.82 12.61
C ALA B 81 16.01 -10.98 12.58
N ALA B 82 17.32 -10.65 12.61
CA ALA B 82 18.37 -11.64 12.65
C ALA B 82 18.26 -12.56 13.87
N LEU B 83 18.00 -11.99 15.05
CA LEU B 83 17.82 -12.76 16.22
C LEU B 83 16.57 -13.69 16.15
N ILE B 84 15.50 -13.20 15.57
CA ILE B 84 14.32 -14.02 15.37
C ILE B 84 14.62 -15.17 14.41
N HIS B 85 15.43 -14.95 13.39
CA HIS B 85 15.84 -16.04 12.50
C HIS B 85 16.70 -17.04 13.25
N LYS B 86 17.54 -16.61 14.18
CA LYS B 86 18.25 -17.53 15.11
C LYS B 86 17.30 -18.36 16.01
N ILE B 87 16.19 -17.79 16.45
CA ILE B 87 15.18 -18.60 17.13
C ILE B 87 14.67 -19.67 16.18
N ALA B 88 14.25 -19.30 14.97
CA ALA B 88 13.87 -20.29 14.01
C ALA B 88 14.90 -21.38 13.85
N ASP B 89 16.14 -20.99 13.67
CA ASP B 89 17.20 -21.95 13.38
C ASP B 89 17.37 -22.87 14.60
N GLY B 90 17.10 -22.37 15.79
CA GLY B 90 17.25 -23.11 17.00
C GLY B 90 16.20 -24.21 17.12
N ILE B 91 15.00 -23.92 16.62
CA ILE B 91 13.93 -24.90 16.58
C ILE B 91 14.35 -25.98 15.59
N GLN B 92 14.73 -25.54 14.39
CA GLN B 92 15.17 -26.43 13.34
C GLN B 92 16.29 -27.38 13.81
N ALA B 93 17.25 -26.87 14.58
CA ALA B 93 18.39 -27.63 15.13
C ALA B 93 17.88 -28.73 16.07
N ARG B 94 16.70 -28.56 16.65
CA ARG B 94 16.17 -29.52 17.60
C ARG B 94 14.87 -30.06 17.06
N PHE B 95 14.79 -30.17 15.74
CA PHE B 95 13.50 -30.47 15.10
C PHE B 95 12.76 -31.71 15.65
N GLU B 96 13.49 -32.81 15.79
CA GLU B 96 12.86 -34.08 16.25
C GLU B 96 12.46 -34.07 17.72
N GLU B 97 13.18 -33.31 18.56
CA GLU B 97 12.69 -33.09 19.91
C GLU B 97 11.38 -32.38 19.94
N PHE B 98 11.20 -31.36 19.08
CA PHE B 98 9.92 -30.64 19.08
C PHE B 98 8.81 -31.54 18.57
N VAL B 99 9.11 -32.34 17.56
CA VAL B 99 8.14 -33.33 17.04
C VAL B 99 7.71 -34.26 18.20
N ALA B 100 8.65 -34.78 18.97
CA ALA B 100 8.31 -35.75 20.06
C ALA B 100 7.53 -35.11 21.14
N ALA B 101 7.89 -33.88 21.49
CA ALA B 101 7.10 -33.14 22.46
C ALA B 101 5.66 -32.87 22.03
N GLU B 102 5.46 -32.43 20.80
CA GLU B 102 4.11 -32.18 20.35
C GLU B 102 3.28 -33.47 20.32
N VAL B 103 3.87 -34.53 19.82
CA VAL B 103 3.23 -35.81 19.73
C VAL B 103 2.85 -36.33 21.12
N ALA B 104 3.79 -36.27 22.06
CA ALA B 104 3.54 -36.77 23.40
C ALA B 104 2.31 -36.07 24.03
N ASP B 105 2.24 -34.75 23.92
CA ASP B 105 1.15 -33.98 24.57
C ASP B 105 -0.19 -34.20 23.94
N THR B 106 -0.21 -34.41 22.63
CA THR B 106 -1.43 -34.38 21.88
C THR B 106 -1.84 -35.67 21.20
N GLY B 107 -0.90 -36.58 20.97
CA GLY B 107 -1.21 -37.87 20.31
C GLY B 107 -1.34 -37.72 18.79
N ARG B 108 -0.87 -36.60 18.23
CA ARG B 108 -0.90 -36.34 16.81
C ARG B 108 -0.09 -37.37 16.12
N PRO B 109 -0.54 -37.82 14.97
CA PRO B 109 0.28 -38.70 14.14
C PRO B 109 1.65 -38.06 13.86
N VAL B 110 2.72 -38.83 13.93
CA VAL B 110 4.05 -38.28 13.87
C VAL B 110 4.28 -37.60 12.53
N HIS B 111 3.73 -38.16 11.45
CA HIS B 111 3.94 -37.60 10.10
C HIS B 111 3.36 -36.20 9.97
N GLN B 112 2.27 -35.97 10.66
CA GLN B 112 1.63 -34.66 10.65
C GLN B 112 2.38 -33.64 11.49
N ALA B 113 2.93 -34.06 12.63
CA ALA B 113 3.71 -33.13 13.43
C ALA B 113 4.97 -32.76 12.68
N ARG B 114 5.52 -33.73 11.96
CA ARG B 114 6.71 -33.53 11.11
C ARG B 114 6.53 -32.62 9.92
N THR B 115 5.36 -32.64 9.32
CA THR B 115 5.20 -31.93 8.06
C THR B 115 4.35 -30.70 8.27
N LEU B 116 3.51 -30.69 9.28
CA LEU B 116 2.63 -29.54 9.45
C LEU B 116 2.95 -28.73 10.69
N ASP B 117 2.87 -29.34 11.87
CA ASP B 117 3.02 -28.54 13.09
C ASP B 117 4.33 -27.83 13.27
N ILE B 118 5.43 -28.58 13.20
CA ILE B 118 6.71 -27.97 13.54
C ILE B 118 7.23 -27.02 12.46
N PRO B 119 7.15 -27.42 11.21
CA PRO B 119 7.59 -26.55 10.12
C PRO B 119 6.80 -25.22 10.10
N ARG B 120 5.51 -25.27 10.37
CA ARG B 120 4.74 -24.05 10.43
C ARG B 120 5.19 -23.16 11.55
N ALA B 121 5.58 -23.73 12.69
CA ALA B 121 6.03 -22.93 13.79
C ALA B 121 7.29 -22.16 13.43
N ILE B 122 8.18 -22.84 12.72
CA ILE B 122 9.41 -22.20 12.22
C ILE B 122 9.07 -21.13 11.16
N ALA B 123 8.15 -21.44 10.27
CA ALA B 123 7.72 -20.52 9.23
C ALA B 123 7.11 -19.22 9.83
N ASN B 124 6.39 -19.35 10.92
CA ASN B 124 5.82 -18.22 11.62
C ASN B 124 6.97 -17.24 11.97
N PHE B 125 8.05 -17.73 12.60
CA PHE B 125 9.14 -16.84 12.96
C PHE B 125 9.82 -16.20 11.76
N ARG B 126 10.08 -16.97 10.72
CA ARG B 126 10.74 -16.45 9.49
C ARG B 126 9.90 -15.41 8.77
N THR B 127 8.60 -15.64 8.70
CA THR B 127 7.71 -14.71 7.99
C THR B 127 7.61 -13.41 8.69
N PHE B 128 7.41 -13.42 10.00
CA PHE B 128 7.26 -12.15 10.69
C PHE B 128 8.59 -11.42 10.88
N ALA B 129 9.66 -12.15 11.00
CA ALA B 129 11.00 -11.52 10.92
C ALA B 129 11.21 -10.78 9.64
N ASP B 130 10.84 -11.37 8.51
CA ASP B 130 10.99 -10.76 7.20
C ASP B 130 10.03 -9.54 7.03
N LEU B 131 8.79 -9.66 7.52
CA LEU B 131 7.83 -8.55 7.44
C LEU B 131 8.32 -7.36 8.23
N ALA B 132 9.02 -7.63 9.30
CA ALA B 132 9.57 -6.58 10.10
C ALA B 132 10.60 -5.72 9.38
N LYS B 133 11.40 -6.34 8.52
CA LYS B 133 12.43 -5.65 7.77
C LYS B 133 11.83 -4.90 6.59
N THR B 134 10.79 -5.40 5.99
CA THR B 134 10.24 -4.78 4.82
C THR B 134 9.18 -3.71 5.14
N SER B 135 8.52 -3.80 6.28
CA SER B 135 7.37 -2.96 6.51
C SER B 135 7.75 -1.47 6.60
N HIS B 136 6.94 -0.60 6.05
CA HIS B 136 7.21 0.87 6.21
C HIS B 136 5.91 1.54 6.56
N THR B 137 5.95 2.85 6.70
CA THR B 137 4.77 3.58 7.10
C THR B 137 4.52 4.72 6.07
N ASP B 138 3.78 5.73 6.46
CA ASP B 138 3.14 6.64 5.57
C ASP B 138 3.59 8.08 5.74
N LEU B 139 3.55 8.82 4.63
CA LEU B 139 3.86 10.25 4.62
C LEU B 139 2.69 10.96 3.94
N PHE B 140 2.16 11.93 4.63
CA PHE B 140 1.08 12.78 4.18
C PHE B 140 1.54 14.26 4.20
N GLU B 141 1.45 14.94 3.07
CA GLU B 141 1.71 16.38 2.99
C GLU B 141 0.43 17.17 3.01
N MET B 142 0.45 18.30 3.66
CA MET B 142 -0.81 19.10 3.68
C MET B 142 -0.51 20.57 3.54
N SER B 143 -1.50 21.32 3.05
CA SER B 143 -1.43 22.76 2.98
C SER B 143 -1.86 23.37 4.29
N THR B 144 -1.35 24.56 4.58
CA THR B 144 -1.78 25.31 5.75
C THR B 144 -2.11 26.75 5.35
N SER B 145 -2.85 27.43 6.24
CA SER B 145 -3.27 28.85 6.09
C SER B 145 -2.14 29.75 5.68
N ASP B 146 -1.02 29.63 6.37
CA ASP B 146 0.15 30.50 6.10
C ASP B 146 0.95 30.19 4.85
N GLY B 147 0.56 29.13 4.11
CA GLY B 147 1.21 28.79 2.85
C GLY B 147 2.50 28.03 2.96
N SER B 148 2.88 27.64 4.17
CA SER B 148 4.17 26.93 4.35
C SER B 148 4.04 25.41 4.38
N GLY B 149 2.85 24.94 4.67
CA GLY B 149 2.56 23.52 4.70
C GLY B 149 2.90 22.82 6.01
N ALA B 150 2.61 21.53 6.05
CA ALA B 150 2.98 20.73 7.21
C ALA B 150 3.19 19.35 6.64
N LEU B 151 3.79 18.48 7.43
CA LEU B 151 4.04 17.10 7.04
C LEU B 151 3.51 16.25 8.13
N ASN B 152 2.74 15.19 7.83
CA ASN B 152 2.44 14.20 8.83
C ASN B 152 3.11 12.94 8.41
N TYR B 153 3.79 12.28 9.33
CA TYR B 153 4.31 10.95 9.12
C TYR B 153 4.00 9.98 10.24
N THR B 154 3.88 8.69 9.92
CA THR B 154 3.59 7.69 10.89
C THR B 154 4.83 6.84 11.15
N VAL B 155 4.87 6.25 12.33
CA VAL B 155 5.90 5.28 12.69
C VAL B 155 5.28 4.12 13.45
N ARG B 156 5.87 2.92 13.37
CA ARG B 156 5.39 1.76 14.15
C ARG B 156 6.38 1.67 15.29
N LYS B 157 5.86 1.51 16.47
CA LYS B 157 6.68 1.23 17.64
C LYS B 157 6.09 0.03 18.35
N PRO B 158 6.88 -0.58 19.22
CA PRO B 158 6.31 -1.65 20.07
C PRO B 158 5.12 -1.15 20.85
N LEU B 159 4.06 -1.92 20.95
CA LEU B 159 2.96 -1.66 21.78
C LEU B 159 3.41 -1.71 23.25
N GLY B 160 4.25 -2.67 23.62
CA GLY B 160 4.63 -2.89 25.04
C GLY B 160 4.82 -4.37 25.36
N VAL B 161 4.23 -4.79 26.49
CA VAL B 161 4.20 -6.15 26.90
C VAL B 161 2.94 -6.85 26.31
N ILE B 162 3.13 -7.93 25.56
CA ILE B 162 2.03 -8.64 25.01
C ILE B 162 1.76 -9.88 25.84
N GLY B 163 0.56 -10.02 26.33
CA GLY B 163 0.15 -11.23 26.98
C GLY B 163 -0.47 -12.16 25.96
N VAL B 164 -0.01 -13.41 25.94
CA VAL B 164 -0.37 -14.40 24.93
C VAL B 164 -0.97 -15.58 25.67
N ILE B 165 -2.20 -15.93 25.34
CA ILE B 165 -2.86 -17.10 25.94
C ILE B 165 -3.33 -18.03 24.80
N SER B 166 -2.83 -19.25 24.79
CA SER B 166 -3.03 -20.10 23.61
C SER B 166 -3.69 -21.46 23.91
N PRO B 167 -4.25 -22.09 22.87
CA PRO B 167 -5.02 -23.32 23.09
C PRO B 167 -4.19 -24.59 22.83
N TRP B 168 -4.79 -25.75 23.07
CA TRP B 168 -4.09 -27.02 23.00
C TRP B 168 -4.15 -27.73 21.67
N ASN B 169 -4.89 -27.21 20.73
CA ASN B 169 -5.16 -27.98 19.52
C ASN B 169 -4.02 -28.00 18.47
N LEU B 170 -3.35 -26.89 18.32
CA LEU B 170 -2.14 -26.85 17.45
C LEU B 170 -1.09 -26.09 18.26
N PRO B 171 -0.52 -26.78 19.26
CA PRO B 171 0.12 -26.03 20.38
C PRO B 171 1.25 -25.13 19.93
N LEU B 172 2.29 -25.68 19.29
CA LEU B 172 3.40 -24.85 18.93
C LEU B 172 3.01 -23.88 17.77
N LEU B 173 2.21 -24.36 16.84
CA LEU B 173 1.76 -23.58 15.71
C LEU B 173 1.02 -22.28 16.16
N LEU B 174 0.04 -22.41 17.02
CA LEU B 174 -0.75 -21.25 17.44
C LEU B 174 -0.04 -20.37 18.45
N PHE B 175 0.83 -20.98 19.25
CA PHE B 175 1.61 -20.24 20.21
C PHE B 175 2.59 -19.31 19.45
N THR B 176 3.34 -19.84 18.51
CA THR B 176 4.26 -19.06 17.72
C THR B 176 3.59 -18.07 16.71
N TRP B 177 2.37 -18.34 16.35
CA TRP B 177 1.60 -17.45 15.50
C TRP B 177 1.38 -16.10 16.18
N LYS B 178 1.38 -16.10 17.52
CA LYS B 178 1.28 -14.89 18.33
C LYS B 178 2.62 -14.37 18.79
N VAL B 179 3.51 -15.28 19.23
CA VAL B 179 4.80 -14.88 19.72
C VAL B 179 5.73 -14.30 18.63
N ALA B 180 5.70 -14.83 17.42
CA ALA B 180 6.57 -14.39 16.36
C ALA B 180 6.29 -12.90 15.96
N PRO B 181 5.03 -12.54 15.69
CA PRO B 181 4.78 -11.13 15.32
C PRO B 181 4.95 -10.19 16.53
N ALA B 182 4.65 -10.69 17.73
CA ALA B 182 4.93 -9.93 18.96
C ALA B 182 6.35 -9.54 19.07
N LEU B 183 7.26 -10.48 18.96
CA LEU B 183 8.69 -10.19 19.00
C LEU B 183 9.19 -9.42 17.78
N ALA B 184 8.66 -9.72 16.60
CA ALA B 184 9.11 -9.08 15.39
C ALA B 184 8.84 -7.59 15.42
N CYS B 185 7.74 -7.20 16.05
CA CYS B 185 7.40 -5.79 16.28
C CYS B 185 8.10 -5.10 17.47
N GLY B 186 9.03 -5.79 18.15
CA GLY B 186 9.83 -5.17 19.18
C GLY B 186 9.24 -5.28 20.58
N ASN B 187 8.10 -5.94 20.73
CA ASN B 187 7.49 -6.12 22.01
C ASN B 187 8.23 -7.13 22.88
N THR B 188 7.85 -7.18 24.13
CA THR B 188 8.20 -8.29 25.03
C THR B 188 6.97 -9.09 25.30
N VAL B 189 7.14 -10.34 25.77
CA VAL B 189 6.03 -11.25 25.89
C VAL B 189 5.94 -11.98 27.21
N VAL B 190 4.69 -12.19 27.67
CA VAL B 190 4.41 -13.15 28.72
C VAL B 190 3.36 -14.07 28.15
N ALA B 191 3.73 -15.36 27.98
CA ALA B 191 2.88 -16.30 27.29
C ALA B 191 2.53 -17.49 28.18
N LYS B 192 1.28 -17.83 28.17
CA LYS B 192 0.68 -18.90 28.92
C LYS B 192 0.12 -19.96 27.97
N PRO B 193 0.89 -21.03 27.69
CA PRO B 193 0.33 -22.11 26.91
C PRO B 193 -0.79 -22.88 27.59
N SER B 194 -1.55 -23.65 26.83
CA SER B 194 -2.61 -24.45 27.39
C SER B 194 -2.06 -25.50 28.40
N GLU B 195 -2.76 -25.70 29.50
CA GLU B 195 -2.37 -26.74 30.48
C GLU B 195 -2.31 -28.16 29.88
N GLU B 196 -3.01 -28.39 28.76
CA GLU B 196 -3.06 -29.72 28.12
C GLU B 196 -1.83 -29.97 27.29
N SER B 197 -1.20 -28.91 26.77
CA SER B 197 -0.06 -29.09 25.86
C SER B 197 1.10 -28.13 26.16
N PRO B 198 1.79 -28.34 27.30
CA PRO B 198 2.84 -27.40 27.74
C PRO B 198 4.21 -27.69 27.21
N SER B 199 4.45 -28.84 26.61
CA SER B 199 5.85 -29.23 26.39
C SER B 199 6.60 -28.47 25.29
N SER B 200 5.96 -28.30 24.12
CA SER B 200 6.66 -27.63 23.00
C SER B 200 7.00 -26.17 23.36
N ALA B 201 6.12 -25.54 24.09
CA ALA B 201 6.37 -24.14 24.48
C ALA B 201 7.55 -24.08 25.49
N THR B 202 7.73 -25.11 26.32
CA THR B 202 8.91 -25.15 27.24
C THR B 202 10.19 -25.35 26.49
N LEU B 203 10.18 -26.17 25.45
CA LEU B 203 11.34 -26.31 24.62
C LEU B 203 11.68 -25.00 23.93
N LEU B 204 10.62 -24.30 23.50
CA LEU B 204 10.79 -22.99 22.89
C LEU B 204 11.52 -22.03 23.81
N ALA B 205 11.14 -21.98 25.07
CA ALA B 205 11.89 -21.23 26.08
C ALA B 205 13.36 -21.60 26.08
N GLU B 206 13.69 -22.88 25.90
CA GLU B 206 15.09 -23.26 25.95
C GLU B 206 15.77 -22.79 24.70
N VAL B 207 15.05 -22.81 23.59
CA VAL B 207 15.59 -22.29 22.35
C VAL B 207 15.87 -20.80 22.44
N MET B 208 14.96 -20.06 23.04
CA MET B 208 15.12 -18.61 23.25
C MET B 208 16.33 -18.37 24.11
N HIS B 209 16.39 -19.10 25.23
CA HIS B 209 17.56 -18.98 26.11
C HIS B 209 18.88 -19.20 25.35
N ASP B 210 18.96 -20.25 24.58
CA ASP B 210 20.18 -20.63 23.88
C ASP B 210 20.51 -19.70 22.73
N ALA B 211 19.52 -19.04 22.14
CA ALA B 211 19.81 -18.12 21.08
C ALA B 211 20.29 -16.77 21.58
N GLY B 212 20.27 -16.55 22.89
CA GLY B 212 20.65 -15.29 23.47
C GLY B 212 19.58 -14.20 23.52
N VAL B 213 18.29 -14.56 23.42
CA VAL B 213 17.24 -13.56 23.60
C VAL B 213 17.44 -12.97 24.98
N PRO B 214 17.49 -11.64 25.08
CA PRO B 214 17.72 -11.04 26.39
C PRO B 214 16.69 -11.36 27.45
N PRO B 215 17.11 -11.37 28.72
CA PRO B 215 16.17 -11.73 29.76
C PRO B 215 15.01 -10.78 29.88
N GLY B 216 13.86 -11.35 30.12
CA GLY B 216 12.63 -10.61 30.25
C GLY B 216 11.89 -10.45 28.91
N VAL B 217 12.53 -10.73 27.81
CA VAL B 217 11.91 -10.46 26.48
C VAL B 217 10.86 -11.51 26.19
N PHE B 218 11.17 -12.76 26.50
CA PHE B 218 10.17 -13.87 26.41
C PHE B 218 10.00 -14.57 27.74
N ASN B 219 8.78 -14.57 28.30
CA ASN B 219 8.55 -15.22 29.52
C ASN B 219 7.43 -16.23 29.36
N LEU B 220 7.66 -17.45 29.87
CA LEU B 220 6.69 -18.53 29.84
C LEU B 220 6.14 -18.81 31.20
N ILE B 221 4.85 -18.79 31.31
CA ILE B 221 4.21 -19.13 32.57
C ILE B 221 3.21 -20.24 32.30
N HIS B 222 3.16 -21.22 33.20
CA HIS B 222 2.29 -22.38 33.04
C HIS B 222 1.13 -22.26 33.98
N GLY B 223 0.02 -22.89 33.61
CA GLY B 223 -1.14 -22.96 34.47
C GLY B 223 -2.46 -23.09 33.78
N PHE B 224 -3.51 -22.87 34.57
CA PHE B 224 -4.89 -22.96 34.10
C PHE B 224 -5.39 -21.56 33.73
N GLY B 225 -6.68 -21.45 33.58
CA GLY B 225 -7.34 -20.19 33.29
C GLY B 225 -7.84 -19.50 34.53
N LYS B 226 -9.11 -19.71 34.85
CA LYS B 226 -9.72 -19.09 36.02
C LYS B 226 -8.94 -19.44 37.31
N ASP B 227 -8.73 -18.46 38.18
CA ASP B 227 -7.97 -18.61 39.44
C ASP B 227 -6.56 -19.17 39.28
N SER B 228 -5.95 -18.91 38.13
CA SER B 228 -4.66 -19.41 37.82
C SER B 228 -3.95 -18.42 36.86
N ALA B 229 -2.85 -18.87 36.31
CA ALA B 229 -1.95 -18.03 35.60
C ALA B 229 -2.60 -17.26 34.45
N GLY B 230 -3.56 -17.89 33.76
CA GLY B 230 -4.23 -17.22 32.61
C GLY B 230 -5.00 -16.02 33.12
N GLU B 231 -5.83 -16.22 34.14
CA GLU B 231 -6.59 -15.12 34.68
C GLU B 231 -5.68 -14.03 35.25
N PHE B 232 -4.67 -14.40 36.00
CA PHE B 232 -3.76 -13.41 36.51
C PHE B 232 -3.11 -12.55 35.42
N LEU B 233 -2.73 -13.16 34.28
CA LEU B 233 -2.07 -12.42 33.24
C LEU B 233 -3.06 -11.38 32.72
N THR B 234 -4.45 -11.76 32.52
CA THR B 234 -5.42 -10.84 31.93
C THR B 234 -5.73 -9.69 32.87
N GLN B 235 -5.54 -9.97 34.10
CA GLN B 235 -5.85 -8.89 35.02
C GLN B 235 -4.68 -7.98 35.32
N HIS B 236 -3.47 -8.30 34.89
CA HIS B 236 -2.33 -7.50 35.29
C HIS B 236 -2.30 -6.16 34.52
N PRO B 237 -2.18 -5.03 35.26
CA PRO B 237 -2.24 -3.67 34.63
C PRO B 237 -1.01 -3.36 33.80
N GLY B 238 0.01 -4.19 33.92
CA GLY B 238 1.30 -4.03 33.22
C GLY B 238 1.40 -4.46 31.74
N ILE B 239 0.49 -5.30 31.30
CA ILE B 239 0.45 -5.72 29.90
C ILE B 239 -0.14 -4.57 29.02
N SER B 240 0.17 -4.55 27.73
CA SER B 240 -0.44 -3.53 26.82
C SER B 240 -1.49 -4.14 25.90
N ALA B 241 -1.45 -5.45 25.74
CA ALA B 241 -2.36 -6.17 24.88
C ALA B 241 -2.50 -7.64 25.32
N LEU B 242 -3.61 -8.22 24.97
CA LEU B 242 -3.92 -9.63 25.23
C LEU B 242 -4.41 -10.22 23.91
N THR B 243 -3.64 -11.18 23.41
CA THR B 243 -4.05 -11.93 22.21
C THR B 243 -4.37 -13.35 22.62
N PHE B 244 -5.46 -13.86 22.06
CA PHE B 244 -6.05 -15.10 22.57
C PHE B 244 -6.63 -15.90 21.46
N THR B 245 -6.47 -17.21 21.51
CA THR B 245 -7.20 -18.13 20.63
C THR B 245 -7.83 -19.21 21.54
N GLY B 246 -9.10 -19.52 21.36
CA GLY B 246 -9.83 -20.48 22.22
C GLY B 246 -11.34 -20.29 22.10
N GLU B 247 -12.05 -20.69 23.13
CA GLU B 247 -13.50 -20.72 23.07
C GLU B 247 -14.03 -19.30 23.15
N SER B 248 -15.20 -19.07 22.54
CA SER B 248 -15.82 -17.73 22.53
C SER B 248 -16.15 -17.23 23.93
N LYS B 249 -16.65 -18.14 24.75
CA LYS B 249 -17.01 -17.84 26.11
C LYS B 249 -15.81 -17.31 26.87
N THR B 250 -14.66 -17.92 26.69
CA THR B 250 -13.43 -17.44 27.34
C THR B 250 -13.02 -16.09 26.79
N GLY B 251 -13.24 -15.90 25.50
CA GLY B 251 -12.94 -14.62 24.86
C GLY B 251 -13.72 -13.53 25.53
N SER B 252 -15.03 -13.74 25.75
CA SER B 252 -15.86 -12.77 26.49
C SER B 252 -15.37 -12.48 27.92
N THR B 253 -15.03 -13.53 28.67
CA THR B 253 -14.42 -13.37 30.00
C THR B 253 -13.15 -12.50 29.93
N ILE B 254 -12.29 -12.79 28.97
CA ILE B 254 -11.05 -12.03 28.89
C ILE B 254 -11.31 -10.55 28.55
N MET B 255 -12.30 -10.29 27.67
CA MET B 255 -12.60 -8.91 27.26
C MET B 255 -13.05 -8.07 28.45
N LYS B 256 -13.90 -8.64 29.30
CA LYS B 256 -14.27 -8.02 30.59
C LYS B 256 -13.10 -7.78 31.51
N ALA B 257 -12.18 -8.72 31.58
CA ALA B 257 -11.07 -8.64 32.52
C ALA B 257 -10.12 -7.49 32.16
N VAL B 258 -9.85 -7.28 30.85
CA VAL B 258 -8.92 -6.22 30.43
C VAL B 258 -9.58 -4.84 30.28
N ALA B 259 -10.89 -4.82 30.52
CA ALA B 259 -11.68 -3.62 30.22
C ALA B 259 -11.26 -2.41 31.03
N ASP B 260 -11.02 -2.60 32.32
CA ASP B 260 -10.65 -1.44 33.15
C ASP B 260 -9.37 -0.81 32.70
N GLY B 261 -8.50 -1.57 32.03
CA GLY B 261 -7.24 -1.03 31.52
C GLY B 261 -7.32 -0.60 30.06
N VAL B 262 -8.46 -0.82 29.40
CA VAL B 262 -8.59 -0.60 27.93
C VAL B 262 -7.44 -1.24 27.13
N LYS B 263 -7.09 -2.49 27.43
CA LYS B 263 -5.98 -3.13 26.80
C LYS B 263 -6.40 -3.48 25.37
N GLU B 264 -5.47 -3.43 24.45
CA GLU B 264 -5.76 -3.86 23.05
C GLU B 264 -6.05 -5.36 23.10
N VAL B 265 -7.01 -5.84 22.34
CA VAL B 265 -7.37 -7.26 22.30
C VAL B 265 -7.46 -7.79 20.85
N SER B 266 -7.11 -9.05 20.70
CA SER B 266 -7.19 -9.75 19.42
C SER B 266 -7.61 -11.20 19.70
N PHE B 267 -8.78 -11.60 19.19
CA PHE B 267 -9.36 -12.90 19.53
C PHE B 267 -9.65 -13.71 18.28
N GLU B 268 -9.25 -14.96 18.30
CA GLU B 268 -9.65 -15.96 17.27
C GLU B 268 -10.42 -17.04 18.10
N LEU B 269 -11.71 -17.12 17.89
CA LEU B 269 -12.60 -17.87 18.75
C LEU B 269 -13.28 -19.10 18.08
N GLY B 270 -14.37 -19.56 18.61
CA GLY B 270 -15.00 -20.74 17.97
C GLY B 270 -15.45 -20.59 16.51
N GLY B 271 -15.82 -21.72 15.91
CA GLY B 271 -16.77 -21.65 14.85
C GLY B 271 -17.67 -22.86 14.78
N LYS B 272 -18.64 -22.80 13.89
CA LYS B 272 -19.38 -24.00 13.52
C LYS B 272 -19.43 -24.00 12.01
N ASN B 273 -18.30 -24.42 11.39
CA ASN B 273 -18.07 -24.16 10.00
C ASN B 273 -18.76 -25.13 9.07
N ALA B 274 -19.22 -24.61 7.93
CA ALA B 274 -19.88 -25.38 6.94
C ALA B 274 -18.99 -25.70 5.81
N ALA B 275 -19.25 -26.84 5.17
CA ALA B 275 -18.81 -27.10 3.83
C ALA B 275 -20.01 -27.21 2.91
N VAL B 276 -19.90 -26.73 1.66
CA VAL B 276 -21.02 -26.80 0.75
C VAL B 276 -20.57 -27.46 -0.51
N VAL B 277 -21.30 -28.44 -0.98
CA VAL B 277 -20.93 -29.16 -2.18
C VAL B 277 -22.04 -29.06 -3.24
N PHE B 278 -21.78 -28.35 -4.31
CA PHE B 278 -22.75 -28.12 -5.38
C PHE B 278 -22.69 -29.32 -6.34
N ALA B 279 -23.69 -29.46 -7.19
CA ALA B 279 -23.78 -30.66 -8.08
C ALA B 279 -22.69 -30.73 -9.07
N ASP B 280 -22.11 -29.57 -9.44
CA ASP B 280 -21.03 -29.59 -10.42
C ASP B 280 -19.60 -29.75 -9.80
N ALA B 281 -19.54 -30.06 -8.51
CA ALA B 281 -18.26 -30.34 -7.88
C ALA B 281 -17.58 -31.55 -8.48
N ASP B 282 -16.27 -31.59 -8.45
CA ASP B 282 -15.54 -32.85 -8.64
C ASP B 282 -15.85 -33.72 -7.39
N LEU B 283 -16.75 -34.66 -7.57
CA LEU B 283 -17.32 -35.42 -6.43
C LEU B 283 -16.28 -36.14 -5.62
N ASP B 284 -15.38 -36.86 -6.28
CA ASP B 284 -14.30 -37.54 -5.55
C ASP B 284 -13.39 -36.60 -4.76
N ALA B 285 -13.10 -35.47 -5.34
CA ALA B 285 -12.26 -34.48 -4.68
C ALA B 285 -12.99 -33.84 -3.51
N ALA B 286 -14.30 -33.64 -3.67
CA ALA B 286 -15.07 -33.06 -2.57
C ALA B 286 -15.22 -34.03 -1.40
N ILE B 287 -15.47 -35.31 -1.72
CA ILE B 287 -15.44 -36.34 -0.68
C ILE B 287 -14.10 -36.38 0.06
N GLU B 288 -12.99 -36.31 -0.66
CA GLU B 288 -11.71 -36.33 0.03
C GLU B 288 -11.49 -35.04 0.83
N GLY B 289 -11.91 -33.90 0.27
CA GLY B 289 -11.75 -32.63 0.91
C GLY B 289 -12.53 -32.54 2.22
N VAL B 290 -13.76 -33.06 2.24
CA VAL B 290 -14.60 -32.99 3.39
C VAL B 290 -14.20 -34.00 4.48
N LEU B 291 -13.60 -35.08 4.04
CA LEU B 291 -12.96 -36.05 4.88
C LEU B 291 -11.79 -35.33 5.63
N ARG B 292 -10.95 -34.60 4.92
CA ARG B 292 -9.89 -33.84 5.57
C ARG B 292 -10.49 -32.76 6.49
N SER B 293 -11.46 -32.02 6.00
CA SER B 293 -12.00 -30.88 6.75
C SER B 293 -12.74 -31.29 7.99
N SER B 294 -13.28 -32.50 7.99
CA SER B 294 -14.01 -33.00 9.17
C SER B 294 -13.16 -33.74 10.22
N PHE B 295 -12.14 -34.45 9.78
CA PHE B 295 -11.41 -35.41 10.61
C PHE B 295 -9.92 -35.12 10.86
N THR B 296 -9.29 -34.18 10.15
CA THR B 296 -7.93 -33.75 10.45
C THR B 296 -7.83 -33.38 11.92
N ASN B 297 -6.74 -33.84 12.54
CA ASN B 297 -6.44 -33.57 13.95
C ASN B 297 -7.61 -34.07 14.82
N SER B 298 -8.29 -35.13 14.35
CA SER B 298 -9.47 -35.69 15.04
C SER B 298 -10.58 -34.68 15.24
N GLY B 299 -10.75 -33.81 14.23
CA GLY B 299 -11.78 -32.83 14.25
C GLY B 299 -11.52 -31.69 15.19
N GLN B 300 -10.30 -31.61 15.72
CA GLN B 300 -9.98 -30.63 16.74
C GLN B 300 -9.24 -29.41 16.16
N VAL B 301 -9.74 -28.84 15.09
CA VAL B 301 -9.16 -27.59 14.53
C VAL B 301 -10.35 -26.69 14.49
N CYS B 302 -10.13 -25.41 14.85
CA CYS B 302 -11.24 -24.48 14.88
C CYS B 302 -11.84 -24.30 13.46
N LEU B 303 -11.07 -24.64 12.46
CA LEU B 303 -11.46 -24.52 11.04
C LEU B 303 -12.17 -25.74 10.48
N CYS B 304 -12.32 -26.79 11.27
CA CYS B 304 -12.96 -28.02 10.75
C CYS B 304 -14.44 -27.77 10.41
N SER B 305 -14.94 -28.53 9.43
CA SER B 305 -16.34 -28.51 9.07
C SER B 305 -17.11 -29.51 9.96
N GLU B 306 -18.12 -29.03 10.66
CA GLU B 306 -19.00 -29.91 11.42
C GLU B 306 -20.38 -29.96 10.81
N ARG B 307 -20.64 -29.08 9.85
CA ARG B 307 -21.92 -28.99 9.12
C ARG B 307 -21.57 -29.08 7.65
N VAL B 308 -22.20 -29.99 6.89
CA VAL B 308 -21.93 -30.18 5.48
C VAL B 308 -23.27 -30.13 4.76
N TYR B 309 -23.33 -29.35 3.66
CA TYR B 309 -24.53 -29.21 2.83
C TYR B 309 -24.21 -29.67 1.41
N VAL B 310 -24.98 -30.62 0.90
CA VAL B 310 -24.69 -31.28 -0.34
C VAL B 310 -25.90 -31.25 -1.25
N HIS B 311 -25.73 -30.94 -2.51
CA HIS B 311 -26.88 -30.76 -3.37
C HIS B 311 -27.61 -32.10 -3.43
N ARG B 312 -28.93 -32.06 -3.37
CA ARG B 312 -29.70 -33.34 -3.31
C ARG B 312 -29.42 -34.35 -4.43
N SER B 313 -29.02 -33.92 -5.62
CA SER B 313 -28.74 -34.85 -6.70
C SER B 313 -27.53 -35.73 -6.40
N ILE B 314 -26.61 -35.28 -5.56
CA ILE B 314 -25.40 -36.06 -5.29
C ILE B 314 -25.29 -36.47 -3.82
N PHE B 315 -26.36 -36.24 -3.06
CA PHE B 315 -26.35 -36.40 -1.62
C PHE B 315 -26.05 -37.86 -1.25
N ASP B 316 -26.75 -38.81 -1.86
CA ASP B 316 -26.62 -40.19 -1.40
C ASP B 316 -25.26 -40.74 -1.77
N GLU B 317 -24.82 -40.41 -2.97
CA GLU B 317 -23.53 -40.80 -3.41
C GLU B 317 -22.42 -40.16 -2.54
N PHE B 318 -22.62 -38.90 -2.13
CA PHE B 318 -21.59 -38.25 -1.36
C PHE B 318 -21.48 -38.92 0.00
N VAL B 319 -22.61 -39.10 0.70
CA VAL B 319 -22.68 -39.76 1.96
C VAL B 319 -22.10 -41.19 1.96
N SER B 320 -22.48 -41.98 0.96
CA SER B 320 -21.95 -43.32 0.79
C SER B 320 -20.47 -43.33 0.59
N GLY B 321 -19.98 -42.41 -0.24
CA GLY B 321 -18.54 -42.26 -0.45
C GLY B 321 -17.77 -41.86 0.83
N LEU B 322 -18.38 -40.97 1.59
CA LEU B 322 -17.71 -40.40 2.73
C LEU B 322 -17.67 -41.48 3.81
N LYS B 323 -18.75 -42.25 3.97
CA LYS B 323 -18.76 -43.36 4.87
C LYS B 323 -17.61 -44.34 4.57
N VAL B 324 -17.47 -44.70 3.32
CA VAL B 324 -16.42 -45.59 2.93
C VAL B 324 -15.05 -45.05 3.31
N GLU B 325 -14.77 -43.78 2.96
CA GLU B 325 -13.49 -43.19 3.27
C GLU B 325 -13.29 -43.02 4.78
N ALA B 326 -14.33 -42.67 5.51
CA ALA B 326 -14.24 -42.50 6.97
C ALA B 326 -13.89 -43.81 7.71
N GLU B 327 -14.49 -44.90 7.25
CA GLU B 327 -14.25 -46.23 7.82
C GLU B 327 -12.92 -46.82 7.41
N ARG B 328 -12.28 -46.27 6.37
CA ARG B 328 -10.89 -46.62 6.11
C ARG B 328 -9.83 -45.87 6.92
N LEU B 329 -10.23 -44.78 7.55
CA LEU B 329 -9.31 -44.04 8.45
C LEU B 329 -8.71 -44.98 9.50
N VAL B 330 -7.40 -44.92 9.68
CA VAL B 330 -6.76 -45.66 10.75
C VAL B 330 -6.60 -44.77 11.99
N VAL B 331 -7.23 -45.20 13.06
CA VAL B 331 -7.18 -44.49 14.34
C VAL B 331 -6.26 -45.26 15.25
N GLY B 332 -5.20 -44.63 15.74
CA GLY B 332 -4.24 -45.36 16.57
C GLY B 332 -3.06 -44.59 17.07
N TYR B 333 -1.94 -45.29 17.11
CA TYR B 333 -0.72 -44.76 17.66
C TYR B 333 -0.13 -43.75 16.77
N PRO B 334 0.50 -42.74 17.35
CA PRO B 334 1.21 -41.76 16.51
C PRO B 334 2.26 -42.33 15.56
N ASP B 335 2.96 -43.41 15.91
CA ASP B 335 3.96 -44.08 15.05
C ASP B 335 3.47 -45.36 14.37
N GLN B 336 2.16 -45.54 14.36
CA GLN B 336 1.54 -46.71 13.73
C GLN B 336 1.54 -46.57 12.20
N ASP B 337 1.81 -47.68 11.54
CA ASP B 337 1.84 -47.74 10.09
C ASP B 337 0.51 -47.24 9.46
N GLY B 338 0.58 -46.18 8.69
CA GLY B 338 -0.60 -45.65 8.01
C GLY B 338 -1.62 -44.92 8.87
N VAL B 339 -1.21 -44.47 10.07
CA VAL B 339 -2.18 -43.87 10.99
C VAL B 339 -2.72 -42.55 10.45
N ASN B 340 -4.01 -42.35 10.57
CA ASN B 340 -4.63 -41.08 10.16
C ASN B 340 -5.08 -40.18 11.26
N MET B 341 -5.52 -40.76 12.35
CA MET B 341 -6.13 -40.02 13.46
C MET B 341 -5.59 -40.54 14.76
N GLY B 342 -5.23 -39.60 15.65
CA GLY B 342 -4.93 -39.92 17.03
C GLY B 342 -6.11 -39.73 17.92
N PRO B 343 -5.86 -39.69 19.24
CA PRO B 343 -6.93 -39.50 20.15
C PRO B 343 -7.39 -38.06 20.28
N LEU B 344 -8.40 -37.85 21.10
CA LEU B 344 -8.75 -36.47 21.56
C LEU B 344 -7.74 -36.03 22.63
N ILE B 345 -7.75 -34.75 22.97
CA ILE B 345 -6.69 -34.17 23.78
C ILE B 345 -6.66 -34.71 25.22
N SER B 346 -7.81 -35.07 25.76
CA SER B 346 -7.97 -35.45 27.13
C SER B 346 -9.27 -36.20 27.36
N HIS B 347 -9.35 -36.93 28.45
CA HIS B 347 -10.59 -37.61 28.82
C HIS B 347 -11.70 -36.63 29.08
N GLY B 348 -11.40 -35.48 29.67
CA GLY B 348 -12.42 -34.46 29.90
C GLY B 348 -12.97 -33.96 28.54
N HIS B 349 -12.11 -33.78 27.55
CA HIS B 349 -12.64 -33.38 26.25
C HIS B 349 -13.42 -34.50 25.64
N ARG B 350 -12.93 -35.71 25.79
CA ARG B 350 -13.63 -36.86 25.28
C ARG B 350 -15.04 -37.01 25.90
N ASP B 351 -15.18 -36.75 27.18
CA ASP B 351 -16.52 -36.83 27.77
C ASP B 351 -17.46 -35.79 27.20
N LYS B 352 -16.97 -34.60 26.93
CA LYS B 352 -17.80 -33.59 26.28
C LYS B 352 -18.25 -34.05 24.84
N VAL B 353 -17.33 -34.59 24.05
CA VAL B 353 -17.65 -35.02 22.71
C VAL B 353 -18.66 -36.18 22.74
N LEU B 354 -18.42 -37.15 23.65
CA LEU B 354 -19.37 -38.26 23.84
C LEU B 354 -20.73 -37.79 24.26
N SER B 355 -20.78 -36.75 25.09
CA SER B 355 -22.02 -36.15 25.49
C SER B 355 -22.78 -35.60 24.28
N TYR B 356 -22.04 -35.05 23.28
CA TYR B 356 -22.68 -34.68 22.02
C TYR B 356 -23.05 -35.88 21.19
N TYR B 357 -22.29 -36.97 21.25
CA TYR B 357 -22.65 -38.11 20.44
C TYR B 357 -23.99 -38.69 20.93
N ARG B 358 -24.25 -38.63 22.23
CA ARG B 358 -25.52 -39.13 22.79
C ARG B 358 -26.61 -38.19 22.42
N LEU B 359 -26.36 -36.89 22.57
CA LEU B 359 -27.35 -35.90 22.28
C LEU B 359 -27.80 -36.03 20.82
N ALA B 360 -26.88 -36.26 19.91
CA ALA B 360 -27.26 -36.40 18.48
C ALA B 360 -28.31 -37.51 18.26
N VAL B 361 -28.05 -38.68 18.83
CA VAL B 361 -29.01 -39.78 18.84
C VAL B 361 -30.35 -39.34 19.46
N ASP B 362 -30.33 -38.70 20.59
CA ASP B 362 -31.58 -38.20 21.21
C ASP B 362 -32.31 -37.18 20.37
N GLU B 363 -31.58 -36.42 19.54
CA GLU B 363 -32.19 -35.38 18.70
C GLU B 363 -32.67 -35.97 17.42
N GLY B 364 -32.47 -37.27 17.21
CA GLY B 364 -33.06 -37.94 16.05
C GLY B 364 -32.10 -38.32 14.94
N ALA B 365 -30.81 -38.24 15.18
CA ALA B 365 -29.87 -38.49 14.11
C ALA B 365 -29.85 -39.93 13.66
N THR B 366 -29.58 -40.14 12.37
CA THR B 366 -29.05 -41.37 11.87
C THR B 366 -27.52 -41.37 12.00
N VAL B 367 -26.96 -42.39 12.65
CA VAL B 367 -25.51 -42.50 12.73
C VAL B 367 -25.00 -43.25 11.51
N VAL B 368 -24.42 -42.53 10.55
CA VAL B 368 -23.97 -43.17 9.33
C VAL B 368 -22.78 -44.05 9.65
N THR B 369 -21.93 -43.58 10.58
CA THR B 369 -20.71 -44.29 11.01
C THR B 369 -20.22 -43.66 12.30
N GLY B 370 -19.46 -44.43 13.08
CA GLY B 370 -18.94 -43.99 14.34
C GLY B 370 -20.03 -43.85 15.38
N GLY B 371 -19.94 -42.80 16.20
CA GLY B 371 -20.91 -42.62 17.27
C GLY B 371 -20.46 -43.07 18.65
N GLY B 372 -19.27 -43.67 18.76
CA GLY B 372 -18.74 -44.14 20.07
C GLY B 372 -17.24 -44.16 20.10
N VAL B 373 -16.69 -45.07 20.90
CA VAL B 373 -15.25 -45.18 21.07
C VAL B 373 -14.79 -46.51 20.48
N PRO B 374 -13.66 -46.55 19.78
CA PRO B 374 -13.17 -47.80 19.29
C PRO B 374 -12.71 -48.68 20.45
N LYS B 375 -12.75 -49.99 20.23
CA LYS B 375 -12.26 -50.94 21.25
C LYS B 375 -10.94 -51.47 20.75
N PHE B 376 -9.85 -51.11 21.38
CA PHE B 376 -8.56 -51.45 20.90
C PHE B 376 -8.05 -52.74 21.58
N ASN B 377 -8.60 -53.00 22.76
CA ASN B 377 -8.12 -54.11 23.60
C ASN B 377 -6.67 -53.96 23.96
N ASP B 378 -6.22 -52.72 24.18
CA ASP B 378 -4.86 -52.49 24.61
C ASP B 378 -4.74 -51.19 25.36
N GLU B 379 -3.53 -50.69 25.56
CA GLU B 379 -3.37 -49.50 26.41
C GLU B 379 -4.11 -48.23 25.85
N ARG B 380 -4.45 -48.28 24.57
CA ARG B 380 -5.18 -47.19 23.94
C ARG B 380 -6.56 -47.05 24.53
N ASP B 381 -7.09 -48.11 25.14
CA ASP B 381 -8.37 -48.03 25.79
C ASP B 381 -8.29 -47.17 27.07
N GLN B 382 -7.10 -46.91 27.60
CA GLN B 382 -6.94 -46.01 28.73
C GLN B 382 -6.73 -44.55 28.29
N GLY B 383 -6.63 -44.32 26.99
CA GLY B 383 -6.48 -42.95 26.42
C GLY B 383 -7.82 -42.35 26.07
N ALA B 384 -7.86 -41.41 25.09
CA ALA B 384 -9.03 -40.57 24.92
C ALA B 384 -9.49 -40.59 23.48
N TYR B 385 -9.61 -41.79 22.91
CA TYR B 385 -10.03 -41.92 21.52
C TYR B 385 -11.54 -41.89 21.33
N VAL B 386 -11.99 -41.36 20.18
CA VAL B 386 -13.37 -41.55 19.72
C VAL B 386 -13.31 -41.89 18.24
N GLN B 387 -14.42 -42.40 17.71
CA GLN B 387 -14.52 -42.76 16.34
C GLN B 387 -14.91 -41.57 15.46
N PRO B 388 -14.41 -41.54 14.23
CA PRO B 388 -14.87 -40.55 13.30
C PRO B 388 -16.31 -40.83 13.04
N THR B 389 -17.15 -39.81 13.20
CA THR B 389 -18.61 -39.98 13.15
C THR B 389 -19.23 -39.09 12.09
N ILE B 390 -20.23 -39.63 11.39
CA ILE B 390 -21.04 -38.90 10.44
C ILE B 390 -22.50 -39.05 10.85
N TRP B 391 -23.18 -37.92 10.95
CA TRP B 391 -24.63 -37.90 11.19
C TRP B 391 -25.39 -37.42 10.01
N THR B 392 -26.65 -37.86 9.94
CA THR B 392 -27.63 -37.43 8.97
C THR B 392 -28.97 -37.29 9.70
N GLY B 393 -29.92 -36.57 9.11
CA GLY B 393 -31.29 -36.44 9.62
C GLY B 393 -31.61 -35.40 10.64
N LEU B 394 -30.68 -34.56 11.09
CA LEU B 394 -31.01 -33.50 12.05
C LEU B 394 -31.58 -32.24 11.39
N SER B 395 -32.40 -31.52 12.12
CA SER B 395 -32.90 -30.23 11.65
C SER B 395 -31.85 -29.16 11.89
N ASP B 396 -32.00 -28.03 11.22
CA ASP B 396 -31.04 -26.93 11.31
C ASP B 396 -30.99 -26.30 12.69
N LYS B 397 -32.00 -26.53 13.52
CA LYS B 397 -32.00 -25.91 14.84
C LYS B 397 -31.52 -26.84 15.94
N ALA B 398 -31.21 -28.08 15.58
CA ALA B 398 -30.63 -29.07 16.51
C ALA B 398 -29.34 -28.56 17.12
N ARG B 399 -29.17 -28.85 18.39
CA ARG B 399 -28.02 -28.36 19.11
C ARG B 399 -26.72 -28.93 18.51
N CYS B 400 -26.79 -30.13 17.96
CA CYS B 400 -25.56 -30.77 17.44
C CYS B 400 -25.11 -30.14 16.10
N VAL B 401 -25.99 -29.34 15.53
CA VAL B 401 -25.75 -28.67 14.28
C VAL B 401 -25.43 -27.20 14.52
N THR B 402 -25.56 -26.70 15.74
CA THR B 402 -25.38 -25.30 16.04
C THR B 402 -24.31 -25.02 17.06
N GLU B 403 -23.99 -25.98 17.92
CA GLU B 403 -22.97 -25.81 18.91
C GLU B 403 -21.70 -26.50 18.50
N GLU B 404 -20.58 -25.84 18.76
CA GLU B 404 -19.27 -26.38 18.39
C GLU B 404 -18.95 -27.62 19.24
N ILE B 405 -18.69 -28.75 18.60
CA ILE B 405 -18.36 -29.97 19.31
C ILE B 405 -16.87 -30.14 19.51
N PHE B 406 -16.12 -29.85 18.44
CA PHE B 406 -14.71 -29.91 18.42
C PHE B 406 -14.22 -31.37 18.48
N GLY B 407 -14.94 -32.26 17.81
CA GLY B 407 -14.51 -33.63 17.63
C GLY B 407 -14.60 -34.03 16.18
N PRO B 408 -14.27 -35.30 15.87
CA PRO B 408 -14.19 -35.80 14.53
C PRO B 408 -15.59 -36.19 14.08
N VAL B 409 -16.37 -35.16 13.81
CA VAL B 409 -17.75 -35.36 13.47
C VAL B 409 -18.27 -34.36 12.43
N CYS B 410 -19.18 -34.81 11.60
CA CYS B 410 -19.97 -33.89 10.80
C CYS B 410 -21.38 -34.38 10.53
N HIS B 411 -22.29 -33.43 10.49
CA HIS B 411 -23.64 -33.69 10.00
C HIS B 411 -23.72 -33.31 8.51
N ILE B 412 -24.36 -34.16 7.71
CA ILE B 412 -24.55 -33.93 6.28
C ILE B 412 -26.07 -33.73 6.04
N SER B 413 -26.42 -32.59 5.43
CA SER B 413 -27.78 -32.28 5.07
C SER B 413 -27.87 -32.02 3.56
N PRO B 414 -28.97 -32.45 2.91
CA PRO B 414 -29.21 -32.03 1.54
C PRO B 414 -29.69 -30.55 1.38
N PHE B 415 -29.40 -29.94 0.21
CA PHE B 415 -30.04 -28.71 -0.17
C PHE B 415 -30.48 -28.75 -1.65
N ASP B 416 -31.34 -27.81 -2.00
CA ASP B 416 -31.85 -27.70 -3.37
C ASP B 416 -31.44 -26.45 -4.10
N ASP B 417 -31.51 -25.30 -3.43
CA ASP B 417 -31.31 -23.98 -4.08
C ASP B 417 -30.09 -23.27 -3.48
N GLU B 418 -29.44 -22.50 -4.32
CA GLU B 418 -28.26 -21.73 -3.87
C GLU B 418 -28.59 -20.65 -2.83
N ASP B 419 -29.63 -19.83 -3.02
CA ASP B 419 -29.97 -18.85 -2.00
C ASP B 419 -30.33 -19.46 -0.68
N GLU B 420 -30.96 -20.64 -0.71
CA GLU B 420 -31.32 -21.40 0.49
C GLU B 420 -30.08 -21.81 1.24
N VAL B 421 -29.10 -22.41 0.55
CA VAL B 421 -27.97 -22.96 1.29
C VAL B 421 -27.10 -21.82 1.88
N ILE B 422 -27.00 -20.71 1.16
CA ILE B 422 -26.29 -19.56 1.66
C ILE B 422 -26.95 -19.03 2.93
N ASN B 423 -28.29 -18.95 2.94
CA ASN B 423 -28.99 -18.62 4.22
C ASN B 423 -28.71 -19.59 5.38
N ARG B 424 -28.70 -20.87 5.10
CA ARG B 424 -28.49 -21.86 6.13
C ARG B 424 -27.03 -21.83 6.64
N VAL B 425 -26.07 -21.65 5.74
CA VAL B 425 -24.68 -21.45 6.15
C VAL B 425 -24.60 -20.23 7.08
N ASN B 426 -25.18 -19.11 6.67
CA ASN B 426 -25.06 -17.85 7.44
C ASN B 426 -25.93 -17.75 8.70
N ASP B 427 -26.82 -18.70 8.88
CA ASP B 427 -27.71 -18.70 10.01
C ASP B 427 -27.01 -19.31 11.25
N SER B 428 -26.12 -18.56 11.84
CA SER B 428 -25.23 -19.08 12.84
C SER B 428 -24.75 -17.86 13.62
N ASN B 429 -24.51 -18.04 14.92
CA ASN B 429 -23.84 -17.00 15.70
C ASN B 429 -22.33 -16.96 15.50
N TYR B 430 -21.79 -17.92 14.78
CA TYR B 430 -20.35 -17.95 14.49
C TYR B 430 -20.13 -17.52 13.04
N GLY B 431 -18.87 -17.27 12.68
CA GLY B 431 -18.57 -17.00 11.26
C GLY B 431 -17.08 -17.05 11.06
N LEU B 432 -16.50 -18.25 11.19
CA LEU B 432 -15.09 -18.35 11.06
C LEU B 432 -14.71 -18.65 9.61
N ALA B 433 -15.14 -19.80 9.12
CA ALA B 433 -14.72 -20.28 7.81
C ALA B 433 -15.76 -21.11 7.15
N CYS B 434 -15.60 -21.28 5.83
CA CYS B 434 -16.50 -22.09 5.04
C CYS B 434 -15.71 -22.62 3.86
N ALA B 435 -16.05 -23.82 3.40
CA ALA B 435 -15.46 -24.43 2.19
C ALA B 435 -16.57 -24.71 1.19
N ILE B 436 -16.35 -24.30 -0.03
CA ILE B 436 -17.33 -24.47 -1.13
C ILE B 436 -16.68 -25.34 -2.19
N TRP B 437 -17.41 -26.28 -2.76
CA TRP B 437 -16.96 -27.15 -3.84
C TRP B 437 -17.85 -26.93 -5.07
N THR B 438 -17.24 -26.43 -6.11
CA THR B 438 -17.93 -26.21 -7.40
C THR B 438 -16.90 -26.01 -8.51
N THR B 439 -17.23 -26.38 -9.78
CA THR B 439 -16.31 -26.12 -10.86
C THR B 439 -16.74 -24.96 -11.67
N ASN B 440 -17.81 -24.33 -11.29
CA ASN B 440 -18.37 -23.22 -12.09
C ASN B 440 -17.76 -21.86 -11.68
N LEU B 441 -17.14 -21.19 -12.63
CA LEU B 441 -16.51 -19.90 -12.41
C LEU B 441 -17.41 -18.86 -11.71
N SER B 442 -18.57 -18.54 -12.30
CA SER B 442 -19.48 -17.53 -11.71
C SER B 442 -19.92 -17.93 -10.30
N ARG B 443 -20.38 -19.16 -10.13
CA ARG B 443 -20.87 -19.56 -8.86
C ARG B 443 -19.83 -19.44 -7.77
N ALA B 444 -18.58 -19.80 -8.08
CA ALA B 444 -17.52 -19.72 -7.09
C ALA B 444 -17.39 -18.33 -6.53
N HIS B 445 -17.32 -17.37 -7.40
CA HIS B 445 -17.06 -16.03 -6.93
C HIS B 445 -18.36 -15.39 -6.37
N ARG B 446 -19.51 -15.75 -6.97
CA ARG B 446 -20.83 -15.22 -6.54
C ARG B 446 -21.21 -15.74 -5.16
N VAL B 447 -21.00 -17.03 -4.91
CA VAL B 447 -21.33 -17.58 -3.66
C VAL B 447 -20.38 -17.20 -2.55
N SER B 448 -19.06 -17.26 -2.81
CA SER B 448 -18.05 -17.03 -1.83
C SER B 448 -18.21 -15.68 -1.18
N ARG B 449 -18.52 -14.68 -1.97
CA ARG B 449 -18.61 -13.31 -1.42
C ARG B 449 -19.88 -13.13 -0.50
N GLN B 450 -20.84 -14.02 -0.63
CA GLN B 450 -22.07 -13.96 0.19
C GLN B 450 -21.98 -14.68 1.54
N ILE B 451 -20.89 -15.42 1.78
CA ILE B 451 -20.83 -16.21 3.00
C ILE B 451 -20.29 -15.31 4.08
N HIS B 452 -20.98 -15.24 5.21
CA HIS B 452 -20.62 -14.31 6.29
C HIS B 452 -19.57 -14.93 7.23
N VAL B 453 -18.33 -15.06 6.71
CA VAL B 453 -17.26 -15.63 7.45
C VAL B 453 -15.98 -14.81 7.17
N GLY B 454 -14.94 -15.08 7.90
CA GLY B 454 -13.65 -14.49 7.60
C GLY B 454 -12.82 -15.14 6.53
N LEU B 455 -13.09 -16.40 6.26
CA LEU B 455 -12.25 -17.22 5.41
C LEU B 455 -13.08 -18.17 4.59
N VAL B 456 -13.02 -18.06 3.30
CA VAL B 456 -13.69 -19.02 2.41
C VAL B 456 -12.67 -19.76 1.56
N TRP B 457 -12.74 -21.08 1.53
CA TRP B 457 -11.91 -21.83 0.59
C TRP B 457 -12.80 -22.40 -0.52
N VAL B 458 -12.35 -22.39 -1.76
CA VAL B 458 -13.06 -22.97 -2.86
C VAL B 458 -12.24 -24.13 -3.41
N ASN B 459 -12.81 -25.32 -3.39
CA ASN B 459 -12.18 -26.54 -3.85
C ASN B 459 -10.93 -26.91 -3.11
N THR B 460 -10.87 -26.49 -1.85
CA THR B 460 -9.82 -26.91 -0.96
C THR B 460 -10.29 -26.64 0.47
N TRP B 461 -9.39 -26.82 1.41
CA TRP B 461 -9.63 -26.47 2.82
C TRP B 461 -8.29 -26.28 3.54
N TYR B 462 -8.23 -25.31 4.43
CA TYR B 462 -7.08 -25.03 5.24
C TYR B 462 -5.78 -24.91 4.39
N LEU B 463 -5.86 -24.15 3.30
CA LEU B 463 -4.69 -23.75 2.55
C LEU B 463 -4.28 -22.41 3.09
N ARG B 464 -3.05 -22.27 3.57
CA ARG B 464 -2.63 -21.07 4.32
C ARG B 464 -1.50 -20.27 3.70
N ASP B 465 -1.73 -18.96 3.52
CA ASP B 465 -0.68 -18.02 3.08
C ASP B 465 -0.60 -17.05 4.24
N LEU B 466 0.54 -17.02 4.88
CA LEU B 466 0.70 -16.23 6.10
C LEU B 466 0.59 -14.72 5.92
N ARG B 467 0.47 -14.25 4.67
CA ARG B 467 0.28 -12.81 4.44
C ARG B 467 -1.17 -12.41 4.54
N THR B 468 -2.09 -13.35 4.53
CA THR B 468 -3.48 -12.99 4.43
C THR B 468 -4.08 -12.62 5.74
N PRO B 469 -5.07 -11.71 5.72
CA PRO B 469 -5.84 -11.43 6.94
C PRO B 469 -6.55 -12.68 7.39
N PHE B 470 -6.52 -12.96 8.67
CA PHE B 470 -7.08 -14.17 9.21
C PHE B 470 -7.86 -13.83 10.48
N GLY B 471 -9.09 -14.31 10.54
CA GLY B 471 -9.97 -14.07 11.68
C GLY B 471 -11.39 -14.41 11.28
N GLY B 472 -12.27 -14.23 12.28
CA GLY B 472 -13.68 -14.49 12.16
C GLY B 472 -14.57 -13.30 12.39
N VAL B 473 -15.85 -13.50 12.14
CA VAL B 473 -16.84 -12.51 12.41
C VAL B 473 -17.77 -13.04 13.46
N LYS B 474 -18.67 -12.17 13.93
CA LYS B 474 -19.67 -12.48 14.93
C LYS B 474 -18.92 -13.05 16.15
N LEU B 475 -19.38 -14.15 16.74
CA LEU B 475 -18.70 -14.77 17.90
C LEU B 475 -17.33 -15.41 17.63
N SER B 476 -16.91 -15.50 16.36
CA SER B 476 -15.76 -16.23 16.03
C SER B 476 -14.51 -15.37 16.16
N GLY B 477 -14.65 -14.11 16.54
CA GLY B 477 -13.49 -13.26 16.58
C GLY B 477 -13.66 -11.80 16.85
N LEU B 478 -12.53 -11.17 17.09
CA LEU B 478 -12.39 -9.76 17.28
C LEU B 478 -11.04 -9.43 16.62
N GLY B 479 -11.06 -8.59 15.57
CA GLY B 479 -9.84 -8.21 14.88
C GLY B 479 -9.34 -9.19 13.87
N ARG B 480 -8.22 -8.86 13.26
CA ARG B 480 -7.61 -9.70 12.24
C ARG B 480 -6.13 -9.75 12.53
N GLU B 481 -5.54 -10.90 12.20
CA GLU B 481 -4.12 -11.07 12.25
C GLU B 481 -3.68 -11.64 10.92
N GLY B 482 -2.37 -11.64 10.70
CA GLY B 482 -1.76 -12.12 9.50
C GLY B 482 -1.25 -10.94 8.73
N GLY B 483 -0.10 -11.13 8.11
CA GLY B 483 0.55 -10.05 7.34
C GLY B 483 0.57 -8.71 8.01
N ARG B 484 0.16 -7.67 7.28
CA ARG B 484 0.16 -6.31 7.81
C ARG B 484 -0.82 -6.06 8.99
N PHE B 485 -1.87 -6.85 9.06
CA PHE B 485 -2.77 -6.81 10.17
C PHE B 485 -2.08 -7.23 11.49
N SER B 486 -1.18 -8.20 11.43
CA SER B 486 -0.37 -8.49 12.63
C SER B 486 0.57 -7.34 12.92
N MET B 487 1.18 -6.78 11.88
CA MET B 487 2.20 -5.77 12.11
C MET B 487 1.56 -4.51 12.74
N ASP B 488 0.29 -4.31 12.44
CA ASP B 488 -0.47 -3.18 12.98
C ASP B 488 -1.01 -3.46 14.39
N PHE B 489 -1.53 -4.65 14.63
CA PHE B 489 -1.94 -5.03 15.99
C PHE B 489 -0.82 -5.05 17.02
N TYR B 490 0.33 -5.60 16.67
CA TYR B 490 1.41 -5.69 17.63
C TYR B 490 2.25 -4.42 17.73
N SER B 491 1.83 -3.36 17.05
CA SER B 491 2.58 -2.08 17.07
C SER B 491 1.73 -0.94 17.56
N ASP B 492 2.36 0.04 18.22
CA ASP B 492 1.76 1.40 18.37
C ASP B 492 1.98 2.10 17.02
N ILE B 493 0.91 2.60 16.43
CA ILE B 493 1.04 3.47 15.26
C ILE B 493 0.92 4.91 15.74
N ALA B 494 1.99 5.69 15.58
CA ALA B 494 1.99 7.05 16.07
C ALA B 494 2.09 8.00 14.88
N ASN B 495 1.36 9.11 14.93
CA ASN B 495 1.38 10.09 13.88
C ASN B 495 2.16 11.29 14.44
N ILE B 496 3.12 11.79 13.67
CA ILE B 496 3.91 12.96 14.05
C ILE B 496 3.68 14.02 12.99
N CYS B 497 3.20 15.18 13.42
CA CYS B 497 2.92 16.27 12.52
C CYS B 497 3.86 17.47 12.68
N ILE B 498 4.65 17.77 11.67
CA ILE B 498 5.63 18.88 11.70
C ILE B 498 5.07 20.09 10.92
N LYS B 499 4.85 21.21 11.61
CA LYS B 499 4.56 22.50 10.96
C LYS B 499 5.82 23.05 10.40
N ILE B 500 5.80 23.41 9.13
CA ILE B 500 7.00 23.91 8.39
C ILE B 500 7.09 25.46 8.36
N SER C 18 46.44 -14.33 -15.49
CA SER C 18 44.99 -14.54 -15.12
C SER C 18 44.05 -14.30 -16.33
N GLN C 19 43.06 -15.17 -16.54
CA GLN C 19 42.08 -14.92 -17.64
C GLN C 19 40.64 -14.83 -17.11
N LEU C 20 39.84 -13.93 -17.68
CA LEU C 20 38.44 -13.80 -17.30
C LEU C 20 37.55 -14.25 -18.44
N LEU C 21 36.74 -15.26 -18.18
CA LEU C 21 35.88 -15.84 -19.15
C LEU C 21 34.43 -15.34 -19.04
N ASN C 22 33.73 -15.42 -20.15
CA ASN C 22 32.29 -15.26 -20.23
C ASN C 22 31.62 -16.46 -19.59
N TYR C 23 30.34 -16.29 -19.17
CA TYR C 23 29.56 -17.36 -18.56
C TYR C 23 28.23 -17.41 -19.20
N ILE C 24 28.03 -18.44 -20.04
CA ILE C 24 26.93 -18.48 -21.03
C ILE C 24 26.29 -19.85 -21.01
N ASP C 25 25.01 -19.92 -20.65
CA ASP C 25 24.28 -21.20 -20.52
C ASP C 25 25.00 -22.19 -19.63
N GLY C 26 25.45 -21.74 -18.47
CA GLY C 26 26.02 -22.66 -17.49
C GLY C 26 27.46 -23.09 -17.72
N ASN C 27 28.15 -22.54 -18.74
CA ASN C 27 29.57 -22.86 -19.01
C ASN C 27 30.45 -21.58 -19.11
N PHE C 28 31.63 -21.66 -18.54
CA PHE C 28 32.64 -20.64 -18.80
C PHE C 28 33.23 -20.82 -20.18
N VAL C 29 33.30 -19.74 -20.99
CA VAL C 29 33.77 -19.86 -22.35
C VAL C 29 34.68 -18.67 -22.70
N THR C 30 35.65 -18.95 -23.56
CA THR C 30 36.58 -17.96 -24.04
C THR C 30 35.96 -17.35 -25.28
N SER C 31 36.68 -16.46 -25.96
CA SER C 31 36.26 -15.81 -27.19
C SER C 31 37.47 -15.69 -28.13
N ALA C 32 37.21 -15.27 -29.34
CA ALA C 32 38.27 -15.06 -30.34
C ALA C 32 39.06 -13.78 -30.05
N SER C 33 38.54 -12.87 -29.25
CA SER C 33 39.19 -11.62 -28.97
C SER C 33 39.27 -11.37 -27.47
N SER C 34 40.29 -10.65 -27.04
CA SER C 34 40.52 -10.40 -25.62
C SER C 34 41.14 -9.03 -25.43
N PHE C 35 41.07 -8.54 -24.22
CA PHE C 35 41.54 -7.20 -23.88
C PHE C 35 42.12 -7.27 -22.53
N ALA C 36 42.95 -6.28 -22.22
CA ALA C 36 43.70 -6.22 -20.96
C ALA C 36 42.93 -5.53 -19.86
N ASN C 37 42.97 -6.09 -18.65
CA ASN C 37 42.47 -5.47 -17.46
C ASN C 37 43.71 -4.95 -16.73
N ILE C 38 43.82 -3.63 -16.63
CA ILE C 38 44.94 -2.92 -16.01
C ILE C 38 44.67 -2.50 -14.54
N ASN C 39 45.61 -2.79 -13.64
CA ASN C 39 45.56 -2.31 -12.28
C ASN C 39 45.90 -0.85 -12.23
N PRO C 40 44.99 -0.02 -11.73
CA PRO C 40 45.25 1.43 -11.82
C PRO C 40 46.23 1.94 -10.75
N VAL C 41 46.53 1.12 -9.75
CA VAL C 41 47.55 1.52 -8.80
C VAL C 41 48.95 1.63 -9.46
N ASN C 42 49.26 0.74 -10.42
CA ASN C 42 50.65 0.61 -10.88
C ASN C 42 50.78 0.37 -12.32
N GLY C 43 49.65 0.34 -13.03
CA GLY C 43 49.65 0.20 -14.45
C GLY C 43 49.99 -1.19 -14.91
N LYS C 44 50.04 -2.15 -14.00
CA LYS C 44 50.38 -3.53 -14.35
C LYS C 44 49.18 -4.35 -14.78
N LEU C 45 49.44 -5.39 -15.56
CA LEU C 45 48.41 -6.21 -16.16
C LEU C 45 47.95 -7.18 -15.12
N ILE C 46 46.64 -7.16 -14.83
CA ILE C 46 46.03 -8.08 -13.88
C ILE C 46 45.52 -9.29 -14.62
N SER C 47 44.88 -9.10 -15.77
CA SER C 47 44.31 -10.25 -16.48
C SER C 47 43.95 -9.93 -17.89
N ASP C 48 43.76 -10.97 -18.67
CA ASP C 48 43.21 -10.91 -19.98
C ASP C 48 41.70 -11.31 -19.89
N VAL C 49 40.87 -10.57 -20.60
CA VAL C 49 39.41 -10.73 -20.57
C VAL C 49 38.89 -11.07 -21.96
N PHE C 50 38.12 -12.13 -22.06
CA PHE C 50 37.59 -12.50 -23.35
C PHE C 50 36.37 -11.69 -23.74
N GLU C 51 36.44 -11.12 -24.93
CA GLU C 51 35.46 -10.20 -25.43
C GLU C 51 34.37 -10.97 -26.16
N ALA C 52 33.15 -11.01 -25.58
CA ALA C 52 32.05 -11.65 -26.28
C ALA C 52 31.75 -10.99 -27.61
N ASP C 53 31.55 -11.81 -28.65
CA ASP C 53 31.09 -11.32 -29.96
C ASP C 53 29.56 -11.43 -30.15
N ALA C 54 29.04 -10.94 -31.27
CA ALA C 54 27.60 -10.90 -31.50
C ALA C 54 26.96 -12.28 -31.40
N LYS C 55 27.63 -13.29 -31.90
CA LYS C 55 27.14 -14.64 -31.80
C LYS C 55 27.06 -15.20 -30.35
N GLN C 56 28.05 -14.82 -29.55
CA GLN C 56 28.04 -15.19 -28.16
C GLN C 56 26.93 -14.46 -27.40
N VAL C 57 26.73 -13.19 -27.70
CA VAL C 57 25.63 -12.41 -27.11
C VAL C 57 24.26 -13.06 -27.46
N ASN C 58 24.09 -13.46 -28.71
CA ASN C 58 22.87 -14.13 -29.14
C ASN C 58 22.72 -15.44 -28.39
N GLU C 59 23.82 -16.18 -28.23
CA GLU C 59 23.78 -17.44 -27.54
C GLU C 59 23.33 -17.28 -26.09
N ALA C 60 23.80 -16.21 -25.46
CA ALA C 60 23.39 -15.90 -24.06
C ALA C 60 21.91 -15.49 -23.99
N VAL C 61 21.44 -14.68 -24.92
CA VAL C 61 20.05 -14.23 -24.87
C VAL C 61 19.13 -15.38 -25.13
N VAL C 62 19.49 -16.23 -26.07
CA VAL C 62 18.67 -17.43 -26.29
C VAL C 62 18.63 -18.39 -25.13
N ALA C 63 19.77 -18.65 -24.52
CA ALA C 63 19.84 -19.44 -23.35
C ALA C 63 18.99 -18.85 -22.19
N ALA C 64 18.99 -17.53 -22.04
CA ALA C 64 18.17 -16.88 -21.02
C ALA C 64 16.66 -17.06 -21.35
N GLN C 65 16.27 -16.89 -22.62
CA GLN C 65 14.90 -17.07 -23.01
C GLN C 65 14.50 -18.52 -22.70
N ASN C 66 15.35 -19.48 -23.04
CA ASN C 66 15.02 -20.88 -22.76
C ASN C 66 14.92 -21.21 -21.29
N ALA C 67 15.78 -20.60 -20.48
CA ALA C 67 15.78 -20.89 -19.07
C ALA C 67 14.47 -20.43 -18.36
N LEU C 68 13.76 -19.50 -18.97
CA LEU C 68 12.49 -19.01 -18.37
C LEU C 68 11.46 -20.15 -18.38
N LYS C 69 11.61 -21.09 -19.31
CA LYS C 69 10.72 -22.27 -19.43
C LYS C 69 11.27 -23.51 -18.73
N GLY C 70 12.38 -23.39 -18.04
CA GLY C 70 13.02 -24.52 -17.43
C GLY C 70 12.65 -24.54 -15.98
N PRO C 71 13.44 -25.27 -15.17
CA PRO C 71 13.25 -25.41 -13.74
C PRO C 71 13.17 -24.07 -13.01
N TRP C 72 13.84 -23.05 -13.51
CA TRP C 72 13.80 -21.72 -12.85
C TRP C 72 12.39 -21.16 -12.85
N GLY C 73 11.71 -21.32 -13.97
CA GLY C 73 10.35 -20.86 -14.10
C GLY C 73 9.33 -21.62 -13.29
N LYS C 74 9.69 -22.80 -12.77
CA LYS C 74 8.75 -23.62 -11.92
C LYS C 74 8.97 -23.43 -10.46
N LEU C 75 9.99 -22.69 -10.05
CA LEU C 75 10.22 -22.47 -8.63
C LEU C 75 9.14 -21.62 -8.05
N SER C 76 8.70 -21.97 -6.85
CA SER C 76 7.83 -21.14 -6.10
C SER C 76 8.62 -19.87 -5.74
N VAL C 77 7.92 -18.81 -5.39
CA VAL C 77 8.56 -17.59 -4.96
C VAL C 77 9.39 -17.84 -3.69
N GLN C 78 8.94 -18.71 -2.79
CA GLN C 78 9.75 -19.07 -1.63
C GLN C 78 11.03 -19.83 -1.99
N ASP C 79 10.96 -20.77 -2.90
CA ASP C 79 12.14 -21.54 -3.30
C ASP C 79 13.13 -20.64 -4.09
N ARG C 80 12.59 -19.72 -4.91
CA ARG C 80 13.41 -18.77 -5.65
C ARG C 80 14.17 -17.87 -4.72
N ALA C 81 13.45 -17.32 -3.76
CA ALA C 81 14.07 -16.52 -2.72
C ALA C 81 15.12 -17.27 -1.89
N ALA C 82 14.87 -18.53 -1.59
CA ALA C 82 15.89 -19.31 -0.85
C ALA C 82 17.14 -19.49 -1.73
N LEU C 83 16.95 -19.70 -3.03
CA LEU C 83 18.11 -19.85 -3.90
C LEU C 83 18.90 -18.54 -4.01
N ILE C 84 18.19 -17.42 -4.02
CA ILE C 84 18.85 -16.10 -4.03
C ILE C 84 19.66 -15.87 -2.74
N HIS C 85 19.10 -16.27 -1.61
CA HIS C 85 19.87 -16.21 -0.36
C HIS C 85 21.13 -17.10 -0.40
N LYS C 86 21.07 -18.26 -1.03
CA LYS C 86 22.24 -19.06 -1.24
C LYS C 86 23.34 -18.39 -2.11
N ILE C 87 22.95 -17.57 -3.08
CA ILE C 87 23.90 -16.75 -3.85
C ILE C 87 24.57 -15.81 -2.85
N ALA C 88 23.78 -15.14 -2.03
CA ALA C 88 24.32 -14.21 -1.05
C ALA C 88 25.30 -14.91 -0.09
N ASP C 89 24.93 -16.09 0.37
CA ASP C 89 25.75 -16.91 1.25
C ASP C 89 27.06 -17.27 0.54
N GLY C 90 26.97 -17.59 -0.74
CA GLY C 90 28.09 -17.92 -1.56
C GLY C 90 29.10 -16.79 -1.71
N ILE C 91 28.62 -15.56 -1.69
CA ILE C 91 29.48 -14.40 -1.77
C ILE C 91 30.16 -14.22 -0.47
N GLN C 92 29.37 -14.26 0.60
CA GLN C 92 29.94 -14.24 1.95
C GLN C 92 31.01 -15.32 2.25
N ALA C 93 30.84 -16.50 1.74
CA ALA C 93 31.80 -17.54 1.95
C ALA C 93 33.11 -17.28 1.19
N ARG C 94 33.09 -16.40 0.19
CA ARG C 94 34.31 -16.04 -0.54
C ARG C 94 34.58 -14.56 -0.39
N PHE C 95 34.19 -14.02 0.75
CA PHE C 95 34.16 -12.59 1.00
C PHE C 95 35.50 -11.93 0.68
N GLU C 96 36.59 -12.48 1.22
CA GLU C 96 37.93 -11.91 0.95
C GLU C 96 38.37 -12.01 -0.48
N GLU C 97 37.97 -13.03 -1.20
CA GLU C 97 38.29 -13.07 -2.63
C GLU C 97 37.59 -11.93 -3.40
N PHE C 98 36.36 -11.64 -3.00
CA PHE C 98 35.62 -10.57 -3.68
C PHE C 98 36.24 -9.23 -3.42
N VAL C 99 36.65 -9.06 -2.17
CA VAL C 99 37.32 -7.84 -1.74
C VAL C 99 38.59 -7.68 -2.58
N ALA C 100 39.39 -8.73 -2.66
CA ALA C 100 40.67 -8.63 -3.44
C ALA C 100 40.39 -8.32 -4.89
N ALA C 101 39.33 -8.90 -5.44
CA ALA C 101 39.01 -8.67 -6.85
C ALA C 101 38.57 -7.22 -7.12
N GLU C 102 37.79 -6.64 -6.24
CA GLU C 102 37.32 -5.28 -6.50
C GLU C 102 38.46 -4.28 -6.31
N VAL C 103 39.27 -4.51 -5.29
CA VAL C 103 40.48 -3.73 -5.09
C VAL C 103 41.42 -3.77 -6.30
N ALA C 104 41.79 -4.97 -6.75
CA ALA C 104 42.70 -5.06 -7.87
C ALA C 104 42.26 -4.27 -9.10
N ASP C 105 40.98 -4.44 -9.47
CA ASP C 105 40.42 -3.74 -10.61
C ASP C 105 40.39 -2.22 -10.47
N THR C 106 40.10 -1.71 -9.30
CA THR C 106 39.74 -0.32 -9.15
C THR C 106 40.70 0.48 -8.30
N GLY C 107 41.55 -0.17 -7.52
CA GLY C 107 42.45 0.61 -6.63
C GLY C 107 41.79 1.14 -5.37
N ARG C 108 40.53 0.79 -5.16
CA ARG C 108 39.75 1.29 -4.06
C ARG C 108 40.39 0.81 -2.74
N PRO C 109 40.44 1.65 -1.69
CA PRO C 109 40.96 1.24 -0.41
C PRO C 109 40.32 -0.02 0.11
N VAL C 110 41.14 -0.92 0.66
CA VAL C 110 40.68 -2.20 1.12
C VAL C 110 39.62 -2.06 2.16
N HIS C 111 39.78 -1.09 3.05
CA HIS C 111 38.82 -0.92 4.10
C HIS C 111 37.39 -0.62 3.61
N GLN C 112 37.30 0.12 2.53
CA GLN C 112 36.02 0.44 2.01
C GLN C 112 35.39 -0.62 1.12
N ALA C 113 36.24 -1.44 0.49
CA ALA C 113 35.70 -2.59 -0.20
C ALA C 113 35.16 -3.55 0.84
N ARG C 114 35.84 -3.65 1.98
CA ARG C 114 35.40 -4.50 3.07
C ARG C 114 34.13 -4.05 3.73
N THR C 115 33.90 -2.76 3.82
CA THR C 115 32.77 -2.30 4.61
C THR C 115 31.59 -1.76 3.75
N LEU C 116 31.84 -1.17 2.59
CA LEU C 116 30.78 -0.74 1.68
C LEU C 116 30.52 -1.78 0.58
N ASP C 117 31.50 -1.98 -0.28
CA ASP C 117 31.22 -2.56 -1.58
C ASP C 117 30.69 -3.94 -1.43
N ILE C 118 31.45 -4.83 -0.77
CA ILE C 118 31.09 -6.23 -0.79
C ILE C 118 29.81 -6.50 0.06
N PRO C 119 29.76 -5.98 1.29
CA PRO C 119 28.58 -6.12 2.12
C PRO C 119 27.30 -5.61 1.41
N ARG C 120 27.36 -4.49 0.70
CA ARG C 120 26.19 -3.97 -0.01
C ARG C 120 25.75 -4.93 -1.08
N ALA C 121 26.68 -5.59 -1.78
CA ALA C 121 26.32 -6.54 -2.81
C ALA C 121 25.58 -7.73 -2.27
N ILE C 122 26.02 -8.19 -1.13
CA ILE C 122 25.38 -9.23 -0.46
C ILE C 122 23.99 -8.74 -0.02
N ALA C 123 23.90 -7.57 0.58
CA ALA C 123 22.59 -7.06 1.10
C ALA C 123 21.62 -6.86 -0.12
N ASN C 124 22.11 -6.43 -1.28
CA ASN C 124 21.21 -6.32 -2.45
C ASN C 124 20.47 -7.66 -2.71
N PHE C 125 21.19 -8.77 -2.69
CA PHE C 125 20.49 -10.04 -2.87
C PHE C 125 19.51 -10.38 -1.79
N ARG C 126 19.90 -10.21 -0.53
CA ARG C 126 18.99 -10.52 0.59
C ARG C 126 17.72 -9.67 0.66
N THR C 127 17.89 -8.40 0.38
CA THR C 127 16.80 -7.47 0.37
C THR C 127 15.81 -7.81 -0.71
N PHE C 128 16.29 -8.09 -1.92
CA PHE C 128 15.30 -8.32 -2.99
C PHE C 128 14.71 -9.71 -2.88
N ALA C 129 15.45 -10.67 -2.35
CA ALA C 129 14.88 -11.97 -2.02
C ALA C 129 13.73 -11.87 -1.01
N ASP C 130 13.93 -11.09 0.05
CA ASP C 130 12.92 -10.80 1.03
C ASP C 130 11.66 -10.05 0.49
N LEU C 131 11.88 -8.99 -0.25
CA LEU C 131 10.79 -8.33 -0.98
C LEU C 131 9.99 -9.24 -1.86
N ALA C 132 10.63 -10.11 -2.60
CA ALA C 132 9.96 -11.05 -3.44
C ALA C 132 8.96 -11.93 -2.68
N LYS C 133 9.30 -12.30 -1.45
CA LYS C 133 8.46 -13.15 -0.65
C LYS C 133 7.28 -12.42 -0.03
N THR C 134 7.44 -11.17 0.35
CA THR C 134 6.41 -10.40 0.99
C THR C 134 5.50 -9.64 0.00
N SER C 135 5.90 -9.53 -1.25
CA SER C 135 5.20 -8.59 -2.16
C SER C 135 3.88 -9.20 -2.59
N HIS C 136 2.90 -8.37 -2.81
CA HIS C 136 1.61 -8.86 -3.26
C HIS C 136 0.98 -7.84 -4.21
N THR C 137 -0.20 -8.14 -4.71
CA THR C 137 -0.80 -7.30 -5.78
C THR C 137 -2.20 -6.92 -5.32
N ASP C 138 -3.07 -6.49 -6.26
CA ASP C 138 -4.30 -5.77 -5.94
C ASP C 138 -5.58 -6.46 -6.39
N LEU C 139 -6.65 -6.24 -5.64
CA LEU C 139 -7.98 -6.69 -5.97
C LEU C 139 -8.93 -5.53 -6.05
N PHE C 140 -9.63 -5.40 -7.17
CA PHE C 140 -10.60 -4.32 -7.42
C PHE C 140 -11.97 -4.90 -7.74
N GLU C 141 -12.97 -4.56 -6.95
CA GLU C 141 -14.32 -5.05 -7.16
C GLU C 141 -15.10 -3.98 -7.90
N MET C 142 -15.99 -4.39 -8.77
CA MET C 142 -16.79 -3.38 -9.51
C MET C 142 -18.19 -3.88 -9.77
N SER C 143 -19.12 -2.92 -9.89
CA SER C 143 -20.50 -3.20 -10.26
C SER C 143 -20.59 -3.27 -11.77
N THR C 144 -21.56 -4.00 -12.26
CA THR C 144 -21.86 -4.06 -13.67
C THR C 144 -23.37 -3.87 -13.88
N SER C 145 -23.74 -3.57 -15.14
CA SER C 145 -25.18 -3.36 -15.52
C SER C 145 -26.13 -4.46 -15.07
N ASP C 146 -25.75 -5.72 -15.24
CA ASP C 146 -26.65 -6.80 -14.90
C ASP C 146 -26.74 -7.10 -13.40
N GLY C 147 -26.01 -6.36 -12.57
CA GLY C 147 -26.06 -6.56 -11.15
C GLY C 147 -25.20 -7.67 -10.59
N SER C 148 -24.46 -8.40 -11.44
CA SER C 148 -23.65 -9.52 -10.98
C SER C 148 -22.25 -9.12 -10.55
N GLY C 149 -21.74 -8.02 -11.05
CA GLY C 149 -20.46 -7.57 -10.69
C GLY C 149 -19.30 -8.21 -11.49
N ALA C 150 -18.09 -7.73 -11.24
CA ALA C 150 -16.89 -8.25 -11.86
C ALA C 150 -15.73 -8.05 -10.84
N LEU C 151 -14.67 -8.81 -11.02
CA LEU C 151 -13.46 -8.67 -10.21
C LEU C 151 -12.32 -8.42 -11.13
N ASN C 152 -11.50 -7.44 -10.84
CA ASN C 152 -10.22 -7.25 -11.47
C ASN C 152 -9.14 -7.59 -10.48
N TYR C 153 -8.22 -8.49 -10.83
CA TYR C 153 -7.04 -8.66 -9.97
C TYR C 153 -5.75 -8.56 -10.77
N THR C 154 -4.69 -8.13 -10.10
CA THR C 154 -3.43 -8.04 -10.76
C THR C 154 -2.49 -9.14 -10.28
N VAL C 155 -1.57 -9.51 -11.15
CA VAL C 155 -0.46 -10.45 -10.82
C VAL C 155 0.87 -9.93 -11.34
N ARG C 156 1.99 -10.31 -10.69
CA ARG C 156 3.30 -9.93 -11.13
C ARG C 156 3.90 -11.19 -11.74
N LYS C 157 4.45 -11.05 -12.94
CA LYS C 157 5.08 -12.17 -13.63
C LYS C 157 6.45 -11.67 -14.01
N PRO C 158 7.38 -12.57 -14.33
CA PRO C 158 8.68 -12.13 -14.82
C PRO C 158 8.48 -11.36 -16.09
N LEU C 159 9.21 -10.28 -16.23
CA LEU C 159 9.21 -9.53 -17.46
C LEU C 159 9.78 -10.32 -18.67
N GLY C 160 10.81 -11.12 -18.45
CA GLY C 160 11.47 -11.91 -19.50
C GLY C 160 13.02 -11.85 -19.31
N VAL C 161 13.76 -11.62 -20.38
CA VAL C 161 15.22 -11.57 -20.30
C VAL C 161 15.60 -10.12 -20.03
N ILE C 162 16.29 -9.88 -18.92
CA ILE C 162 16.75 -8.57 -18.60
C ILE C 162 18.21 -8.38 -19.04
N GLY C 163 18.46 -7.38 -19.86
CA GLY C 163 19.79 -6.95 -20.20
C GLY C 163 20.29 -5.96 -19.18
N VAL C 164 21.44 -6.23 -18.60
CA VAL C 164 22.03 -5.41 -17.52
C VAL C 164 23.41 -4.88 -18.03
N ILE C 165 23.56 -3.56 -18.09
CA ILE C 165 24.85 -2.95 -18.47
C ILE C 165 25.29 -2.01 -17.35
N SER C 166 26.49 -2.21 -16.85
CA SER C 166 26.87 -1.53 -15.63
C SER C 166 28.25 -0.89 -15.70
N PRO C 167 28.52 0.09 -14.79
CA PRO C 167 29.71 0.93 -14.87
C PRO C 167 30.79 0.46 -13.89
N TRP C 168 31.94 1.13 -13.94
CA TRP C 168 33.11 0.70 -13.24
C TRP C 168 33.29 1.28 -11.87
N ASN C 169 32.47 2.25 -11.46
CA ASN C 169 32.78 2.96 -10.22
C ASN C 169 32.50 2.20 -8.90
N LEU C 170 31.41 1.43 -8.88
CA LEU C 170 31.09 0.60 -7.74
C LEU C 170 30.70 -0.74 -8.33
N PRO C 171 31.69 -1.52 -8.76
CA PRO C 171 31.43 -2.56 -9.73
C PRO C 171 30.43 -3.60 -9.21
N LEU C 172 30.76 -4.29 -8.11
CA LEU C 172 29.88 -5.35 -7.65
C LEU C 172 28.54 -4.75 -7.11
N LEU C 173 28.62 -3.65 -6.41
CA LEU C 173 27.43 -3.04 -5.77
C LEU C 173 26.40 -2.67 -6.83
N LEU C 174 26.80 -1.96 -7.90
CA LEU C 174 25.92 -1.55 -8.95
C LEU C 174 25.49 -2.69 -9.85
N PHE C 175 26.34 -3.68 -10.01
CA PHE C 175 26.03 -4.86 -10.84
C PHE C 175 24.91 -5.65 -10.14
N THR C 176 25.08 -5.88 -8.86
CA THR C 176 24.13 -6.68 -8.11
C THR C 176 22.80 -5.94 -7.80
N TRP C 177 22.86 -4.63 -7.72
CA TRP C 177 21.70 -3.74 -7.54
C TRP C 177 20.72 -3.97 -8.68
N LYS C 178 21.16 -4.38 -9.87
CA LYS C 178 20.28 -4.71 -11.01
C LYS C 178 20.00 -6.20 -11.08
N VAL C 179 21.04 -7.02 -10.88
CA VAL C 179 20.92 -8.46 -11.01
C VAL C 179 20.01 -9.05 -9.92
N ALA C 180 20.11 -8.57 -8.67
CA ALA C 180 19.31 -9.13 -7.59
C ALA C 180 17.78 -8.97 -7.79
N PRO C 181 17.32 -7.75 -8.08
CA PRO C 181 15.85 -7.67 -8.28
C PRO C 181 15.41 -8.36 -9.57
N ALA C 182 16.28 -8.39 -10.59
CA ALA C 182 15.91 -9.05 -11.83
C ALA C 182 15.62 -10.48 -11.53
N LEU C 183 16.51 -11.11 -10.78
CA LEU C 183 16.35 -12.54 -10.47
C LEU C 183 15.24 -12.75 -9.45
N ALA C 184 15.16 -11.90 -8.44
CA ALA C 184 14.15 -12.06 -7.43
C ALA C 184 12.74 -12.03 -8.05
N CYS C 185 12.60 -11.34 -9.18
CA CYS C 185 11.32 -11.23 -9.90
C CYS C 185 11.13 -12.34 -10.90
N GLY C 186 12.01 -13.35 -10.89
CA GLY C 186 11.87 -14.57 -11.69
C GLY C 186 12.34 -14.37 -13.10
N ASN C 187 12.92 -13.23 -13.42
CA ASN C 187 13.49 -13.07 -14.75
C ASN C 187 14.82 -13.88 -14.94
N THR C 188 15.33 -13.87 -16.17
CA THR C 188 16.70 -14.36 -16.46
C THR C 188 17.46 -13.14 -16.94
N VAL C 189 18.80 -13.24 -16.91
CA VAL C 189 19.68 -12.09 -17.04
C VAL C 189 20.85 -12.35 -18.02
N VAL C 190 21.12 -11.37 -18.85
CA VAL C 190 22.38 -11.27 -19.59
C VAL C 190 23.03 -9.95 -19.14
N ALA C 191 24.22 -10.04 -18.56
CA ALA C 191 24.83 -8.93 -17.90
C ALA C 191 26.21 -8.67 -18.46
N LYS C 192 26.48 -7.39 -18.71
CA LYS C 192 27.72 -6.91 -19.29
C LYS C 192 28.31 -5.91 -18.30
N PRO C 193 29.25 -6.35 -17.49
CA PRO C 193 29.95 -5.43 -16.63
C PRO C 193 30.91 -4.51 -17.38
N SER C 194 31.36 -3.43 -16.74
CA SER C 194 32.28 -2.51 -17.42
C SER C 194 33.62 -3.23 -17.74
N GLU C 195 34.13 -2.94 -18.92
CA GLU C 195 35.48 -3.37 -19.34
C GLU C 195 36.61 -3.04 -18.38
N GLU C 196 36.42 -2.00 -17.55
CA GLU C 196 37.42 -1.54 -16.54
C GLU C 196 37.37 -2.32 -15.22
N SER C 197 36.25 -2.99 -14.94
CA SER C 197 36.11 -3.75 -13.66
C SER C 197 35.38 -5.08 -13.87
N PRO C 198 35.97 -5.99 -14.63
CA PRO C 198 35.28 -7.23 -14.97
C PRO C 198 35.42 -8.33 -13.92
N SER C 199 36.33 -8.16 -12.93
CA SER C 199 36.71 -9.30 -12.07
C SER C 199 35.65 -9.77 -11.10
N SER C 200 35.10 -8.86 -10.31
CA SER C 200 34.13 -9.31 -9.28
C SER C 200 32.90 -9.92 -9.94
N ALA C 201 32.55 -9.45 -11.11
CA ALA C 201 31.37 -10.00 -11.81
C ALA C 201 31.64 -11.42 -12.26
N THR C 202 32.85 -11.67 -12.72
CA THR C 202 33.26 -13.05 -13.09
C THR C 202 33.22 -13.99 -11.86
N LEU C 203 33.72 -13.52 -10.72
CA LEU C 203 33.62 -14.25 -9.46
C LEU C 203 32.17 -14.59 -9.14
N LEU C 204 31.30 -13.62 -9.36
CA LEU C 204 29.88 -13.85 -9.12
C LEU C 204 29.30 -14.92 -9.98
N ALA C 205 29.69 -14.99 -11.25
CA ALA C 205 29.28 -16.14 -12.10
C ALA C 205 29.72 -17.49 -11.49
N GLU C 206 30.89 -17.54 -10.86
CA GLU C 206 31.31 -18.78 -10.15
C GLU C 206 30.39 -19.05 -8.97
N VAL C 207 30.05 -18.04 -8.21
CA VAL C 207 29.13 -18.24 -7.10
C VAL C 207 27.75 -18.78 -7.56
N MET C 208 27.25 -18.26 -8.69
CA MET C 208 25.99 -18.67 -9.24
C MET C 208 26.07 -20.12 -9.63
N HIS C 209 27.09 -20.46 -10.41
CA HIS C 209 27.32 -21.80 -10.82
C HIS C 209 27.38 -22.71 -9.62
N ASP C 210 28.18 -22.39 -8.63
CA ASP C 210 28.31 -23.29 -7.50
C ASP C 210 27.07 -23.35 -6.64
N ALA C 211 26.21 -22.33 -6.68
CA ALA C 211 24.99 -22.35 -5.87
C ALA C 211 23.91 -23.19 -6.54
N GLY C 212 24.15 -23.65 -7.77
CA GLY C 212 23.21 -24.44 -8.52
C GLY C 212 22.19 -23.64 -9.31
N VAL C 213 22.49 -22.37 -9.57
CA VAL C 213 21.56 -21.58 -10.37
C VAL C 213 21.47 -22.26 -11.71
N PRO C 214 20.25 -22.60 -12.14
CA PRO C 214 20.12 -23.32 -13.43
C PRO C 214 20.75 -22.64 -14.63
N PRO C 215 21.31 -23.44 -15.55
CA PRO C 215 22.03 -22.86 -16.69
C PRO C 215 21.14 -21.98 -17.49
N GLY C 216 21.69 -20.85 -17.92
CA GLY C 216 20.97 -19.85 -18.70
C GLY C 216 20.23 -18.79 -17.89
N VAL C 217 20.05 -19.01 -16.58
CA VAL C 217 19.36 -18.00 -15.74
C VAL C 217 20.20 -16.74 -15.57
N PHE C 218 21.51 -16.93 -15.46
CA PHE C 218 22.47 -15.79 -15.32
C PHE C 218 23.61 -15.98 -16.31
N ASN C 219 23.81 -15.01 -17.20
CA ASN C 219 24.81 -15.11 -18.21
C ASN C 219 25.65 -13.82 -18.13
N LEU C 220 26.96 -13.98 -18.22
CA LEU C 220 27.88 -12.86 -18.07
C LEU C 220 28.63 -12.73 -19.36
N ILE C 221 28.59 -11.56 -19.94
CA ILE C 221 29.29 -11.34 -21.18
C ILE C 221 30.27 -10.17 -21.00
N HIS C 222 31.52 -10.33 -21.39
CA HIS C 222 32.52 -9.27 -21.31
C HIS C 222 32.67 -8.51 -22.60
N GLY C 223 33.05 -7.25 -22.46
CA GLY C 223 33.31 -6.43 -23.60
C GLY C 223 33.15 -4.97 -23.41
N PHE C 224 33.09 -4.25 -24.52
CA PHE C 224 32.99 -2.78 -24.49
C PHE C 224 31.57 -2.39 -24.87
N GLY C 225 31.37 -1.11 -25.19
CA GLY C 225 30.06 -0.55 -25.49
C GLY C 225 29.80 -0.61 -26.95
N LYS C 226 30.02 0.52 -27.61
CA LYS C 226 29.81 0.66 -29.05
C LYS C 226 30.60 -0.41 -29.82
N ASP C 227 29.98 -0.98 -30.85
CA ASP C 227 30.58 -2.05 -31.66
C ASP C 227 31.14 -3.27 -30.89
N SER C 228 30.57 -3.52 -29.73
CA SER C 228 31.04 -4.59 -28.87
C SER C 228 29.83 -5.18 -28.04
N ALA C 229 30.11 -5.99 -27.02
CA ALA C 229 29.07 -6.79 -26.32
C ALA C 229 27.91 -5.90 -25.82
N GLY C 230 28.23 -4.68 -25.36
CA GLY C 230 27.25 -3.74 -24.80
C GLY C 230 26.24 -3.38 -25.84
N GLU C 231 26.74 -2.97 -26.98
CA GLU C 231 25.87 -2.60 -28.08
C GLU C 231 25.10 -3.80 -28.58
N PHE C 232 25.74 -4.97 -28.69
CA PHE C 232 25.03 -6.14 -29.26
C PHE C 232 23.84 -6.56 -28.38
N LEU C 233 23.99 -6.40 -27.07
CA LEU C 233 22.94 -6.75 -26.10
C LEU C 233 21.77 -5.83 -26.32
N THR C 234 22.06 -4.55 -26.37
CA THR C 234 21.06 -3.52 -26.53
C THR C 234 20.29 -3.60 -27.87
N GLN C 235 20.91 -4.16 -28.90
CA GLN C 235 20.21 -4.37 -30.17
C GLN C 235 19.47 -5.72 -30.26
N HIS C 236 19.68 -6.62 -29.32
CA HIS C 236 19.14 -7.94 -29.48
C HIS C 236 17.61 -7.93 -29.22
N PRO C 237 16.82 -8.47 -30.15
CA PRO C 237 15.36 -8.44 -30.11
C PRO C 237 14.79 -9.40 -29.06
N GLY C 238 15.60 -10.30 -28.54
CA GLY C 238 15.17 -11.25 -27.51
C GLY C 238 15.11 -10.77 -26.05
N ILE C 239 15.62 -9.58 -25.75
CA ILE C 239 15.59 -9.10 -24.41
C ILE C 239 14.22 -8.45 -24.20
N SER C 240 13.77 -8.33 -22.94
CA SER C 240 12.54 -7.58 -22.63
C SER C 240 12.77 -6.21 -22.00
N ALA C 241 13.96 -5.96 -21.53
CA ALA C 241 14.26 -4.76 -20.79
C ALA C 241 15.76 -4.55 -20.79
N LEU C 242 16.18 -3.31 -20.69
CA LEU C 242 17.59 -2.90 -20.57
C LEU C 242 17.67 -2.00 -19.36
N THR C 243 18.38 -2.42 -18.33
CA THR C 243 18.64 -1.51 -17.23
C THR C 243 20.10 -1.11 -17.22
N PHE C 244 20.34 0.17 -16.98
CA PHE C 244 21.63 0.77 -17.24
C PHE C 244 22.00 1.80 -16.19
N THR C 245 23.26 1.82 -15.82
CA THR C 245 23.83 2.89 -15.03
C THR C 245 25.12 3.38 -15.70
N GLY C 246 25.25 4.68 -15.89
CA GLY C 246 26.40 5.24 -16.59
C GLY C 246 26.24 6.67 -17.04
N GLU C 247 26.96 7.02 -18.09
CA GLU C 247 26.91 8.41 -18.60
C GLU C 247 25.59 8.73 -19.25
N SER C 248 25.11 9.98 -19.09
CA SER C 248 23.84 10.38 -19.80
C SER C 248 23.84 10.17 -21.29
N LYS C 249 24.94 10.49 -21.96
CA LYS C 249 24.96 10.32 -23.40
C LYS C 249 24.89 8.83 -23.81
N THR C 250 25.42 7.94 -22.99
CA THR C 250 25.32 6.53 -23.28
C THR C 250 23.84 6.13 -23.06
N GLY C 251 23.19 6.67 -22.03
CA GLY C 251 21.73 6.38 -21.86
C GLY C 251 20.92 6.77 -23.08
N SER C 252 21.20 7.94 -23.63
CA SER C 252 20.51 8.38 -24.83
C SER C 252 20.73 7.45 -26.03
N THR C 253 21.98 7.04 -26.24
CA THR C 253 22.29 6.06 -27.29
C THR C 253 21.53 4.71 -27.13
N ILE C 254 21.48 4.20 -25.91
CA ILE C 254 20.80 2.95 -25.64
C ILE C 254 19.31 3.13 -25.87
N MET C 255 18.75 4.23 -25.43
CA MET C 255 17.33 4.44 -25.59
C MET C 255 16.94 4.43 -27.08
N LYS C 256 17.80 4.97 -27.93
CA LYS C 256 17.60 4.82 -29.40
C LYS C 256 17.74 3.42 -29.91
N ALA C 257 18.73 2.71 -29.39
CA ALA C 257 18.95 1.34 -29.81
C ALA C 257 17.76 0.41 -29.53
N VAL C 258 17.10 0.60 -28.38
CA VAL C 258 16.00 -0.31 -28.01
C VAL C 258 14.63 0.13 -28.54
N ALA C 259 14.58 1.28 -29.21
CA ALA C 259 13.34 1.93 -29.54
C ALA C 259 12.45 1.08 -30.49
N ASP C 260 13.06 0.45 -31.47
CA ASP C 260 12.27 -0.32 -32.47
C ASP C 260 11.66 -1.55 -31.81
N GLY C 261 12.24 -2.05 -30.74
CA GLY C 261 11.56 -3.12 -29.98
C GLY C 261 10.68 -2.61 -28.85
N VAL C 262 10.68 -1.30 -28.62
CA VAL C 262 9.98 -0.66 -27.49
C VAL C 262 10.28 -1.40 -26.19
N LYS C 263 11.56 -1.71 -25.94
CA LYS C 263 11.92 -2.41 -24.71
C LYS C 263 11.76 -1.50 -23.50
N GLU C 264 11.47 -2.11 -22.35
CA GLU C 264 11.39 -1.34 -21.09
C GLU C 264 12.81 -0.90 -20.71
N VAL C 265 12.95 0.31 -20.19
CA VAL C 265 14.27 0.87 -19.87
C VAL C 265 14.26 1.54 -18.52
N SER C 266 15.37 1.41 -17.79
CA SER C 266 15.58 2.06 -16.51
C SER C 266 17.00 2.58 -16.51
N PHE C 267 17.15 3.88 -16.40
CA PHE C 267 18.43 4.55 -16.49
C PHE C 267 18.78 5.31 -15.25
N GLU C 268 19.99 5.09 -14.76
CA GLU C 268 20.55 5.94 -13.67
C GLU C 268 21.80 6.57 -14.27
N LEU C 269 21.79 7.90 -14.44
CA LEU C 269 22.78 8.52 -15.32
C LEU C 269 23.63 9.56 -14.57
N GLY C 270 24.18 10.53 -15.28
CA GLY C 270 25.07 11.45 -14.53
C GLY C 270 24.44 12.33 -13.44
N GLY C 271 25.30 13.04 -12.75
CA GLY C 271 24.84 14.23 -12.06
C GLY C 271 25.93 15.29 -12.01
N LYS C 272 25.54 16.53 -11.70
CA LYS C 272 26.51 17.49 -11.20
C LYS C 272 25.99 17.98 -9.90
N ASN C 273 26.18 17.19 -8.84
CA ASN C 273 25.45 17.40 -7.63
C ASN C 273 26.01 18.53 -6.79
N ALA C 274 25.13 19.20 -6.06
CA ALA C 274 25.48 20.25 -5.13
C ALA C 274 25.42 19.78 -3.69
N ALA C 275 26.23 20.38 -2.85
CA ALA C 275 26.00 20.43 -1.41
C ALA C 275 25.74 21.86 -1.02
N VAL C 276 24.84 22.10 -0.08
CA VAL C 276 24.55 23.44 0.39
C VAL C 276 24.76 23.52 1.88
N VAL C 277 25.58 24.47 2.31
CA VAL C 277 25.83 24.67 3.72
C VAL C 277 25.29 25.99 4.19
N PHE C 278 24.23 25.94 4.97
CA PHE C 278 23.63 27.15 5.52
C PHE C 278 24.35 27.67 6.72
N ALA C 279 24.13 28.95 7.02
CA ALA C 279 24.89 29.59 8.13
C ALA C 279 24.63 28.87 9.45
N ASP C 280 23.43 28.29 9.64
CA ASP C 280 23.15 27.59 10.89
C ASP C 280 23.56 26.10 10.89
N ALA C 281 24.37 25.68 9.91
CA ALA C 281 24.87 24.31 9.89
C ALA C 281 25.80 24.07 11.08
N ASP C 282 25.91 22.82 11.52
CA ASP C 282 26.99 22.45 12.41
C ASP C 282 28.25 22.46 11.53
N LEU C 283 29.16 23.44 11.74
CA LEU C 283 30.19 23.73 10.75
C LEU C 283 31.17 22.60 10.55
N ASP C 284 31.70 22.07 11.64
CA ASP C 284 32.68 21.00 11.56
C ASP C 284 32.07 19.76 10.97
N ALA C 285 30.79 19.50 11.27
CA ALA C 285 30.13 18.36 10.65
C ALA C 285 29.94 18.54 9.16
N ALA C 286 29.62 19.77 8.74
CA ALA C 286 29.45 20.05 7.32
C ALA C 286 30.77 19.93 6.57
N ILE C 287 31.86 20.41 7.19
CA ILE C 287 33.20 20.23 6.59
C ILE C 287 33.55 18.75 6.37
N GLU C 288 33.43 17.97 7.40
CA GLU C 288 33.64 16.55 7.31
C GLU C 288 32.69 15.89 6.26
N GLY C 289 31.47 16.38 6.18
CA GLY C 289 30.48 15.78 5.32
C GLY C 289 30.74 16.09 3.87
N VAL C 290 31.15 17.33 3.61
CA VAL C 290 31.57 17.70 2.27
C VAL C 290 32.88 17.08 1.80
N LEU C 291 33.78 16.92 2.72
CA LEU C 291 34.96 16.12 2.46
C LEU C 291 34.60 14.70 1.95
N ARG C 292 33.74 14.01 2.68
CA ARG C 292 33.26 12.69 2.24
C ARG C 292 32.54 12.77 0.94
N SER C 293 31.57 13.67 0.81
CA SER C 293 30.79 13.72 -0.42
C SER C 293 31.60 14.16 -1.68
N SER C 294 32.74 14.80 -1.49
CA SER C 294 33.57 15.24 -2.64
C SER C 294 34.64 14.23 -3.04
N PHE C 295 35.19 13.54 -2.05
CA PHE C 295 36.38 12.78 -2.30
C PHE C 295 36.30 11.30 -2.02
N THR C 296 35.16 10.82 -1.56
CA THR C 296 34.94 9.35 -1.44
C THR C 296 35.15 8.66 -2.76
N ASN C 297 35.77 7.48 -2.71
CA ASN C 297 36.11 6.74 -3.95
C ASN C 297 36.83 7.63 -4.94
N SER C 298 37.62 8.57 -4.42
CA SER C 298 38.30 9.55 -5.24
C SER C 298 37.34 10.38 -6.16
N GLY C 299 36.15 10.68 -5.63
CA GLY C 299 35.11 11.46 -6.35
C GLY C 299 34.46 10.76 -7.51
N GLN C 300 34.72 9.46 -7.63
CA GLN C 300 34.20 8.65 -8.76
C GLN C 300 32.90 7.95 -8.29
N VAL C 301 32.02 8.68 -7.60
CA VAL C 301 30.67 8.18 -7.35
C VAL C 301 29.72 9.16 -8.02
N CYS C 302 28.67 8.66 -8.70
CA CYS C 302 27.71 9.57 -9.33
C CYS C 302 27.06 10.51 -8.33
N LEU C 303 27.03 10.13 -7.07
CA LEU C 303 26.42 10.92 -6.03
C LEU C 303 27.31 12.00 -5.43
N CYS C 304 28.57 12.03 -5.82
CA CYS C 304 29.49 13.01 -5.23
C CYS C 304 29.09 14.47 -5.50
N SER C 305 29.44 15.35 -4.56
CA SER C 305 29.23 16.79 -4.71
C SER C 305 30.39 17.45 -5.45
N GLU C 306 30.19 17.85 -6.70
CA GLU C 306 31.25 18.62 -7.38
C GLU C 306 31.04 20.16 -7.28
N ARG C 307 29.88 20.60 -6.76
CA ARG C 307 29.53 22.00 -6.61
C ARG C 307 29.14 22.14 -5.14
N VAL C 308 29.70 23.12 -4.44
CA VAL C 308 29.33 23.38 -3.11
C VAL C 308 28.97 24.84 -2.96
N TYR C 309 27.84 25.14 -2.29
CA TYR C 309 27.42 26.48 -1.99
C TYR C 309 27.41 26.67 -0.49
N VAL C 310 28.09 27.72 -0.01
CA VAL C 310 28.26 27.96 1.42
C VAL C 310 27.86 29.39 1.76
N HIS C 311 27.09 29.59 2.83
CA HIS C 311 26.63 30.88 3.11
C HIS C 311 27.86 31.83 3.33
N ARG C 312 27.73 33.06 2.85
CA ARG C 312 28.87 34.04 2.84
C ARG C 312 29.46 34.23 4.23
N SER C 313 28.65 34.23 5.24
CA SER C 313 29.09 34.47 6.60
C SER C 313 30.04 33.41 7.17
N ILE C 314 30.08 32.21 6.56
CA ILE C 314 30.98 31.13 6.98
C ILE C 314 31.85 30.60 5.85
N PHE C 315 31.81 31.25 4.72
CA PHE C 315 32.50 30.77 3.54
C PHE C 315 33.99 30.62 3.80
N ASP C 316 34.66 31.68 4.27
CA ASP C 316 36.14 31.59 4.39
C ASP C 316 36.56 30.56 5.40
N GLU C 317 35.84 30.51 6.52
CA GLU C 317 36.12 29.54 7.54
C GLU C 317 35.89 28.10 6.98
N PHE C 318 34.85 27.90 6.17
CA PHE C 318 34.59 26.59 5.56
C PHE C 318 35.69 26.16 4.62
N VAL C 319 36.06 27.04 3.71
CA VAL C 319 37.09 26.71 2.74
C VAL C 319 38.41 26.37 3.44
N SER C 320 38.77 27.15 4.46
CA SER C 320 39.97 26.91 5.26
C SER C 320 39.92 25.57 5.96
N GLY C 321 38.81 25.28 6.62
CA GLY C 321 38.70 23.98 7.26
C GLY C 321 38.81 22.84 6.25
N LEU C 322 38.14 23.02 5.11
CA LEU C 322 38.04 21.96 4.15
C LEU C 322 39.43 21.77 3.55
N LYS C 323 40.14 22.86 3.34
CA LYS C 323 41.52 22.78 2.86
C LYS C 323 42.36 21.91 3.75
N VAL C 324 42.28 22.15 5.05
CA VAL C 324 43.10 21.39 6.00
C VAL C 324 42.78 19.89 5.94
N GLU C 325 41.48 19.57 6.00
CA GLU C 325 41.05 18.15 5.94
C GLU C 325 41.45 17.48 4.66
N ALA C 326 41.39 18.20 3.55
CA ALA C 326 41.68 17.64 2.28
C ALA C 326 43.16 17.30 2.17
N GLU C 327 43.99 18.15 2.79
CA GLU C 327 45.47 17.95 2.77
C GLU C 327 45.88 16.90 3.77
N ARG C 328 45.01 16.55 4.71
CA ARG C 328 45.31 15.42 5.59
C ARG C 328 44.94 14.06 4.97
N LEU C 329 44.21 14.05 3.85
CA LEU C 329 43.85 12.76 3.24
C LEU C 329 45.12 12.07 2.69
N VAL C 330 45.21 10.78 2.97
CA VAL C 330 46.28 9.95 2.49
C VAL C 330 45.94 9.23 1.22
N VAL C 331 46.75 9.48 0.22
CA VAL C 331 46.49 9.04 -1.13
C VAL C 331 47.56 8.00 -1.45
N GLY C 332 47.19 6.73 -1.59
CA GLY C 332 48.24 5.71 -1.78
C GLY C 332 47.74 4.31 -2.02
N TYR C 333 48.42 3.32 -1.43
CA TYR C 333 48.10 1.90 -1.67
C TYR C 333 46.74 1.57 -1.02
N PRO C 334 45.93 0.68 -1.66
CA PRO C 334 44.68 0.22 -1.09
C PRO C 334 44.86 -0.35 0.28
N ASP C 335 46.00 -0.98 0.56
CA ASP C 335 46.23 -1.53 1.87
C ASP C 335 47.15 -0.69 2.75
N GLN C 336 47.51 0.52 2.31
CA GLN C 336 48.41 1.34 3.13
C GLN C 336 47.70 1.78 4.42
N ASP C 337 48.46 1.92 5.50
CA ASP C 337 47.96 2.24 6.84
C ASP C 337 46.68 2.98 6.91
N GLY C 338 46.72 4.30 6.78
CA GLY C 338 45.46 5.07 6.95
C GLY C 338 44.98 5.64 5.64
N VAL C 339 45.12 4.87 4.57
CA VAL C 339 44.81 5.36 3.24
C VAL C 339 43.34 5.86 3.20
N ASN C 340 43.08 6.97 2.54
CA ASN C 340 41.74 7.48 2.33
C ASN C 340 41.33 7.40 0.86
N MET C 341 42.29 7.61 -0.04
CA MET C 341 42.05 7.67 -1.46
C MET C 341 43.00 6.80 -2.23
N GLY C 342 42.46 6.11 -3.24
CA GLY C 342 43.22 5.30 -4.19
C GLY C 342 43.31 6.10 -5.47
N PRO C 343 43.75 5.48 -6.55
CA PRO C 343 43.85 6.14 -7.83
C PRO C 343 42.48 6.29 -8.52
N LEU C 344 42.48 6.94 -9.66
CA LEU C 344 41.37 6.89 -10.59
C LEU C 344 41.35 5.53 -11.27
N ILE C 345 40.28 5.27 -12.00
CA ILE C 345 40.03 3.96 -12.55
C ILE C 345 41.06 3.57 -13.64
N SER C 346 41.52 4.54 -14.39
CA SER C 346 42.39 4.28 -15.49
C SER C 346 43.15 5.52 -15.90
N HIS C 347 44.12 5.34 -16.79
CA HIS C 347 44.89 6.45 -17.33
C HIS C 347 44.06 7.29 -18.23
N GLY C 348 43.12 6.67 -18.96
CA GLY C 348 42.27 7.43 -19.88
C GLY C 348 41.34 8.36 -19.12
N HIS C 349 40.84 7.87 -17.98
CA HIS C 349 39.99 8.67 -17.14
C HIS C 349 40.80 9.76 -16.45
N ARG C 350 42.00 9.41 -15.99
CA ARG C 350 42.88 10.46 -15.48
C ARG C 350 43.20 11.52 -16.51
N ASP C 351 43.42 11.14 -17.75
CA ASP C 351 43.59 12.19 -18.76
C ASP C 351 42.39 13.14 -18.86
N LYS C 352 41.18 12.60 -18.76
CA LYS C 352 40.01 13.44 -18.78
C LYS C 352 39.97 14.36 -17.55
N VAL C 353 40.26 13.81 -16.38
CA VAL C 353 40.18 14.61 -15.18
C VAL C 353 41.24 15.70 -15.19
N LEU C 354 42.46 15.36 -15.56
CA LEU C 354 43.52 16.38 -15.68
C LEU C 354 43.19 17.44 -16.71
N SER C 355 42.52 17.07 -17.78
CA SER C 355 42.05 18.03 -18.74
C SER C 355 41.10 19.06 -18.10
N TYR C 356 40.28 18.60 -17.17
CA TYR C 356 39.40 19.51 -16.47
C TYR C 356 40.17 20.37 -15.47
N TYR C 357 41.13 19.79 -14.79
CA TYR C 357 42.00 20.53 -13.89
C TYR C 357 42.69 21.70 -14.63
N ARG C 358 43.10 21.47 -15.88
CA ARG C 358 43.69 22.57 -16.74
C ARG C 358 42.66 23.60 -17.13
N LEU C 359 41.50 23.12 -17.55
CA LEU C 359 40.40 23.99 -17.93
C LEU C 359 39.97 24.92 -16.81
N ALA C 360 39.99 24.43 -15.59
CA ALA C 360 39.61 25.26 -14.47
C ALA C 360 40.52 26.48 -14.29
N VAL C 361 41.82 26.26 -14.46
CA VAL C 361 42.82 27.32 -14.33
C VAL C 361 42.49 28.33 -15.41
N ASP C 362 42.35 27.84 -16.60
CA ASP C 362 42.07 28.67 -17.76
C ASP C 362 40.76 29.39 -17.64
N GLU C 363 39.82 28.87 -16.85
CA GLU C 363 38.52 29.54 -16.73
C GLU C 363 38.61 30.56 -15.61
N GLY C 364 39.76 30.66 -14.91
CA GLY C 364 39.92 31.66 -13.86
C GLY C 364 39.89 31.17 -12.42
N ALA C 365 39.88 29.85 -12.23
CA ALA C 365 39.70 29.33 -10.89
C ALA C 365 40.92 29.60 -10.07
N THR C 366 40.69 29.77 -8.78
CA THR C 366 41.74 29.71 -7.81
C THR C 366 41.85 28.30 -7.29
N VAL C 367 43.08 27.80 -7.22
CA VAL C 367 43.34 26.47 -6.73
C VAL C 367 43.66 26.51 -5.27
N VAL C 368 42.70 26.13 -4.45
CA VAL C 368 42.90 26.16 -3.03
C VAL C 368 43.85 25.06 -2.63
N THR C 369 43.81 23.95 -3.37
CA THR C 369 44.54 22.70 -3.01
C THR C 369 44.45 21.72 -4.14
N GLY C 370 45.50 20.91 -4.25
CA GLY C 370 45.60 19.90 -5.28
C GLY C 370 45.84 20.48 -6.63
N GLY C 371 45.10 20.01 -7.62
CA GLY C 371 45.27 20.49 -8.97
C GLY C 371 46.25 19.78 -9.89
N GLY C 372 46.93 18.75 -9.40
CA GLY C 372 47.86 17.95 -10.23
C GLY C 372 47.90 16.50 -9.75
N VAL C 373 49.03 15.84 -9.93
CA VAL C 373 49.19 14.43 -9.53
C VAL C 373 50.27 14.26 -8.47
N PRO C 374 50.04 13.42 -7.46
CA PRO C 374 51.04 13.21 -6.42
C PRO C 374 52.28 12.53 -6.94
N LYS C 375 53.38 12.71 -6.21
CA LYS C 375 54.66 12.11 -6.60
C LYS C 375 55.07 11.08 -5.61
N PHE C 376 55.17 9.83 -6.06
CA PHE C 376 55.46 8.73 -5.10
C PHE C 376 56.94 8.27 -5.20
N ASN C 377 57.57 8.49 -6.34
CA ASN C 377 58.89 7.89 -6.59
C ASN C 377 58.87 6.40 -6.33
N ASP C 378 57.84 5.73 -6.85
CA ASP C 378 57.78 4.28 -6.85
C ASP C 378 56.76 3.87 -7.95
N GLU C 379 56.40 2.59 -8.00
CA GLU C 379 55.54 2.10 -9.05
C GLU C 379 54.17 2.86 -9.13
N ARG C 380 53.75 3.50 -8.04
CA ARG C 380 52.48 4.28 -8.11
C ARG C 380 52.56 5.40 -9.16
N ASP C 381 53.78 5.83 -9.50
CA ASP C 381 53.93 6.81 -10.59
C ASP C 381 53.48 6.26 -11.92
N GLN C 382 53.46 4.93 -12.07
CA GLN C 382 52.90 4.39 -13.31
C GLN C 382 51.35 4.18 -13.18
N GLY C 383 50.79 4.54 -12.05
CA GLY C 383 49.34 4.37 -11.81
C GLY C 383 48.53 5.51 -12.40
N ALA C 384 47.33 5.71 -11.84
CA ALA C 384 46.43 6.71 -12.38
C ALA C 384 45.98 7.63 -11.27
N TYR C 385 46.88 7.97 -10.39
CA TYR C 385 46.56 8.91 -9.32
C TYR C 385 46.42 10.40 -9.64
N VAL C 386 45.57 11.09 -8.87
CA VAL C 386 45.44 12.54 -8.92
C VAL C 386 45.18 13.00 -7.48
N GLN C 387 45.31 14.30 -7.28
CA GLN C 387 45.19 14.84 -5.96
C GLN C 387 43.74 15.33 -5.72
N PRO C 388 43.29 15.28 -4.47
CA PRO C 388 42.09 15.93 -4.01
C PRO C 388 42.19 17.40 -4.30
N THR C 389 41.23 17.97 -4.97
CA THR C 389 41.34 19.33 -5.43
C THR C 389 40.13 20.16 -5.02
N ILE C 390 40.37 21.39 -4.56
CA ILE C 390 39.31 22.36 -4.30
C ILE C 390 39.48 23.62 -5.18
N TRP C 391 38.45 24.02 -5.92
CA TRP C 391 38.48 25.32 -6.59
C TRP C 391 37.58 26.34 -5.92
N THR C 392 37.90 27.59 -6.23
CA THR C 392 37.10 28.70 -5.87
C THR C 392 37.15 29.71 -7.01
N GLY C 393 36.20 30.64 -7.04
CA GLY C 393 36.29 31.78 -7.95
C GLY C 393 35.61 31.66 -9.30
N LEU C 394 34.97 30.54 -9.59
CA LEU C 394 34.34 30.37 -10.88
C LEU C 394 32.92 30.84 -10.90
N SER C 395 32.46 31.21 -12.09
CA SER C 395 31.06 31.60 -12.19
C SER C 395 30.14 30.39 -12.36
N ASP C 396 28.85 30.63 -12.22
CA ASP C 396 27.85 29.57 -12.35
C ASP C 396 27.81 28.95 -13.74
N LYS C 397 28.25 29.68 -14.76
CA LYS C 397 28.23 29.17 -16.15
C LYS C 397 29.53 28.52 -16.62
N ALA C 398 30.58 28.57 -15.80
CA ALA C 398 31.82 27.89 -16.16
C ALA C 398 31.56 26.41 -16.48
N ARG C 399 32.34 25.87 -17.39
CA ARG C 399 32.23 24.46 -17.78
C ARG C 399 32.59 23.52 -16.62
N CYS C 400 33.52 23.93 -15.81
CA CYS C 400 33.95 23.14 -14.71
C CYS C 400 32.92 23.04 -13.56
N VAL C 401 31.98 23.98 -13.57
CA VAL C 401 30.90 24.02 -12.62
C VAL C 401 29.64 23.39 -13.24
N THR C 402 29.61 23.11 -14.56
CA THR C 402 28.41 22.61 -15.16
C THR C 402 28.52 21.17 -15.63
N GLU C 403 29.72 20.75 -16.02
CA GLU C 403 29.93 19.45 -16.59
C GLU C 403 30.48 18.48 -15.54
N GLU C 404 30.06 17.24 -15.65
CA GLU C 404 30.49 16.22 -14.72
C GLU C 404 31.94 15.83 -14.97
N ILE C 405 32.77 15.91 -13.96
CA ILE C 405 34.17 15.58 -14.10
C ILE C 405 34.39 14.15 -13.62
N PHE C 406 33.77 13.77 -12.51
CA PHE C 406 33.92 12.38 -12.02
C PHE C 406 35.34 12.15 -11.48
N GLY C 407 35.87 13.16 -10.79
CA GLY C 407 37.11 13.04 -10.05
C GLY C 407 36.97 13.66 -8.67
N PRO C 408 38.08 13.65 -7.89
CA PRO C 408 38.05 14.12 -6.52
C PRO C 408 38.19 15.66 -6.45
N VAL C 409 37.13 16.35 -6.84
CA VAL C 409 37.17 17.80 -6.99
C VAL C 409 35.88 18.43 -6.59
N CYS C 410 35.97 19.61 -6.00
CA CYS C 410 34.81 20.42 -5.86
C CYS C 410 35.13 21.90 -5.99
N HIS C 411 34.13 22.65 -6.44
CA HIS C 411 34.17 24.08 -6.46
C HIS C 411 33.25 24.59 -5.39
N ILE C 412 33.76 25.54 -4.62
CA ILE C 412 33.02 26.19 -3.57
C ILE C 412 32.70 27.67 -3.89
N SER C 413 31.45 28.04 -3.66
CA SER C 413 30.94 29.30 -4.03
C SER C 413 30.09 29.87 -2.90
N PRO C 414 30.20 31.19 -2.65
CA PRO C 414 29.35 31.78 -1.66
C PRO C 414 27.92 32.04 -2.16
N PHE C 415 26.97 32.05 -1.23
CA PHE C 415 25.61 32.50 -1.48
C PHE C 415 25.08 33.36 -0.31
N ASP C 416 24.00 34.08 -0.56
CA ASP C 416 23.43 34.96 0.44
C ASP C 416 22.06 34.57 0.90
N ASP C 417 21.17 34.23 -0.04
CA ASP C 417 19.76 34.05 0.26
C ASP C 417 19.31 32.62 -0.08
N GLU C 418 18.32 32.17 0.65
CA GLU C 418 17.78 30.80 0.46
C GLU C 418 17.21 30.60 -0.93
N ASP C 419 16.34 31.50 -1.37
CA ASP C 419 15.77 31.37 -2.68
C ASP C 419 16.81 31.40 -3.80
N GLU C 420 17.80 32.24 -3.62
CA GLU C 420 18.94 32.31 -4.54
C GLU C 420 19.65 30.98 -4.71
N VAL C 421 20.04 30.36 -3.61
CA VAL C 421 20.82 29.15 -3.69
C VAL C 421 19.99 27.96 -4.25
N ILE C 422 18.71 27.91 -3.94
CA ILE C 422 17.82 26.95 -4.49
C ILE C 422 17.82 27.08 -6.01
N ASN C 423 17.66 28.29 -6.50
CA ASN C 423 17.68 28.52 -7.95
C ASN C 423 18.96 28.12 -8.60
N ARG C 424 20.07 28.43 -7.96
CA ARG C 424 21.40 28.04 -8.46
C ARG C 424 21.65 26.51 -8.45
N VAL C 425 21.24 25.84 -7.37
CA VAL C 425 21.30 24.36 -7.37
C VAL C 425 20.45 23.79 -8.53
N ASN C 426 19.25 24.32 -8.75
CA ASN C 426 18.35 23.77 -9.74
C ASN C 426 18.70 24.17 -11.15
N ASP C 427 19.64 25.09 -11.31
CA ASP C 427 19.99 25.60 -12.62
C ASP C 427 21.01 24.68 -13.28
N SER C 428 20.55 23.52 -13.69
CA SER C 428 21.41 22.43 -14.16
C SER C 428 20.57 21.56 -15.12
N ASN C 429 21.21 20.93 -16.08
CA ASN C 429 20.53 19.99 -16.90
C ASN C 429 20.44 18.62 -16.24
N TYR C 430 21.11 18.45 -15.09
CA TYR C 430 21.13 17.23 -14.30
C TYR C 430 20.29 17.41 -13.05
N GLY C 431 20.03 16.31 -12.34
CA GLY C 431 19.15 16.37 -11.16
C GLY C 431 19.17 15.05 -10.41
N LEU C 432 20.36 14.62 -10.01
CA LEU C 432 20.42 13.35 -9.27
C LEU C 432 20.25 13.50 -7.76
N ALA C 433 21.20 14.18 -7.12
CA ALA C 433 21.21 14.27 -5.66
C ALA C 433 21.66 15.65 -5.18
N CYS C 434 21.36 15.90 -3.93
CA CYS C 434 21.77 17.13 -3.26
C CYS C 434 21.89 16.89 -1.76
N ALA C 435 22.89 17.50 -1.12
CA ALA C 435 23.05 17.43 0.32
C ALA C 435 22.92 18.84 0.89
N ILE C 436 22.15 18.99 1.93
CA ILE C 436 21.89 20.24 2.62
C ILE C 436 22.34 20.11 4.07
N TRP C 437 23.00 21.15 4.55
CA TRP C 437 23.45 21.22 5.93
C TRP C 437 22.82 22.36 6.65
N THR C 438 22.03 22.04 7.68
CA THR C 438 21.31 23.03 8.45
C THR C 438 20.81 22.41 9.71
N THR C 439 20.78 23.16 10.83
CA THR C 439 20.21 22.63 12.07
C THR C 439 18.77 23.01 12.27
N ASN C 440 18.19 23.76 11.33
CA ASN C 440 16.86 24.37 11.53
C ASN C 440 15.74 23.51 10.93
N LEU C 441 14.77 23.17 11.75
CA LEU C 441 13.67 22.28 11.38
C LEU C 441 12.91 22.76 10.12
N SER C 442 12.42 23.97 10.15
CA SER C 442 11.65 24.52 9.01
C SER C 442 12.48 24.60 7.76
N ARG C 443 13.66 25.13 7.87
CA ARG C 443 14.53 25.20 6.72
C ARG C 443 14.82 23.88 6.04
N ALA C 444 15.10 22.87 6.86
CA ALA C 444 15.36 21.58 6.30
C ALA C 444 14.26 21.10 5.42
N HIS C 445 13.02 21.09 5.92
CA HIS C 445 11.95 20.53 5.18
C HIS C 445 11.48 21.45 4.01
N ARG C 446 11.53 22.75 4.21
CA ARG C 446 11.13 23.75 3.20
C ARG C 446 12.08 23.76 2.02
N VAL C 447 13.35 23.71 2.29
CA VAL C 447 14.35 23.79 1.21
C VAL C 447 14.43 22.46 0.50
N SER C 448 14.46 21.36 1.26
CA SER C 448 14.59 20.03 0.67
C SER C 448 13.56 19.74 -0.44
N ARG C 449 12.30 20.07 -0.17
CA ARG C 449 11.26 19.78 -1.10
C ARG C 449 11.32 20.61 -2.40
N GLN C 450 12.08 21.71 -2.36
CA GLN C 450 12.30 22.60 -3.51
C GLN C 450 13.46 22.24 -4.40
N ILE C 451 14.29 21.25 -4.01
CA ILE C 451 15.46 20.94 -4.78
C ILE C 451 15.04 19.94 -5.88
N HIS C 452 15.35 20.28 -7.14
CA HIS C 452 14.85 19.46 -8.25
C HIS C 452 15.81 18.30 -8.54
N VAL C 453 15.80 17.31 -7.64
CA VAL C 453 16.62 16.11 -7.73
C VAL C 453 15.79 14.89 -7.27
N GLY C 454 16.30 13.71 -7.51
CA GLY C 454 15.68 12.48 -6.97
C GLY C 454 15.95 12.19 -5.49
N LEU C 455 17.05 12.70 -4.95
CA LEU C 455 17.55 12.31 -3.64
C LEU C 455 18.11 13.51 -2.90
N VAL C 456 17.54 13.88 -1.78
CA VAL C 456 18.11 14.91 -0.94
C VAL C 456 18.56 14.28 0.40
N TRP C 457 19.76 14.59 0.87
CA TRP C 457 20.25 14.19 2.20
C TRP C 457 20.36 15.47 3.03
N VAL C 458 19.83 15.47 4.25
CA VAL C 458 19.99 16.58 5.16
C VAL C 458 20.94 16.16 6.31
N ASN C 459 22.06 16.87 6.45
CA ASN C 459 23.06 16.60 7.46
C ASN C 459 23.74 15.23 7.34
N THR C 460 23.78 14.71 6.15
CA THR C 460 24.53 13.47 5.88
C THR C 460 24.71 13.40 4.38
N TRP C 461 25.25 12.29 3.90
CA TRP C 461 25.40 12.05 2.49
C TRP C 461 25.50 10.56 2.21
N TYR C 462 24.95 10.12 1.11
CA TYR C 462 24.98 8.69 0.72
C TYR C 462 24.59 7.77 1.85
N LEU C 463 23.51 8.10 2.54
CA LEU C 463 22.94 7.22 3.51
C LEU C 463 21.87 6.43 2.75
N ARG C 464 21.98 5.10 2.71
CA ARG C 464 21.12 4.25 1.90
C ARG C 464 20.21 3.25 2.61
N ASP C 465 18.94 3.32 2.29
CA ASP C 465 17.91 2.37 2.75
C ASP C 465 17.38 1.77 1.48
N LEU C 466 17.59 0.46 1.32
CA LEU C 466 17.33 -0.16 0.03
C LEU C 466 15.86 -0.22 -0.38
N ARG C 467 14.95 0.18 0.51
CA ARG C 467 13.53 0.23 0.19
C ARG C 467 13.11 1.51 -0.54
N THR C 468 13.97 2.52 -0.55
CA THR C 468 13.51 3.83 -0.99
C THR C 468 13.57 3.92 -2.52
N PRO C 469 12.74 4.79 -3.09
CA PRO C 469 12.90 5.00 -4.51
C PRO C 469 14.24 5.77 -4.77
N PHE C 470 14.99 5.31 -5.74
CA PHE C 470 16.30 5.85 -6.08
C PHE C 470 16.32 6.12 -7.59
N GLY C 471 16.73 7.33 -7.93
CA GLY C 471 16.69 7.77 -9.34
C GLY C 471 16.93 9.25 -9.50
N GLY C 472 17.02 9.72 -10.74
CA GLY C 472 17.22 11.13 -10.98
C GLY C 472 16.17 11.70 -11.88
N VAL C 473 16.21 13.03 -12.03
CA VAL C 473 15.35 13.75 -12.93
C VAL C 473 16.19 14.37 -14.03
N LYS C 474 15.52 14.85 -15.03
CA LYS C 474 16.20 15.53 -16.15
C LYS C 474 17.19 14.58 -16.79
N LEU C 475 18.41 15.03 -17.08
CA LEU C 475 19.37 14.18 -17.74
C LEU C 475 19.91 13.07 -16.80
N SER C 476 19.53 13.09 -15.52
CA SER C 476 20.10 12.16 -14.57
C SER C 476 19.41 10.83 -14.53
N GLY C 477 18.34 10.69 -15.25
CA GLY C 477 17.69 9.39 -15.27
C GLY C 477 16.33 9.26 -15.91
N LEU C 478 15.89 8.03 -15.87
CA LEU C 478 14.58 7.68 -16.34
C LEU C 478 14.15 6.48 -15.48
N GLY C 479 12.94 6.59 -14.87
CA GLY C 479 12.45 5.58 -13.94
C GLY C 479 12.96 5.74 -12.52
N ARG C 480 12.52 4.86 -11.67
CA ARG C 480 13.00 4.73 -10.31
C ARG C 480 13.21 3.25 -10.08
N GLU C 481 14.24 2.94 -9.28
CA GLU C 481 14.45 1.60 -8.75
C GLU C 481 14.48 1.67 -7.24
N GLY C 482 14.46 0.53 -6.58
CA GLY C 482 14.40 0.51 -5.11
C GLY C 482 13.05 0.06 -4.63
N GLY C 483 13.04 -0.81 -3.63
CA GLY C 483 11.80 -1.41 -3.08
C GLY C 483 10.82 -1.77 -4.16
N ARG C 484 9.61 -1.27 -4.00
CA ARG C 484 8.57 -1.69 -4.90
C ARG C 484 8.74 -1.18 -6.31
N PHE C 485 9.50 -0.10 -6.48
CA PHE C 485 9.80 0.40 -7.79
C PHE C 485 10.62 -0.58 -8.61
N SER C 486 11.54 -1.29 -7.97
CA SER C 486 12.20 -2.45 -8.61
C SER C 486 11.27 -3.59 -8.86
N MET C 487 10.42 -3.93 -7.90
CA MET C 487 9.55 -5.07 -8.08
C MET C 487 8.60 -4.79 -9.28
N ASP C 488 8.22 -3.55 -9.44
CA ASP C 488 7.36 -3.13 -10.56
C ASP C 488 8.14 -3.08 -11.91
N PHE C 489 9.33 -2.51 -11.93
CA PHE C 489 10.07 -2.51 -13.13
C PHE C 489 10.44 -3.89 -13.70
N TYR C 490 10.95 -4.79 -12.86
CA TYR C 490 11.40 -6.08 -13.29
C TYR C 490 10.27 -7.11 -13.36
N SER C 491 9.01 -6.68 -13.28
CA SER C 491 7.88 -7.59 -13.45
C SER C 491 6.91 -7.06 -14.51
N ASP C 492 6.23 -7.96 -15.22
CA ASP C 492 5.06 -7.64 -16.00
C ASP C 492 3.93 -7.52 -14.97
N ILE C 493 3.25 -6.40 -14.88
CA ILE C 493 2.02 -6.34 -14.08
C ILE C 493 0.86 -6.62 -15.04
N ALA C 494 0.14 -7.70 -14.84
CA ALA C 494 -1.01 -8.03 -15.69
C ALA C 494 -2.32 -7.91 -14.90
N ASN C 495 -3.38 -7.47 -15.59
CA ASN C 495 -4.66 -7.29 -14.99
C ASN C 495 -5.61 -8.36 -15.57
N ILE C 496 -6.27 -9.09 -14.67
CA ILE C 496 -7.22 -10.14 -15.05
C ILE C 496 -8.62 -9.75 -14.53
N CYS C 497 -9.54 -9.61 -15.46
CA CYS C 497 -10.90 -9.19 -15.18
C CYS C 497 -11.85 -10.29 -15.37
N ILE C 498 -12.57 -10.68 -14.31
CA ILE C 498 -13.50 -11.81 -14.34
C ILE C 498 -14.92 -11.26 -14.22
N LYS C 499 -15.71 -11.47 -15.25
CA LYS C 499 -17.12 -11.11 -15.19
C LYS C 499 -17.81 -12.20 -14.44
N ILE C 500 -18.61 -11.84 -13.44
CA ILE C 500 -19.26 -12.85 -12.59
C ILE C 500 -20.70 -13.27 -13.07
N SER D 18 -16.74 26.61 -40.34
CA SER D 18 -16.29 26.31 -38.95
C SER D 18 -14.75 26.23 -38.91
N GLN D 19 -14.16 26.80 -37.86
CA GLN D 19 -12.73 26.84 -37.73
C GLN D 19 -12.31 26.43 -36.32
N LEU D 20 -11.20 25.71 -36.24
CA LEU D 20 -10.67 25.19 -34.98
C LEU D 20 -9.31 25.84 -34.73
N LEU D 21 -9.28 26.62 -33.65
CA LEU D 21 -8.09 27.39 -33.25
C LEU D 21 -7.22 26.59 -32.24
N ASN D 22 -5.93 26.93 -32.21
CA ASN D 22 -5.02 26.49 -31.17
C ASN D 22 -5.37 27.25 -29.90
N TYR D 23 -4.90 26.76 -28.73
CA TYR D 23 -5.10 27.48 -27.50
C TYR D 23 -3.81 27.49 -26.78
N ILE D 24 -3.21 28.69 -26.70
CA ILE D 24 -1.80 28.84 -26.29
C ILE D 24 -1.78 30.03 -25.31
N ASP D 25 -1.31 29.75 -24.11
CA ASP D 25 -1.20 30.72 -23.07
C ASP D 25 -2.49 31.47 -22.84
N GLY D 26 -3.61 30.75 -22.76
CA GLY D 26 -4.85 31.40 -22.42
C GLY D 26 -5.61 32.09 -23.56
N ASN D 27 -5.08 32.04 -24.77
CA ASN D 27 -5.75 32.59 -25.95
C ASN D 27 -5.93 31.62 -27.11
N PHE D 28 -7.07 31.75 -27.78
CA PHE D 28 -7.31 31.02 -29.02
C PHE D 28 -6.58 31.74 -30.10
N VAL D 29 -5.77 31.06 -30.87
CA VAL D 29 -4.98 31.71 -31.88
C VAL D 29 -5.05 30.89 -33.13
N THR D 30 -4.96 31.58 -34.28
CA THR D 30 -4.92 31.00 -35.59
C THR D 30 -3.48 30.69 -35.94
N SER D 31 -3.23 30.21 -37.15
CA SER D 31 -1.90 29.97 -37.63
C SER D 31 -1.85 30.34 -39.13
N ALA D 32 -0.65 30.31 -39.68
CA ALA D 32 -0.44 30.70 -41.08
C ALA D 32 -1.07 29.70 -42.04
N SER D 33 -1.19 28.46 -41.63
CA SER D 33 -1.78 27.45 -42.48
C SER D 33 -2.98 26.72 -41.78
N SER D 34 -3.89 26.16 -42.58
CA SER D 34 -4.96 25.34 -42.06
C SER D 34 -5.07 24.02 -42.85
N PHE D 35 -5.76 23.03 -42.29
CA PHE D 35 -6.02 21.76 -42.99
C PHE D 35 -7.48 21.35 -42.75
N ALA D 36 -7.96 20.50 -43.59
CA ALA D 36 -9.38 20.24 -43.61
C ALA D 36 -9.65 19.08 -42.64
N ASN D 37 -10.78 19.20 -41.95
CA ASN D 37 -11.41 18.14 -41.17
C ASN D 37 -12.66 17.70 -41.92
N ILE D 38 -12.62 16.44 -42.34
CA ILE D 38 -13.63 15.77 -43.16
C ILE D 38 -14.50 14.79 -42.38
N ASN D 39 -15.83 14.86 -42.61
CA ASN D 39 -16.80 13.95 -42.08
C ASN D 39 -16.71 12.62 -42.79
N PRO D 40 -16.34 11.54 -42.09
CA PRO D 40 -16.16 10.29 -42.79
C PRO D 40 -17.49 9.65 -43.22
N VAL D 41 -18.61 10.18 -42.74
CA VAL D 41 -19.91 9.65 -43.14
C VAL D 41 -20.19 9.93 -44.64
N ASN D 42 -19.80 11.10 -45.10
CA ASN D 42 -20.20 11.55 -46.42
C ASN D 42 -19.13 12.27 -47.15
N GLY D 43 -17.93 12.40 -46.57
CA GLY D 43 -16.87 13.11 -47.21
C GLY D 43 -16.94 14.61 -47.21
N LYS D 44 -17.88 15.17 -46.50
CA LYS D 44 -17.99 16.63 -46.49
C LYS D 44 -17.05 17.34 -45.55
N LEU D 45 -16.66 18.56 -45.90
CA LEU D 45 -15.86 19.40 -45.03
C LEU D 45 -16.62 19.81 -43.78
N ILE D 46 -16.04 19.58 -42.60
CA ILE D 46 -16.65 20.01 -41.32
C ILE D 46 -16.04 21.33 -40.86
N SER D 47 -14.73 21.47 -40.97
CA SER D 47 -14.08 22.68 -40.47
C SER D 47 -12.69 22.79 -41.00
N ASP D 48 -12.15 24.00 -40.93
CA ASP D 48 -10.74 24.20 -41.19
C ASP D 48 -10.03 24.25 -39.82
N VAL D 49 -8.85 23.67 -39.76
CA VAL D 49 -8.08 23.57 -38.53
C VAL D 49 -6.72 24.25 -38.70
N PHE D 50 -6.41 25.19 -37.82
CA PHE D 50 -5.11 25.90 -37.96
C PHE D 50 -3.95 25.06 -37.43
N GLU D 51 -2.97 24.82 -38.27
CA GLU D 51 -1.87 23.99 -37.94
C GLU D 51 -0.84 24.78 -37.15
N ALA D 52 -0.46 24.30 -35.96
CA ALA D 52 0.62 24.97 -35.19
C ALA D 52 1.97 24.78 -35.90
N ASP D 53 2.75 25.86 -36.02
CA ASP D 53 4.12 25.68 -36.48
C ASP D 53 5.13 25.58 -35.31
N ALA D 54 6.38 25.26 -35.61
CA ALA D 54 7.45 25.15 -34.59
C ALA D 54 7.52 26.34 -33.62
N LYS D 55 7.21 27.54 -34.11
CA LYS D 55 7.26 28.69 -33.27
C LYS D 55 6.12 28.71 -32.27
N GLN D 56 4.94 28.28 -32.69
CA GLN D 56 3.81 28.23 -31.80
C GLN D 56 3.95 27.09 -30.75
N VAL D 57 4.47 25.97 -31.16
CA VAL D 57 4.73 24.85 -30.23
C VAL D 57 5.72 25.35 -29.19
N ASN D 58 6.75 26.09 -29.62
CA ASN D 58 7.65 26.69 -28.64
C ASN D 58 6.95 27.61 -27.70
N GLU D 59 6.06 28.47 -28.21
CA GLU D 59 5.30 29.39 -27.37
C GLU D 59 4.45 28.64 -26.30
N ALA D 60 3.86 27.51 -26.70
CA ALA D 60 3.04 26.70 -25.78
C ALA D 60 3.92 26.07 -24.73
N VAL D 61 5.10 25.59 -25.13
CA VAL D 61 5.98 24.99 -24.17
C VAL D 61 6.46 25.98 -23.14
N VAL D 62 6.86 27.14 -23.60
CA VAL D 62 7.37 28.16 -22.71
C VAL D 62 6.27 28.61 -21.79
N ALA D 63 5.07 28.83 -22.35
CA ALA D 63 3.93 29.17 -21.50
C ALA D 63 3.65 28.14 -20.40
N ALA D 64 3.70 26.88 -20.78
CA ALA D 64 3.48 25.76 -19.84
C ALA D 64 4.58 25.75 -18.75
N GLN D 65 5.85 25.97 -19.14
CA GLN D 65 6.93 26.14 -18.16
C GLN D 65 6.68 27.27 -17.19
N ASN D 66 6.27 28.42 -17.71
CA ASN D 66 5.94 29.56 -16.86
C ASN D 66 4.76 29.42 -15.97
N ALA D 67 3.74 28.70 -16.42
CA ALA D 67 2.57 28.49 -15.58
C ALA D 67 2.87 27.64 -14.35
N LEU D 68 3.88 26.78 -14.42
CA LEU D 68 4.33 26.01 -13.25
C LEU D 68 4.81 26.91 -12.11
N LYS D 69 5.31 28.09 -12.47
CA LYS D 69 5.76 29.09 -11.52
C LYS D 69 4.72 30.13 -11.13
N GLY D 70 3.50 30.01 -11.66
CA GLY D 70 2.43 30.93 -11.34
C GLY D 70 1.43 30.37 -10.36
N PRO D 71 0.22 30.96 -10.38
CA PRO D 71 -0.87 30.59 -9.51
C PRO D 71 -1.19 29.09 -9.44
N TRP D 72 -1.11 28.42 -10.61
CA TRP D 72 -1.36 26.97 -10.68
C TRP D 72 -0.48 26.24 -9.68
N GLY D 73 0.80 26.60 -9.67
CA GLY D 73 1.77 25.95 -8.80
C GLY D 73 1.60 26.26 -7.32
N LYS D 74 0.77 27.25 -6.96
CA LYS D 74 0.50 27.56 -5.53
C LYS D 74 -0.77 26.91 -5.02
N LEU D 75 -1.60 26.33 -5.88
CA LEU D 75 -2.82 25.68 -5.39
C LEU D 75 -2.51 24.52 -4.49
N SER D 76 -3.30 24.37 -3.42
CA SER D 76 -3.28 23.17 -2.62
C SER D 76 -3.81 22.04 -3.51
N VAL D 77 -3.52 20.79 -3.14
CA VAL D 77 -4.08 19.62 -3.84
C VAL D 77 -5.61 19.64 -3.80
N GLN D 78 -6.21 19.97 -2.64
CA GLN D 78 -7.68 20.12 -2.54
C GLN D 78 -8.27 21.16 -3.54
N ASP D 79 -7.59 22.28 -3.71
CA ASP D 79 -8.04 23.35 -4.62
C ASP D 79 -7.77 23.01 -6.07
N ARG D 80 -6.66 22.33 -6.34
CA ARG D 80 -6.41 21.84 -7.66
C ARG D 80 -7.46 20.81 -8.05
N ALA D 81 -7.77 19.92 -7.13
CA ALA D 81 -8.79 18.92 -7.37
C ALA D 81 -10.18 19.53 -7.63
N ALA D 82 -10.52 20.58 -6.91
CA ALA D 82 -11.83 21.21 -7.13
C ALA D 82 -11.90 21.90 -8.46
N LEU D 83 -10.79 22.46 -8.89
CA LEU D 83 -10.76 23.05 -10.18
C LEU D 83 -10.94 21.98 -11.29
N ILE D 84 -10.39 20.80 -11.08
CA ILE D 84 -10.45 19.74 -12.08
C ILE D 84 -11.87 19.20 -12.10
N HIS D 85 -12.52 19.16 -10.94
CA HIS D 85 -13.97 18.82 -10.92
C HIS D 85 -14.84 19.85 -11.70
N LYS D 86 -14.41 21.08 -11.70
CA LYS D 86 -15.08 22.09 -12.44
C LYS D 86 -14.91 21.95 -13.96
N ILE D 87 -13.74 21.45 -14.39
CA ILE D 87 -13.55 21.13 -15.79
C ILE D 87 -14.61 20.12 -16.19
N ALA D 88 -14.72 19.06 -15.40
CA ALA D 88 -15.61 17.96 -15.64
C ALA D 88 -17.08 18.43 -15.70
N ASP D 89 -17.45 19.25 -14.73
CA ASP D 89 -18.80 19.86 -14.72
C ASP D 89 -19.04 20.70 -15.99
N GLY D 90 -18.00 21.39 -16.44
CA GLY D 90 -18.09 22.20 -17.65
C GLY D 90 -18.38 21.35 -18.91
N ILE D 91 -17.79 20.16 -18.95
CA ILE D 91 -18.04 19.20 -20.05
C ILE D 91 -19.49 18.76 -19.92
N GLN D 92 -19.89 18.39 -18.71
CA GLN D 92 -21.23 17.91 -18.48
C GLN D 92 -22.29 18.98 -18.87
N ALA D 93 -21.98 20.24 -18.63
CA ALA D 93 -22.90 21.32 -18.94
C ALA D 93 -23.05 21.46 -20.42
N ARG D 94 -22.08 20.98 -21.24
CA ARG D 94 -22.16 21.03 -22.67
C ARG D 94 -22.15 19.67 -23.27
N PHE D 95 -22.72 18.72 -22.58
CA PHE D 95 -22.58 17.33 -22.92
C PHE D 95 -22.94 17.08 -24.40
N GLU D 96 -24.09 17.61 -24.84
CA GLU D 96 -24.60 17.31 -26.20
C GLU D 96 -23.75 17.97 -27.28
N GLU D 97 -23.18 19.14 -27.01
CA GLU D 97 -22.19 19.67 -27.93
C GLU D 97 -20.96 18.79 -28.09
N PHE D 98 -20.49 18.16 -26.98
CA PHE D 98 -19.36 17.28 -27.07
C PHE D 98 -19.73 16.02 -27.85
N VAL D 99 -20.92 15.49 -27.59
CA VAL D 99 -21.42 14.36 -28.33
C VAL D 99 -21.40 14.69 -29.83
N ALA D 100 -21.96 15.84 -30.19
CA ALA D 100 -22.09 16.21 -31.62
C ALA D 100 -20.72 16.36 -32.29
N ALA D 101 -19.79 16.96 -31.58
CA ALA D 101 -18.44 17.09 -32.03
C ALA D 101 -17.71 15.79 -32.31
N GLU D 102 -17.73 14.88 -31.33
CA GLU D 102 -17.10 13.57 -31.54
C GLU D 102 -17.78 12.77 -32.67
N VAL D 103 -19.09 12.80 -32.75
CA VAL D 103 -19.76 12.17 -33.87
C VAL D 103 -19.40 12.71 -35.26
N ALA D 104 -19.36 14.03 -35.40
CA ALA D 104 -19.05 14.66 -36.67
C ALA D 104 -17.68 14.27 -37.17
N ASP D 105 -16.71 14.28 -36.27
CA ASP D 105 -15.35 13.95 -36.64
C ASP D 105 -15.15 12.50 -37.03
N THR D 106 -15.86 11.58 -36.40
CA THR D 106 -15.47 10.20 -36.51
C THR D 106 -16.49 9.28 -37.11
N GLY D 107 -17.72 9.74 -37.18
CA GLY D 107 -18.83 8.90 -37.65
C GLY D 107 -19.38 7.92 -36.65
N ARG D 108 -18.95 8.00 -35.38
CA ARG D 108 -19.38 6.97 -34.41
C ARG D 108 -20.87 7.08 -34.15
N PRO D 109 -21.54 5.96 -33.91
CA PRO D 109 -22.95 6.08 -33.56
C PRO D 109 -23.19 7.01 -32.36
N VAL D 110 -24.22 7.83 -32.46
CA VAL D 110 -24.56 8.82 -31.44
C VAL D 110 -24.72 8.13 -30.11
N HIS D 111 -25.39 7.00 -30.06
CA HIS D 111 -25.60 6.32 -28.74
C HIS D 111 -24.32 5.83 -28.08
N GLN D 112 -23.31 5.50 -28.87
CA GLN D 112 -21.99 5.18 -28.34
C GLN D 112 -21.26 6.38 -27.82
N ALA D 113 -21.40 7.53 -28.50
CA ALA D 113 -20.78 8.74 -28.04
C ALA D 113 -21.45 9.16 -26.73
N ARG D 114 -22.75 8.93 -26.67
CA ARG D 114 -23.54 9.31 -25.50
C ARG D 114 -23.29 8.48 -24.26
N THR D 115 -22.93 7.21 -24.44
CA THR D 115 -22.78 6.28 -23.31
C THR D 115 -21.36 5.92 -22.95
N LEU D 116 -20.46 5.82 -23.94
CA LEU D 116 -19.07 5.52 -23.71
C LEU D 116 -18.24 6.81 -23.73
N ASP D 117 -18.07 7.41 -24.92
CA ASP D 117 -17.05 8.42 -25.14
C ASP D 117 -17.11 9.60 -24.20
N ILE D 118 -18.21 10.32 -24.14
CA ILE D 118 -18.22 11.53 -23.35
C ILE D 118 -18.30 11.26 -21.86
N PRO D 119 -19.16 10.32 -21.43
CA PRO D 119 -19.18 10.08 -19.98
C PRO D 119 -17.83 9.62 -19.44
N ARG D 120 -17.05 8.90 -20.22
CA ARG D 120 -15.74 8.42 -19.76
C ARG D 120 -14.74 9.58 -19.67
N ALA D 121 -14.84 10.55 -20.56
CA ALA D 121 -14.00 11.73 -20.54
C ALA D 121 -14.26 12.52 -19.27
N ILE D 122 -15.54 12.67 -18.94
CA ILE D 122 -15.90 13.25 -17.68
C ILE D 122 -15.32 12.44 -16.45
N ALA D 123 -15.54 11.15 -16.46
CA ALA D 123 -15.05 10.30 -15.40
C ALA D 123 -13.51 10.29 -15.25
N ASN D 124 -12.81 10.40 -16.35
CA ASN D 124 -11.35 10.51 -16.32
C ASN D 124 -10.97 11.67 -15.42
N PHE D 125 -11.58 12.84 -15.63
CA PHE D 125 -11.28 13.96 -14.81
C PHE D 125 -11.64 13.79 -13.31
N ARG D 126 -12.83 13.26 -13.03
CA ARG D 126 -13.25 13.09 -11.66
C ARG D 126 -12.43 12.01 -10.95
N THR D 127 -12.03 10.97 -11.64
CA THR D 127 -11.33 9.87 -11.03
C THR D 127 -9.96 10.39 -10.59
N PHE D 128 -9.27 11.11 -11.48
CA PHE D 128 -7.95 11.54 -11.17
C PHE D 128 -7.93 12.71 -10.19
N ALA D 129 -8.94 13.55 -10.21
CA ALA D 129 -9.11 14.56 -9.16
C ALA D 129 -9.19 13.92 -7.77
N ASP D 130 -9.98 12.86 -7.63
CA ASP D 130 -10.14 12.18 -6.36
C ASP D 130 -8.82 11.51 -5.93
N LEU D 131 -8.13 10.90 -6.88
CA LEU D 131 -6.91 10.23 -6.56
C LEU D 131 -5.87 11.20 -6.07
N ALA D 132 -5.87 12.41 -6.63
CA ALA D 132 -4.94 13.42 -6.19
C ALA D 132 -5.16 13.81 -4.74
N LYS D 133 -6.39 13.78 -4.29
CA LYS D 133 -6.74 14.11 -2.95
C LYS D 133 -6.41 12.97 -2.00
N THR D 134 -6.61 11.72 -2.38
CA THR D 134 -6.42 10.64 -1.46
C THR D 134 -4.98 10.11 -1.45
N SER D 135 -4.17 10.38 -2.46
CA SER D 135 -2.89 9.70 -2.56
C SER D 135 -1.86 10.23 -1.52
N HIS D 136 -1.03 9.36 -1.04
CA HIS D 136 0.03 9.74 -0.12
C HIS D 136 1.29 8.97 -0.50
N THR D 137 2.35 9.21 0.24
CA THR D 137 3.69 8.62 -0.04
C THR D 137 4.19 7.88 1.22
N ASP D 138 5.50 7.60 1.26
CA ASP D 138 6.06 6.58 2.14
C ASP D 138 7.06 7.16 3.15
N LEU D 139 7.12 6.51 4.30
CA LEU D 139 8.02 6.89 5.40
C LEU D 139 8.81 5.63 5.76
N PHE D 140 10.11 5.74 5.67
CA PHE D 140 11.03 4.66 5.97
C PHE D 140 11.97 5.10 7.11
N GLU D 141 11.97 4.38 8.23
CA GLU D 141 12.92 4.63 9.29
C GLU D 141 14.12 3.72 9.15
N MET D 142 15.28 4.21 9.55
CA MET D 142 16.50 3.37 9.50
C MET D 142 17.41 3.63 10.69
N SER D 143 18.21 2.62 11.04
CA SER D 143 19.25 2.76 12.04
C SER D 143 20.53 3.24 11.39
N THR D 144 21.34 3.96 12.14
CA THR D 144 22.66 4.43 11.66
C THR D 144 23.74 3.97 12.66
N SER D 145 24.99 4.01 12.23
CA SER D 145 26.10 3.56 13.08
C SER D 145 26.16 4.34 14.41
N ASP D 146 25.85 5.62 14.43
CA ASP D 146 25.96 6.37 15.70
C ASP D 146 24.77 6.16 16.61
N GLY D 147 23.84 5.28 16.23
CA GLY D 147 22.71 5.02 17.09
C GLY D 147 21.53 5.99 17.04
N SER D 148 21.66 7.14 16.37
CA SER D 148 20.59 8.14 16.36
C SER D 148 19.53 7.92 15.26
N GLY D 149 19.88 7.20 14.22
CA GLY D 149 18.91 6.83 13.19
C GLY D 149 18.75 7.92 12.12
N ALA D 150 17.91 7.61 11.13
CA ALA D 150 17.56 8.56 10.08
C ALA D 150 16.17 8.25 9.63
N LEU D 151 15.58 9.20 8.93
CA LEU D 151 14.22 9.08 8.36
C LEU D 151 14.34 9.30 6.87
N ASN D 152 13.68 8.48 6.04
CA ASN D 152 13.56 8.77 4.63
C ASN D 152 12.08 8.94 4.38
N TYR D 153 11.68 10.04 3.76
CA TYR D 153 10.28 10.22 3.34
C TYR D 153 10.21 10.63 1.89
N THR D 154 9.14 10.21 1.24
CA THR D 154 9.00 10.49 -0.15
C THR D 154 7.93 11.49 -0.37
N VAL D 155 8.08 12.27 -1.44
CA VAL D 155 7.05 13.25 -1.87
C VAL D 155 6.80 13.16 -3.38
N ARG D 156 5.57 13.50 -3.82
CA ARG D 156 5.22 13.56 -5.22
C ARG D 156 5.15 14.99 -5.61
N LYS D 157 5.90 15.35 -6.61
CA LYS D 157 5.86 16.68 -7.15
C LYS D 157 5.47 16.56 -8.60
N PRO D 158 5.02 17.67 -9.21
CA PRO D 158 4.82 17.72 -10.68
C PRO D 158 6.08 17.35 -11.40
N LEU D 159 5.96 16.51 -12.39
CA LEU D 159 7.07 16.22 -13.30
C LEU D 159 7.52 17.47 -14.06
N GLY D 160 6.57 18.25 -14.58
CA GLY D 160 6.93 19.50 -15.29
C GLY D 160 5.88 19.74 -16.40
N VAL D 161 6.34 19.91 -17.64
CA VAL D 161 5.45 20.07 -18.81
C VAL D 161 5.31 18.73 -19.45
N ILE D 162 4.06 18.28 -19.55
CA ILE D 162 3.78 16.98 -20.15
C ILE D 162 3.30 17.22 -21.58
N GLY D 163 3.95 16.58 -22.53
CA GLY D 163 3.51 16.60 -23.90
C GLY D 163 2.58 15.40 -24.13
N VAL D 164 1.43 15.66 -24.71
CA VAL D 164 0.41 14.64 -24.88
C VAL D 164 0.11 14.56 -26.40
N ILE D 165 0.31 13.39 -26.99
CA ILE D 165 -0.04 13.14 -28.39
C ILE D 165 -1.06 12.02 -28.44
N SER D 166 -2.22 12.25 -29.02
CA SER D 166 -3.32 11.29 -28.93
C SER D 166 -3.92 10.91 -30.28
N PRO D 167 -4.57 9.73 -30.32
CA PRO D 167 -5.05 9.10 -31.53
C PRO D 167 -6.51 9.49 -31.83
N TRP D 168 -7.02 9.06 -32.99
CA TRP D 168 -8.32 9.45 -33.44
C TRP D 168 -9.41 8.47 -33.06
N ASN D 169 -9.07 7.30 -32.60
CA ASN D 169 -10.12 6.27 -32.43
C ASN D 169 -11.14 6.47 -31.29
N LEU D 170 -10.71 7.04 -30.19
CA LEU D 170 -11.56 7.40 -29.10
C LEU D 170 -11.04 8.71 -28.63
N PRO D 171 -11.32 9.77 -29.40
CA PRO D 171 -10.62 11.05 -29.28
C PRO D 171 -10.67 11.71 -27.93
N LEU D 172 -11.84 12.03 -27.40
CA LEU D 172 -11.86 12.74 -26.12
C LEU D 172 -11.47 11.77 -24.96
N LEU D 173 -11.93 10.54 -25.02
CA LEU D 173 -11.64 9.57 -23.98
C LEU D 173 -10.14 9.41 -23.79
N LEU D 174 -9.41 9.15 -24.88
CA LEU D 174 -7.97 8.98 -24.82
C LEU D 174 -7.20 10.23 -24.57
N PHE D 175 -7.69 11.34 -25.10
CA PHE D 175 -7.09 12.65 -24.80
C PHE D 175 -7.17 12.96 -23.28
N THR D 176 -8.34 12.79 -22.66
CA THR D 176 -8.54 13.11 -21.30
C THR D 176 -7.91 12.08 -20.35
N TRP D 177 -7.74 10.87 -20.84
CA TRP D 177 -7.06 9.80 -20.10
C TRP D 177 -5.62 10.25 -19.77
N LYS D 178 -5.07 11.14 -20.58
CA LYS D 178 -3.72 11.63 -20.31
C LYS D 178 -3.77 12.97 -19.63
N VAL D 179 -4.66 13.85 -20.09
CA VAL D 179 -4.70 15.19 -19.61
C VAL D 179 -5.16 15.23 -18.15
N ALA D 180 -6.09 14.38 -17.76
CA ALA D 180 -6.61 14.40 -16.43
C ALA D 180 -5.55 14.07 -15.33
N PRO D 181 -4.83 12.96 -15.44
CA PRO D 181 -3.78 12.70 -14.45
C PRO D 181 -2.63 13.69 -14.53
N ALA D 182 -2.29 14.17 -15.75
CA ALA D 182 -1.26 15.24 -15.89
C ALA D 182 -1.60 16.43 -15.04
N LEU D 183 -2.82 16.90 -15.16
CA LEU D 183 -3.26 18.06 -14.39
C LEU D 183 -3.42 17.76 -12.92
N ALA D 184 -4.00 16.61 -12.60
CA ALA D 184 -4.24 16.23 -11.26
C ALA D 184 -2.94 16.18 -10.42
N CYS D 185 -1.81 15.89 -11.09
CA CYS D 185 -0.54 15.78 -10.47
C CYS D 185 0.19 17.11 -10.43
N GLY D 186 -0.49 18.16 -10.90
CA GLY D 186 0.03 19.57 -10.81
C GLY D 186 0.94 19.92 -11.96
N ASN D 187 0.99 19.09 -12.98
CA ASN D 187 1.74 19.41 -14.18
C ASN D 187 1.01 20.45 -15.04
N THR D 188 1.73 21.03 -15.99
CA THR D 188 1.13 21.74 -17.09
C THR D 188 1.22 20.89 -18.36
N VAL D 189 0.47 21.25 -19.38
CA VAL D 189 0.28 20.34 -20.53
C VAL D 189 0.35 21.10 -21.87
N VAL D 190 1.00 20.48 -22.83
CA VAL D 190 0.83 20.86 -24.21
C VAL D 190 0.34 19.62 -24.94
N ALA D 191 -0.85 19.68 -25.53
CA ALA D 191 -1.50 18.51 -26.11
C ALA D 191 -1.84 18.72 -27.57
N LYS D 192 -1.55 17.69 -28.35
CA LYS D 192 -1.74 17.64 -29.79
C LYS D 192 -2.73 16.48 -30.14
N PRO D 193 -4.00 16.81 -30.39
CA PRO D 193 -4.91 15.71 -30.70
C PRO D 193 -4.74 15.27 -32.17
N SER D 194 -5.23 14.09 -32.51
CA SER D 194 -5.10 13.59 -33.90
C SER D 194 -5.71 14.61 -34.89
N GLU D 195 -5.01 14.80 -35.98
CA GLU D 195 -5.53 15.63 -37.09
C GLU D 195 -6.89 15.16 -37.65
N GLU D 196 -7.21 13.89 -37.44
CA GLU D 196 -8.51 13.34 -37.89
C GLU D 196 -9.67 13.72 -36.96
N SER D 197 -9.38 14.04 -35.68
CA SER D 197 -10.45 14.26 -34.72
C SER D 197 -10.12 15.40 -33.76
N PRO D 198 -10.01 16.62 -34.30
CA PRO D 198 -9.59 17.77 -33.53
C PRO D 198 -10.70 18.49 -32.76
N SER D 199 -11.97 18.18 -33.01
CA SER D 199 -13.08 19.02 -32.54
C SER D 199 -13.33 18.97 -31.01
N SER D 200 -13.46 17.78 -30.45
CA SER D 200 -13.78 17.68 -29.05
C SER D 200 -12.64 18.25 -28.22
N ALA D 201 -11.37 18.06 -28.61
CA ALA D 201 -10.26 18.71 -27.89
C ALA D 201 -10.36 20.21 -27.86
N THR D 202 -10.85 20.78 -28.95
CA THR D 202 -10.95 22.22 -29.03
C THR D 202 -12.03 22.70 -28.14
N LEU D 203 -13.14 22.00 -28.18
CA LEU D 203 -14.19 22.26 -27.20
C LEU D 203 -13.70 22.17 -25.73
N LEU D 204 -12.86 21.21 -25.48
CA LEU D 204 -12.32 21.05 -24.10
C LEU D 204 -11.48 22.27 -23.74
N ALA D 205 -10.75 22.83 -24.71
CA ALA D 205 -10.00 24.06 -24.44
C ALA D 205 -10.91 25.22 -24.01
N GLU D 206 -12.11 25.29 -24.60
CA GLU D 206 -13.10 26.28 -24.19
C GLU D 206 -13.60 26.05 -22.76
N VAL D 207 -13.92 24.82 -22.42
CA VAL D 207 -14.34 24.46 -21.05
C VAL D 207 -13.22 24.88 -20.05
N MET D 208 -11.97 24.63 -20.41
CA MET D 208 -10.83 24.98 -19.58
C MET D 208 -10.77 26.47 -19.34
N HIS D 209 -10.84 27.19 -20.44
CA HIS D 209 -10.89 28.63 -20.39
C HIS D 209 -12.04 29.14 -19.52
N ASP D 210 -13.23 28.66 -19.79
CA ASP D 210 -14.40 29.11 -19.06
C ASP D 210 -14.38 28.71 -17.61
N ALA D 211 -13.73 27.61 -17.25
CA ALA D 211 -13.64 27.20 -15.84
C ALA D 211 -12.60 27.97 -15.06
N GLY D 212 -11.84 28.82 -15.73
CA GLY D 212 -10.82 29.64 -15.10
C GLY D 212 -9.48 28.96 -14.94
N VAL D 213 -9.16 27.97 -15.75
CA VAL D 213 -7.84 27.34 -15.63
C VAL D 213 -6.83 28.41 -16.00
N PRO D 214 -5.84 28.64 -15.16
CA PRO D 214 -4.85 29.70 -15.42
C PRO D 214 -4.14 29.52 -16.74
N PRO D 215 -3.81 30.64 -17.39
CA PRO D 215 -3.14 30.60 -18.67
C PRO D 215 -1.82 29.88 -18.69
N GLY D 216 -1.60 29.09 -19.74
CA GLY D 216 -0.40 28.29 -19.88
C GLY D 216 -0.52 26.89 -19.26
N VAL D 217 -1.49 26.64 -18.39
CA VAL D 217 -1.61 25.34 -17.72
C VAL D 217 -1.96 24.24 -18.75
N PHE D 218 -2.88 24.58 -19.67
CA PHE D 218 -3.35 23.69 -20.72
C PHE D 218 -3.27 24.37 -22.07
N ASN D 219 -2.47 23.83 -22.97
CA ASN D 219 -2.29 24.42 -24.25
C ASN D 219 -2.64 23.37 -25.26
N LEU D 220 -3.32 23.76 -26.32
CA LEU D 220 -3.72 22.85 -27.39
C LEU D 220 -3.13 23.31 -28.70
N ILE D 221 -2.40 22.41 -29.35
CA ILE D 221 -1.73 22.64 -30.64
C ILE D 221 -2.26 21.63 -31.64
N HIS D 222 -2.78 22.10 -32.77
CA HIS D 222 -3.24 21.23 -33.83
C HIS D 222 -2.19 20.97 -34.88
N GLY D 223 -2.24 19.80 -35.50
CA GLY D 223 -1.37 19.45 -36.60
C GLY D 223 -1.20 17.99 -36.82
N PHE D 224 -0.17 17.65 -37.61
CA PHE D 224 0.14 16.29 -37.99
C PHE D 224 1.27 15.84 -37.11
N GLY D 225 1.87 14.74 -37.48
CA GLY D 225 3.02 14.17 -36.80
C GLY D 225 4.32 14.62 -37.41
N LYS D 226 4.83 13.78 -38.30
CA LYS D 226 6.11 14.03 -38.95
C LYS D 226 6.07 15.40 -39.61
N ASP D 227 7.15 16.18 -39.40
CA ASP D 227 7.32 17.52 -39.99
C ASP D 227 6.23 18.49 -39.58
N SER D 228 5.64 18.28 -38.41
CA SER D 228 4.52 19.12 -37.97
C SER D 228 4.46 19.20 -36.42
N ALA D 229 3.38 19.77 -35.88
CA ALA D 229 3.19 19.94 -34.46
C ALA D 229 3.62 18.72 -33.64
N GLY D 230 3.20 17.53 -34.04
CA GLY D 230 3.59 16.31 -33.33
C GLY D 230 5.08 16.19 -33.14
N GLU D 231 5.80 16.21 -34.23
CA GLU D 231 7.22 16.06 -34.18
C GLU D 231 7.91 17.21 -33.43
N PHE D 232 7.46 18.43 -33.63
CA PHE D 232 8.04 19.55 -32.95
C PHE D 232 7.89 19.46 -31.40
N LEU D 233 6.72 19.00 -30.95
CA LEU D 233 6.50 18.81 -29.54
C LEU D 233 7.52 17.79 -29.03
N THR D 234 7.57 16.68 -29.68
CA THR D 234 8.48 15.59 -29.40
C THR D 234 9.96 16.03 -29.28
N GLN D 235 10.34 17.03 -30.04
CA GLN D 235 11.74 17.51 -30.06
C GLN D 235 11.99 18.67 -29.11
N HIS D 236 10.96 19.23 -28.51
CA HIS D 236 11.19 20.43 -27.71
C HIS D 236 11.89 20.08 -26.36
N PRO D 237 13.04 20.68 -26.09
CA PRO D 237 13.79 20.34 -24.86
C PRO D 237 13.06 20.78 -23.57
N GLY D 238 12.00 21.53 -23.69
CA GLY D 238 11.29 22.16 -22.57
C GLY D 238 10.28 21.22 -21.94
N ILE D 239 9.92 20.13 -22.62
CA ILE D 239 8.99 19.16 -22.00
C ILE D 239 9.72 18.22 -20.98
N SER D 240 8.98 17.57 -20.09
CA SER D 240 9.59 16.69 -19.12
C SER D 240 9.19 15.23 -19.41
N ALA D 241 8.11 15.05 -20.15
CA ALA D 241 7.55 13.75 -20.44
C ALA D 241 6.74 13.83 -21.74
N LEU D 242 6.64 12.69 -22.40
CA LEU D 242 5.82 12.52 -23.59
C LEU D 242 4.98 11.29 -23.36
N THR D 243 3.66 11.47 -23.25
CA THR D 243 2.79 10.36 -23.16
C THR D 243 2.03 10.25 -24.46
N PHE D 244 1.83 9.02 -24.93
CA PHE D 244 1.43 8.76 -26.32
C PHE D 244 0.65 7.46 -26.44
N THR D 245 -0.36 7.49 -27.31
CA THR D 245 -1.18 6.33 -27.64
C THR D 245 -1.31 6.39 -29.19
N GLY D 246 -1.02 5.29 -29.84
CA GLY D 246 -0.92 5.23 -31.28
C GLY D 246 -0.28 3.93 -31.77
N GLU D 247 0.10 3.96 -33.03
CA GLU D 247 0.83 2.85 -33.67
C GLU D 247 2.18 2.59 -33.01
N SER D 248 2.55 1.31 -32.93
CA SER D 248 3.83 0.95 -32.34
C SER D 248 4.99 1.60 -33.08
N LYS D 249 4.94 1.62 -34.42
CA LYS D 249 6.04 2.23 -35.17
C LYS D 249 6.24 3.73 -34.74
N THR D 250 5.13 4.41 -34.52
CA THR D 250 5.16 5.80 -34.12
C THR D 250 5.78 5.95 -32.72
N GLY D 251 5.41 5.06 -31.80
CA GLY D 251 6.05 4.97 -30.47
C GLY D 251 7.57 4.94 -30.61
N SER D 252 8.05 4.08 -31.48
CA SER D 252 9.48 3.87 -31.69
C SER D 252 10.16 5.15 -32.14
N THR D 253 9.48 5.83 -33.05
CA THR D 253 9.97 7.14 -33.58
C THR D 253 10.05 8.19 -32.48
N ILE D 254 9.05 8.23 -31.65
CA ILE D 254 9.01 9.20 -30.56
C ILE D 254 10.08 8.90 -29.51
N MET D 255 10.29 7.60 -29.23
CA MET D 255 11.27 7.17 -28.26
C MET D 255 12.68 7.62 -28.73
N LYS D 256 12.93 7.52 -30.04
CA LYS D 256 14.17 8.03 -30.62
C LYS D 256 14.25 9.54 -30.50
N ALA D 257 13.10 10.22 -30.67
CA ALA D 257 13.11 11.67 -30.69
C ALA D 257 13.38 12.31 -29.33
N VAL D 258 12.93 11.70 -28.22
CA VAL D 258 13.10 12.27 -26.92
C VAL D 258 14.39 11.76 -26.25
N ALA D 259 15.07 10.81 -26.90
CA ALA D 259 16.20 10.12 -26.24
C ALA D 259 17.36 11.05 -25.76
N ASP D 260 17.66 12.09 -26.54
CA ASP D 260 18.74 13.01 -26.17
C ASP D 260 18.45 13.85 -24.92
N GLY D 261 17.18 14.10 -24.65
CA GLY D 261 16.80 14.79 -23.43
C GLY D 261 16.46 13.81 -22.31
N VAL D 262 16.52 12.50 -22.60
CA VAL D 262 16.12 11.41 -21.69
C VAL D 262 14.77 11.70 -21.03
N LYS D 263 13.76 12.02 -21.83
CA LYS D 263 12.46 12.39 -21.29
C LYS D 263 11.71 11.11 -20.80
N GLU D 264 10.93 11.27 -19.76
CA GLU D 264 10.04 10.17 -19.33
C GLU D 264 9.05 9.90 -20.47
N VAL D 265 8.81 8.62 -20.72
CA VAL D 265 7.87 8.20 -21.76
C VAL D 265 6.87 7.17 -21.29
N SER D 266 5.65 7.29 -21.78
CA SER D 266 4.61 6.32 -21.50
C SER D 266 3.85 6.09 -22.79
N PHE D 267 3.85 4.84 -23.27
CA PHE D 267 3.28 4.46 -24.56
C PHE D 267 2.24 3.35 -24.45
N GLU D 268 1.15 3.53 -25.16
CA GLU D 268 0.10 2.47 -25.27
C GLU D 268 -0.01 2.31 -26.78
N LEU D 269 0.43 1.16 -27.29
CA LEU D 269 0.64 1.04 -28.72
C LEU D 269 -0.28 -0.02 -29.37
N GLY D 270 0.11 -0.59 -30.48
CA GLY D 270 -0.83 -1.48 -31.15
C GLY D 270 -1.13 -2.79 -30.43
N GLY D 271 -1.92 -3.61 -31.10
CA GLY D 271 -2.12 -4.99 -30.66
C GLY D 271 -2.72 -5.84 -31.78
N LYS D 272 -2.54 -7.15 -31.66
CA LYS D 272 -3.23 -8.07 -32.48
C LYS D 272 -3.86 -9.01 -31.53
N ASN D 273 -4.97 -8.59 -30.91
CA ASN D 273 -5.52 -9.29 -29.80
C ASN D 273 -6.33 -10.48 -30.22
N ALA D 274 -6.26 -11.51 -29.40
CA ALA D 274 -7.02 -12.74 -29.60
C ALA D 274 -8.26 -12.80 -28.65
N ALA D 275 -9.25 -13.55 -29.06
CA ALA D 275 -10.28 -14.08 -28.21
C ALA D 275 -10.18 -15.60 -28.29
N VAL D 276 -10.40 -16.28 -27.18
CA VAL D 276 -10.36 -17.71 -27.14
C VAL D 276 -11.70 -18.19 -26.62
N VAL D 277 -12.34 -19.11 -27.33
CA VAL D 277 -13.59 -19.68 -26.92
C VAL D 277 -13.44 -21.20 -26.65
N PHE D 278 -13.47 -21.58 -25.40
CA PHE D 278 -13.31 -22.96 -24.97
C PHE D 278 -14.64 -23.72 -25.15
N ALA D 279 -14.56 -25.05 -25.14
CA ALA D 279 -15.72 -25.92 -25.38
C ALA D 279 -16.81 -25.75 -24.35
N ASP D 280 -16.45 -25.33 -23.13
CA ASP D 280 -17.48 -25.12 -22.09
C ASP D 280 -18.00 -23.67 -22.00
N ALA D 281 -17.62 -22.84 -22.96
CA ALA D 281 -18.18 -21.50 -23.04
C ALA D 281 -19.69 -21.49 -23.15
N ASP D 282 -20.29 -20.42 -22.65
CA ASP D 282 -21.68 -20.10 -22.94
C ASP D 282 -21.65 -19.61 -24.38
N LEU D 283 -22.11 -20.46 -25.31
CA LEU D 283 -21.87 -20.19 -26.76
C LEU D 283 -22.51 -18.92 -27.27
N ASP D 284 -23.78 -18.72 -26.93
CA ASP D 284 -24.49 -17.54 -27.42
C ASP D 284 -23.93 -16.30 -26.81
N ALA D 285 -23.46 -16.40 -25.58
CA ALA D 285 -22.83 -15.24 -24.93
C ALA D 285 -21.43 -15.00 -25.57
N ALA D 286 -20.71 -16.04 -25.92
CA ALA D 286 -19.40 -15.85 -26.57
C ALA D 286 -19.58 -15.26 -27.96
N ILE D 287 -20.58 -15.73 -28.68
CA ILE D 287 -20.82 -15.18 -30.02
C ILE D 287 -21.06 -13.67 -29.91
N GLU D 288 -21.93 -13.26 -29.01
CA GLU D 288 -22.25 -11.88 -28.79
C GLU D 288 -21.05 -11.12 -28.32
N GLY D 289 -20.25 -11.73 -27.49
CA GLY D 289 -19.03 -11.04 -27.00
C GLY D 289 -18.00 -10.82 -28.06
N VAL D 290 -17.82 -11.79 -28.92
CA VAL D 290 -16.82 -11.66 -29.99
C VAL D 290 -17.29 -10.68 -31.07
N LEU D 291 -18.59 -10.64 -31.26
CA LEU D 291 -19.19 -9.67 -32.13
C LEU D 291 -18.85 -8.27 -31.65
N ARG D 292 -18.99 -8.06 -30.36
CA ARG D 292 -18.66 -6.76 -29.82
C ARG D 292 -17.16 -6.50 -29.87
N SER D 293 -16.36 -7.47 -29.48
CA SER D 293 -14.90 -7.25 -29.44
C SER D 293 -14.30 -7.06 -30.84
N SER D 294 -14.98 -7.54 -31.88
CA SER D 294 -14.42 -7.46 -33.21
C SER D 294 -14.86 -6.22 -33.92
N PHE D 295 -16.10 -5.80 -33.71
CA PHE D 295 -16.80 -4.81 -34.58
C PHE D 295 -17.22 -3.51 -33.85
N THR D 296 -16.97 -3.39 -32.55
CA THR D 296 -17.23 -2.11 -31.87
C THR D 296 -16.38 -1.00 -32.47
N ASN D 297 -16.99 0.16 -32.62
CA ASN D 297 -16.30 1.31 -33.25
C ASN D 297 -15.74 0.90 -34.61
N SER D 298 -16.44 0.00 -35.29
CA SER D 298 -15.99 -0.52 -36.59
C SER D 298 -14.58 -1.09 -36.55
N GLY D 299 -14.30 -1.85 -35.46
CA GLY D 299 -13.03 -2.49 -35.18
C GLY D 299 -11.85 -1.56 -34.95
N GLN D 300 -12.13 -0.28 -34.80
CA GLN D 300 -11.05 0.69 -34.62
C GLN D 300 -10.78 0.99 -33.11
N VAL D 301 -10.53 -0.04 -32.33
CA VAL D 301 -10.14 0.11 -30.93
C VAL D 301 -8.92 -0.74 -30.83
N CYS D 302 -7.89 -0.21 -30.19
CA CYS D 302 -6.68 -1.03 -30.02
C CYS D 302 -7.00 -2.33 -29.31
N LEU D 303 -8.09 -2.37 -28.54
CA LEU D 303 -8.44 -3.59 -27.77
C LEU D 303 -9.26 -4.64 -28.53
N CYS D 304 -9.63 -4.32 -29.75
CA CYS D 304 -10.45 -5.24 -30.56
C CYS D 304 -9.78 -6.57 -30.82
N SER D 305 -10.59 -7.64 -30.93
CA SER D 305 -10.11 -8.93 -31.28
C SER D 305 -10.05 -9.06 -32.83
N GLU D 306 -8.86 -9.27 -33.41
CA GLU D 306 -8.77 -9.56 -34.82
C GLU D 306 -8.37 -11.04 -35.03
N ARG D 307 -8.02 -11.79 -33.96
CA ARG D 307 -7.71 -13.20 -34.08
C ARG D 307 -8.68 -13.88 -33.13
N VAL D 308 -9.34 -14.93 -33.57
CA VAL D 308 -10.27 -15.67 -32.73
C VAL D 308 -9.99 -17.15 -32.80
N TYR D 309 -9.82 -17.80 -31.64
CA TYR D 309 -9.60 -19.23 -31.58
C TYR D 309 -10.76 -19.91 -30.90
N VAL D 310 -11.33 -20.93 -31.53
CA VAL D 310 -12.52 -21.57 -31.06
C VAL D 310 -12.33 -23.08 -31.00
N HIS D 311 -12.79 -23.70 -29.92
CA HIS D 311 -12.51 -25.13 -29.80
C HIS D 311 -13.16 -25.86 -30.96
N ARG D 312 -12.44 -26.82 -31.52
CA ARG D 312 -12.89 -27.56 -32.74
C ARG D 312 -14.31 -28.08 -32.61
N SER D 313 -14.68 -28.55 -31.43
CA SER D 313 -16.00 -29.14 -31.24
C SER D 313 -17.14 -28.15 -31.42
N ILE D 314 -16.88 -26.83 -31.31
CA ILE D 314 -17.92 -25.81 -31.50
C ILE D 314 -17.59 -24.81 -32.62
N PHE D 315 -16.55 -25.07 -33.41
CA PHE D 315 -16.07 -24.14 -34.37
C PHE D 315 -17.09 -23.78 -35.43
N ASP D 316 -17.69 -24.80 -36.03
CA ASP D 316 -18.63 -24.58 -37.14
C ASP D 316 -19.89 -23.82 -36.69
N GLU D 317 -20.43 -24.18 -35.55
CA GLU D 317 -21.57 -23.52 -34.98
C GLU D 317 -21.24 -22.06 -34.50
N PHE D 318 -20.05 -21.84 -33.96
CA PHE D 318 -19.60 -20.47 -33.64
C PHE D 318 -19.54 -19.63 -34.92
N VAL D 319 -18.89 -20.14 -35.96
CA VAL D 319 -18.67 -19.37 -37.17
C VAL D 319 -20.01 -19.04 -37.78
N SER D 320 -20.86 -20.04 -37.84
CA SER D 320 -22.22 -19.90 -38.35
C SER D 320 -23.03 -18.83 -37.61
N GLY D 321 -23.06 -18.93 -36.26
CA GLY D 321 -23.71 -17.96 -35.41
C GLY D 321 -23.12 -16.55 -35.48
N LEU D 322 -21.79 -16.43 -35.59
CA LEU D 322 -21.22 -15.09 -35.68
C LEU D 322 -21.55 -14.48 -37.07
N LYS D 323 -21.54 -15.31 -38.12
CA LYS D 323 -21.94 -14.81 -39.42
C LYS D 323 -23.30 -14.15 -39.39
N VAL D 324 -24.26 -14.81 -38.80
CA VAL D 324 -25.61 -14.34 -38.75
C VAL D 324 -25.68 -13.04 -37.98
N GLU D 325 -25.04 -12.98 -36.80
CA GLU D 325 -25.02 -11.72 -36.05
C GLU D 325 -24.32 -10.58 -36.75
N ALA D 326 -23.21 -10.87 -37.44
CA ALA D 326 -22.49 -9.84 -38.19
C ALA D 326 -23.32 -9.27 -39.33
N GLU D 327 -24.07 -10.13 -40.01
CA GLU D 327 -24.93 -9.70 -41.15
C GLU D 327 -26.18 -8.97 -40.68
N ARG D 328 -26.52 -9.09 -39.42
CA ARG D 328 -27.55 -8.24 -38.83
C ARG D 328 -27.11 -6.86 -38.38
N LEU D 329 -25.82 -6.64 -38.12
CA LEU D 329 -25.36 -5.34 -37.82
C LEU D 329 -25.85 -4.30 -38.84
N VAL D 330 -26.30 -3.15 -38.35
CA VAL D 330 -26.72 -2.05 -39.22
C VAL D 330 -25.56 -1.10 -39.37
N VAL D 331 -25.14 -0.89 -40.61
CA VAL D 331 -24.00 -0.04 -40.95
C VAL D 331 -24.56 1.22 -41.57
N GLY D 332 -24.46 2.34 -40.88
CA GLY D 332 -25.09 3.52 -41.43
C GLY D 332 -24.85 4.84 -40.78
N TYR D 333 -25.86 5.72 -40.78
CA TYR D 333 -25.67 7.05 -40.24
C TYR D 333 -25.57 6.95 -38.71
N PRO D 334 -24.75 7.80 -38.09
CA PRO D 334 -24.63 7.91 -36.61
C PRO D 334 -25.93 8.00 -35.82
N ASP D 335 -26.94 8.64 -36.35
CA ASP D 335 -28.27 8.69 -35.67
C ASP D 335 -29.35 7.86 -36.34
N GLN D 336 -28.96 6.97 -37.21
CA GLN D 336 -29.94 6.08 -37.85
C GLN D 336 -30.48 5.10 -36.84
N ASP D 337 -31.79 4.81 -36.95
CA ASP D 337 -32.51 4.00 -35.98
C ASP D 337 -31.79 2.87 -35.28
N GLY D 338 -31.56 1.76 -35.89
CA GLY D 338 -30.86 0.71 -35.05
C GLY D 338 -29.36 0.61 -35.34
N VAL D 339 -28.69 1.73 -35.62
CA VAL D 339 -27.31 1.70 -36.15
C VAL D 339 -26.32 1.05 -35.18
N ASN D 340 -25.43 0.23 -35.69
CA ASN D 340 -24.42 -0.46 -34.86
C ASN D 340 -22.99 0.01 -35.27
N MET D 341 -22.76 0.29 -36.54
CA MET D 341 -21.48 0.68 -37.02
C MET D 341 -21.55 1.90 -37.91
N GLY D 342 -20.56 2.78 -37.74
CA GLY D 342 -20.31 3.88 -38.61
C GLY D 342 -19.18 3.55 -39.55
N PRO D 343 -18.66 4.55 -40.26
CA PRO D 343 -17.59 4.34 -41.19
C PRO D 343 -16.27 4.20 -40.47
N LEU D 344 -15.24 3.94 -41.23
CA LEU D 344 -13.86 4.23 -40.79
C LEU D 344 -13.58 5.70 -40.71
N ILE D 345 -12.46 6.04 -40.09
CA ILE D 345 -12.14 7.42 -39.77
C ILE D 345 -11.91 8.32 -40.98
N SER D 346 -11.42 7.73 -42.06
CA SER D 346 -10.98 8.52 -43.20
C SER D 346 -10.84 7.63 -44.40
N HIS D 347 -10.85 8.23 -45.60
CA HIS D 347 -10.57 7.45 -46.84
C HIS D 347 -9.22 6.76 -46.84
N GLY D 348 -8.22 7.46 -46.32
CA GLY D 348 -6.85 6.94 -46.19
C GLY D 348 -6.82 5.68 -45.33
N HIS D 349 -7.53 5.71 -44.21
CA HIS D 349 -7.59 4.49 -43.40
C HIS D 349 -8.32 3.36 -44.13
N ARG D 350 -9.43 3.69 -44.74
CA ARG D 350 -10.16 2.72 -45.52
C ARG D 350 -9.32 2.12 -46.66
N ASP D 351 -8.53 2.93 -47.40
CA ASP D 351 -7.57 2.36 -48.39
C ASP D 351 -6.71 1.27 -47.72
N LYS D 352 -6.22 1.54 -46.52
CA LYS D 352 -5.33 0.59 -45.83
C LYS D 352 -6.10 -0.67 -45.43
N VAL D 353 -7.29 -0.51 -44.82
CA VAL D 353 -8.12 -1.67 -44.50
C VAL D 353 -8.45 -2.53 -45.73
N LEU D 354 -8.89 -1.91 -46.81
CA LEU D 354 -9.24 -2.64 -48.00
C LEU D 354 -8.03 -3.34 -48.61
N SER D 355 -6.86 -2.73 -48.50
CA SER D 355 -5.67 -3.41 -48.93
C SER D 355 -5.46 -4.73 -48.19
N TYR D 356 -5.71 -4.73 -46.88
CA TYR D 356 -5.66 -5.98 -46.15
C TYR D 356 -6.78 -6.90 -46.57
N TYR D 357 -7.98 -6.37 -46.84
CA TYR D 357 -9.03 -7.26 -47.31
C TYR D 357 -8.52 -8.05 -48.56
N ARG D 358 -7.91 -7.35 -49.49
CA ARG D 358 -7.35 -8.01 -50.71
C ARG D 358 -6.26 -8.99 -50.37
N LEU D 359 -5.32 -8.58 -49.51
CA LEU D 359 -4.25 -9.45 -49.09
C LEU D 359 -4.80 -10.78 -48.51
N ALA D 360 -5.83 -10.71 -47.68
CA ALA D 360 -6.42 -11.92 -47.11
C ALA D 360 -6.85 -12.96 -48.17
N VAL D 361 -7.60 -12.49 -49.14
CA VAL D 361 -8.00 -13.35 -50.25
C VAL D 361 -6.75 -13.93 -50.93
N ASP D 362 -5.78 -13.09 -51.22
CA ASP D 362 -4.49 -13.54 -51.77
C ASP D 362 -3.79 -14.55 -50.92
N GLU D 363 -3.87 -14.43 -49.60
CA GLU D 363 -3.24 -15.40 -48.70
C GLU D 363 -4.06 -16.69 -48.49
N GLY D 364 -5.16 -16.82 -49.17
CA GLY D 364 -5.97 -18.05 -49.10
C GLY D 364 -7.20 -18.00 -48.21
N ALA D 365 -7.60 -16.81 -47.74
CA ALA D 365 -8.74 -16.78 -46.82
C ALA D 365 -10.03 -17.16 -47.44
N THR D 366 -10.89 -17.83 -46.68
CA THR D 366 -12.30 -17.87 -47.01
C THR D 366 -12.97 -16.66 -46.41
N VAL D 367 -13.69 -15.92 -47.25
CA VAL D 367 -14.47 -14.80 -46.75
C VAL D 367 -15.81 -15.29 -46.30
N VAL D 368 -16.00 -15.36 -45.01
CA VAL D 368 -17.29 -15.85 -44.48
C VAL D 368 -18.39 -14.83 -44.62
N THR D 369 -18.07 -13.54 -44.42
CA THR D 369 -18.99 -12.42 -44.66
C THR D 369 -18.16 -11.16 -44.85
N GLY D 370 -18.71 -10.19 -45.61
CA GLY D 370 -18.12 -8.89 -45.79
C GLY D 370 -17.05 -8.91 -46.80
N GLY D 371 -15.97 -8.27 -46.53
CA GLY D 371 -14.82 -8.36 -47.47
C GLY D 371 -14.79 -7.23 -48.48
N GLY D 372 -15.71 -6.29 -48.32
CA GLY D 372 -15.77 -5.14 -49.27
C GLY D 372 -16.37 -3.91 -48.64
N VAL D 373 -16.98 -3.08 -49.47
CA VAL D 373 -17.60 -1.84 -49.05
C VAL D 373 -19.12 -1.92 -49.27
N PRO D 374 -19.89 -1.46 -48.29
CA PRO D 374 -21.32 -1.50 -48.58
C PRO D 374 -21.65 -0.49 -49.70
N LYS D 375 -22.73 -0.72 -50.43
CA LYS D 375 -23.16 0.24 -51.49
C LYS D 375 -24.45 0.84 -51.06
N PHE D 376 -24.48 2.15 -50.81
CA PHE D 376 -25.68 2.76 -50.24
C PHE D 376 -26.54 3.44 -51.31
N ASN D 377 -25.91 3.86 -52.41
CA ASN D 377 -26.62 4.68 -53.44
C ASN D 377 -27.15 5.98 -52.83
N ASP D 378 -26.30 6.61 -52.02
CA ASP D 378 -26.58 7.90 -51.45
C ASP D 378 -25.25 8.50 -51.05
N GLU D 379 -25.28 9.62 -50.36
CA GLU D 379 -24.09 10.40 -50.06
C GLU D 379 -23.07 9.62 -49.22
N ARG D 380 -23.51 8.55 -48.57
CA ARG D 380 -22.57 7.76 -47.75
C ARG D 380 -21.52 7.08 -48.62
N ASP D 381 -21.79 6.95 -49.94
CA ASP D 381 -20.86 6.31 -50.86
C ASP D 381 -19.60 7.20 -51.06
N GLN D 382 -19.70 8.48 -50.74
CA GLN D 382 -18.54 9.37 -50.72
C GLN D 382 -17.83 9.38 -49.33
N GLY D 383 -18.38 8.63 -48.37
CA GLY D 383 -17.74 8.48 -47.03
C GLY D 383 -16.68 7.38 -47.04
N ALA D 384 -16.43 6.79 -45.85
CA ALA D 384 -15.34 5.84 -45.73
C ALA D 384 -15.80 4.54 -45.08
N TYR D 385 -16.93 4.00 -45.52
CA TYR D 385 -17.49 2.79 -44.95
C TYR D 385 -16.87 1.56 -45.49
N VAL D 386 -16.79 0.51 -44.65
CA VAL D 386 -16.43 -0.85 -45.04
C VAL D 386 -17.35 -1.80 -44.32
N GLN D 387 -17.43 -3.03 -44.82
CA GLN D 387 -18.30 -4.05 -44.23
C GLN D 387 -17.57 -4.76 -43.11
N PRO D 388 -18.33 -5.15 -42.11
CA PRO D 388 -17.77 -6.08 -41.10
C PRO D 388 -17.42 -7.41 -41.80
N THR D 389 -16.27 -7.97 -41.45
CA THR D 389 -15.68 -9.06 -42.24
C THR D 389 -15.19 -10.17 -41.32
N ILE D 390 -15.44 -11.42 -41.71
CA ILE D 390 -14.97 -12.59 -40.95
C ILE D 390 -14.21 -13.43 -41.94
N TRP D 391 -13.00 -13.86 -41.60
CA TRP D 391 -12.25 -14.80 -42.44
C TRP D 391 -12.04 -16.12 -41.68
N THR D 392 -11.88 -17.21 -42.44
CA THR D 392 -11.33 -18.51 -42.00
C THR D 392 -10.25 -19.02 -42.99
N GLY D 393 -9.47 -20.00 -42.56
CA GLY D 393 -8.59 -20.74 -43.42
C GLY D 393 -7.19 -20.24 -43.54
N LEU D 394 -6.83 -19.15 -42.83
CA LEU D 394 -5.47 -18.61 -42.88
C LEU D 394 -4.60 -19.36 -41.91
N SER D 395 -3.33 -19.56 -42.25
CA SER D 395 -2.39 -20.12 -41.29
C SER D 395 -1.94 -19.03 -40.29
N ASP D 396 -1.32 -19.49 -39.21
CA ASP D 396 -0.88 -18.57 -38.13
C ASP D 396 0.21 -17.57 -38.54
N LYS D 397 0.85 -17.85 -39.65
CA LYS D 397 1.91 -17.01 -40.17
C LYS D 397 1.47 -15.94 -41.20
N ALA D 398 0.24 -16.03 -41.67
CA ALA D 398 -0.27 -15.08 -42.64
C ALA D 398 -0.13 -13.67 -42.08
N ARG D 399 0.16 -12.72 -42.95
CA ARG D 399 0.23 -11.34 -42.57
C ARG D 399 -1.13 -10.80 -42.01
N CYS D 400 -2.23 -11.29 -42.54
CA CYS D 400 -3.55 -10.82 -42.10
C CYS D 400 -3.89 -11.24 -40.68
N VAL D 401 -3.13 -12.20 -40.18
CA VAL D 401 -3.33 -12.73 -38.86
C VAL D 401 -2.28 -12.22 -37.92
N THR D 402 -1.22 -11.61 -38.42
CA THR D 402 -0.14 -11.17 -37.54
C THR D 402 -0.04 -9.66 -37.45
N GLU D 403 -0.40 -8.93 -38.49
CA GLU D 403 -0.32 -7.48 -38.47
C GLU D 403 -1.67 -6.83 -38.13
N GLU D 404 -1.60 -5.72 -37.38
CA GLU D 404 -2.77 -5.03 -36.91
C GLU D 404 -3.43 -4.33 -38.13
N ILE D 405 -4.70 -4.56 -38.36
CA ILE D 405 -5.48 -3.96 -39.45
C ILE D 405 -6.24 -2.75 -38.97
N PHE D 406 -6.88 -2.88 -37.81
CA PHE D 406 -7.56 -1.75 -37.20
C PHE D 406 -8.84 -1.45 -38.02
N GLY D 407 -9.50 -2.51 -38.44
CA GLY D 407 -10.78 -2.36 -39.06
C GLY D 407 -11.69 -3.42 -38.49
N PRO D 408 -12.92 -3.51 -39.00
CA PRO D 408 -13.95 -4.45 -38.42
C PRO D 408 -13.81 -5.83 -38.97
N VAL D 409 -12.79 -6.54 -38.52
CA VAL D 409 -12.43 -7.81 -39.10
C VAL D 409 -11.92 -8.80 -38.05
N CYS D 410 -12.23 -10.07 -38.23
CA CYS D 410 -11.60 -11.09 -37.45
C CYS D 410 -11.44 -12.35 -38.24
N HIS D 411 -10.37 -13.06 -37.90
CA HIS D 411 -10.08 -14.35 -38.47
C HIS D 411 -10.36 -15.38 -37.39
N ILE D 412 -11.09 -16.42 -37.75
CA ILE D 412 -11.48 -17.46 -36.85
C ILE D 412 -10.74 -18.76 -37.16
N SER D 413 -10.09 -19.34 -36.18
CA SER D 413 -9.41 -20.63 -36.37
C SER D 413 -9.76 -21.61 -35.27
N PRO D 414 -9.78 -22.94 -35.58
CA PRO D 414 -10.06 -23.95 -34.57
C PRO D 414 -8.82 -24.30 -33.75
N PHE D 415 -9.01 -24.86 -32.56
CA PHE D 415 -7.94 -25.48 -31.77
C PHE D 415 -8.49 -26.71 -31.06
N ASP D 416 -7.56 -27.55 -30.58
CA ASP D 416 -7.91 -28.75 -29.88
C ASP D 416 -7.53 -28.79 -28.41
N ASP D 417 -6.41 -28.17 -28.05
CA ASP D 417 -5.72 -28.38 -26.79
C ASP D 417 -5.48 -27.00 -26.14
N GLU D 418 -5.66 -26.95 -24.83
CA GLU D 418 -5.45 -25.71 -24.08
C GLU D 418 -4.03 -25.17 -24.21
N ASP D 419 -3.02 -26.01 -23.98
CA ASP D 419 -1.65 -25.49 -24.10
C ASP D 419 -1.32 -25.00 -25.50
N GLU D 420 -1.77 -25.71 -26.50
CA GLU D 420 -1.59 -25.34 -27.89
C GLU D 420 -2.13 -23.93 -28.13
N VAL D 421 -3.36 -23.65 -27.67
CA VAL D 421 -3.97 -22.33 -27.98
C VAL D 421 -3.28 -21.21 -27.21
N ILE D 422 -2.79 -21.51 -26.02
CA ILE D 422 -2.04 -20.52 -25.26
C ILE D 422 -0.77 -20.11 -26.01
N ASN D 423 -0.07 -21.11 -26.57
CA ASN D 423 1.09 -20.84 -27.38
C ASN D 423 0.75 -19.99 -28.61
N ARG D 424 -0.33 -20.35 -29.29
CA ARG D 424 -0.73 -19.63 -30.51
C ARG D 424 -1.15 -18.18 -30.15
N VAL D 425 -1.82 -18.01 -29.01
CA VAL D 425 -2.11 -16.59 -28.59
C VAL D 425 -0.83 -15.77 -28.36
N ASN D 426 0.10 -16.37 -27.65
CA ASN D 426 1.34 -15.72 -27.29
C ASN D 426 2.35 -15.58 -28.40
N ASP D 427 2.12 -16.25 -29.50
CA ASP D 427 3.06 -16.19 -30.60
C ASP D 427 2.80 -14.94 -31.41
N SER D 428 3.27 -13.83 -30.91
CA SER D 428 2.94 -12.54 -31.43
C SER D 428 4.01 -11.60 -30.97
N ASN D 429 4.27 -10.57 -31.77
CA ASN D 429 5.12 -9.48 -31.27
C ASN D 429 4.35 -8.42 -30.47
N TYR D 430 3.04 -8.54 -30.44
CA TYR D 430 2.20 -7.66 -29.62
C TYR D 430 1.77 -8.34 -28.35
N GLY D 431 1.23 -7.57 -27.40
CA GLY D 431 0.72 -8.16 -26.20
C GLY D 431 -0.15 -7.19 -25.40
N LEU D 432 -1.25 -6.77 -25.98
CA LEU D 432 -2.09 -5.76 -25.35
C LEU D 432 -3.19 -6.43 -24.52
N ALA D 433 -4.07 -7.17 -25.16
CA ALA D 433 -5.25 -7.77 -24.48
C ALA D 433 -5.66 -9.07 -25.05
N CYS D 434 -6.44 -9.80 -24.28
CA CYS D 434 -7.02 -11.03 -24.70
C CYS D 434 -8.34 -11.27 -23.99
N ALA D 435 -9.27 -11.93 -24.65
CA ALA D 435 -10.56 -12.24 -24.01
C ALA D 435 -10.73 -13.77 -24.06
N ILE D 436 -11.11 -14.37 -22.96
CA ILE D 436 -11.29 -15.80 -22.83
C ILE D 436 -12.73 -16.07 -22.45
N TRP D 437 -13.33 -17.06 -23.09
CA TRP D 437 -14.68 -17.52 -22.74
C TRP D 437 -14.70 -18.95 -22.23
N THR D 438 -15.07 -19.13 -20.98
CA THR D 438 -15.20 -20.44 -20.33
C THR D 438 -16.07 -20.31 -19.09
N THR D 439 -16.76 -21.40 -18.71
CA THR D 439 -17.59 -21.38 -17.52
C THR D 439 -16.88 -22.09 -16.36
N ASN D 440 -15.66 -22.56 -16.60
CA ASN D 440 -14.94 -23.42 -15.64
C ASN D 440 -14.03 -22.59 -14.79
N LEU D 441 -14.21 -22.71 -13.46
CA LEU D 441 -13.46 -21.93 -12.50
C LEU D 441 -11.91 -22.07 -12.65
N SER D 442 -11.38 -23.27 -12.56
CA SER D 442 -9.95 -23.47 -12.74
C SER D 442 -9.41 -22.99 -14.05
N ARG D 443 -10.14 -23.23 -15.13
CA ARG D 443 -9.63 -22.87 -16.47
C ARG D 443 -9.50 -21.38 -16.61
N ALA D 444 -10.43 -20.65 -16.04
CA ALA D 444 -10.41 -19.23 -16.16
C ALA D 444 -9.11 -18.68 -15.54
N HIS D 445 -8.81 -19.10 -14.31
CA HIS D 445 -7.66 -18.64 -13.65
C HIS D 445 -6.34 -19.22 -14.16
N ARG D 446 -6.33 -20.50 -14.52
CA ARG D 446 -5.11 -21.20 -15.04
C ARG D 446 -4.69 -20.61 -16.33
N VAL D 447 -5.63 -20.41 -17.24
CA VAL D 447 -5.33 -19.87 -18.56
C VAL D 447 -5.01 -18.39 -18.58
N SER D 448 -5.79 -17.58 -17.85
CA SER D 448 -5.59 -16.16 -17.85
C SER D 448 -4.19 -15.77 -17.52
N ARG D 449 -3.63 -16.40 -16.50
CA ARG D 449 -2.32 -16.03 -16.03
C ARG D 449 -1.17 -16.39 -16.99
N GLN D 450 -1.43 -17.24 -17.96
CA GLN D 450 -0.44 -17.66 -18.90
C GLN D 450 -0.50 -16.85 -20.20
N ILE D 451 -1.46 -15.92 -20.35
CA ILE D 451 -1.50 -15.13 -21.56
C ILE D 451 -0.56 -13.95 -21.38
N HIS D 452 0.32 -13.78 -22.35
CA HIS D 452 1.36 -12.72 -22.25
C HIS D 452 0.85 -11.38 -22.79
N VAL D 453 -0.03 -10.72 -22.01
CA VAL D 453 -0.68 -9.51 -22.35
C VAL D 453 -0.84 -8.68 -21.08
N GLY D 454 -1.21 -7.42 -21.20
CA GLY D 454 -1.40 -6.60 -20.06
C GLY D 454 -2.79 -6.71 -19.47
N LEU D 455 -3.74 -7.14 -20.28
CA LEU D 455 -5.16 -7.16 -19.89
C LEU D 455 -5.85 -8.41 -20.38
N VAL D 456 -6.41 -9.20 -19.49
CA VAL D 456 -7.24 -10.35 -19.87
C VAL D 456 -8.67 -10.14 -19.33
N TRP D 457 -9.69 -10.38 -20.15
CA TRP D 457 -11.09 -10.44 -19.71
C TRP D 457 -11.58 -11.82 -19.84
N VAL D 458 -12.37 -12.27 -18.88
CA VAL D 458 -12.96 -13.58 -18.91
C VAL D 458 -14.47 -13.41 -18.93
N ASN D 459 -15.09 -13.90 -20.00
CA ASN D 459 -16.51 -13.81 -20.18
C ASN D 459 -17.05 -12.39 -20.36
N THR D 460 -16.22 -11.51 -20.90
CA THR D 460 -16.60 -10.15 -21.19
C THR D 460 -15.49 -9.56 -22.06
N TRP D 461 -15.61 -8.30 -22.42
CA TRP D 461 -14.56 -7.56 -23.11
C TRP D 461 -14.68 -6.06 -22.79
N TYR D 462 -13.56 -5.41 -22.65
CA TYR D 462 -13.50 -3.95 -22.48
C TYR D 462 -14.44 -3.50 -21.36
N LEU D 463 -14.33 -4.17 -20.25
CA LEU D 463 -14.96 -3.73 -19.03
C LEU D 463 -13.88 -3.01 -18.26
N ARG D 464 -14.10 -1.74 -17.91
CA ARG D 464 -13.06 -0.86 -17.39
C ARG D 464 -13.32 -0.42 -15.96
N ASP D 465 -12.31 -0.61 -15.11
CA ASP D 465 -12.29 -0.03 -13.76
C ASP D 465 -11.07 0.87 -13.79
N LEU D 466 -11.29 2.16 -13.65
CA LEU D 466 -10.19 3.15 -13.83
C LEU D 466 -9.02 3.08 -12.84
N ARG D 467 -9.18 2.28 -11.79
CA ARG D 467 -8.10 2.12 -10.82
C ARG D 467 -7.10 1.11 -11.27
N THR D 468 -7.44 0.28 -12.23
CA THR D 468 -6.54 -0.79 -12.58
C THR D 468 -5.32 -0.38 -13.46
N PRO D 469 -4.20 -1.08 -13.34
CA PRO D 469 -3.13 -0.85 -14.31
C PRO D 469 -3.58 -1.22 -15.71
N PHE D 470 -3.23 -0.38 -16.66
CA PHE D 470 -3.60 -0.52 -18.01
C PHE D 470 -2.35 -0.31 -18.88
N GLY D 471 -2.17 -1.19 -19.86
CA GLY D 471 -0.97 -1.11 -20.68
C GLY D 471 -0.73 -2.46 -21.34
N GLY D 472 0.34 -2.56 -22.13
CA GLY D 472 0.64 -3.80 -22.78
C GLY D 472 2.06 -4.20 -22.69
N VAL D 473 2.35 -5.37 -23.23
CA VAL D 473 3.71 -5.83 -23.24
C VAL D 473 4.24 -5.87 -24.65
N LYS D 474 5.54 -6.11 -24.77
CA LYS D 474 6.21 -6.32 -26.05
C LYS D 474 5.98 -5.07 -26.85
N LEU D 475 5.68 -5.16 -28.16
CA LEU D 475 5.46 -3.97 -28.99
C LEU D 475 4.23 -3.14 -28.61
N SER D 476 3.38 -3.66 -27.71
CA SER D 476 2.11 -2.98 -27.40
C SER D 476 2.26 -1.95 -26.33
N GLY D 477 3.47 -1.80 -25.77
CA GLY D 477 3.58 -0.77 -24.77
C GLY D 477 4.88 -0.58 -24.07
N LEU D 478 4.94 0.51 -23.34
CA LEU D 478 6.04 0.89 -22.51
C LEU D 478 5.41 1.56 -21.28
N GLY D 479 5.65 0.99 -20.10
CA GLY D 479 4.97 1.47 -18.89
C GLY D 479 3.53 1.02 -18.65
N ARG D 480 2.98 1.45 -17.51
CA ARG D 480 1.58 1.27 -17.20
C ARG D 480 1.00 2.61 -16.74
N GLU D 481 -0.28 2.76 -16.97
CA GLU D 481 -1.02 3.90 -16.47
C GLU D 481 -2.24 3.36 -15.77
N GLY D 482 -2.98 4.21 -15.12
CA GLY D 482 -4.17 3.80 -14.37
C GLY D 482 -3.83 3.81 -12.91
N GLY D 483 -4.73 4.35 -12.10
CA GLY D 483 -4.56 4.35 -10.66
C GLY D 483 -3.24 4.93 -10.23
N ARG D 484 -2.54 4.23 -9.34
CA ARG D 484 -1.35 4.77 -8.75
C ARG D 484 -0.22 4.76 -9.78
N PHE D 485 -0.37 3.94 -10.80
CA PHE D 485 0.60 3.98 -11.90
C PHE D 485 0.63 5.34 -12.60
N SER D 486 -0.53 5.93 -12.83
CA SER D 486 -0.61 7.29 -13.42
C SER D 486 -0.01 8.28 -12.43
N MET D 487 -0.42 8.20 -11.18
CA MET D 487 0.10 9.16 -10.18
C MET D 487 1.64 9.11 -10.10
N ASP D 488 2.23 7.95 -10.28
CA ASP D 488 3.68 7.85 -10.25
C ASP D 488 4.32 8.36 -11.56
N PHE D 489 3.70 8.05 -12.70
CA PHE D 489 4.30 8.47 -13.96
C PHE D 489 4.28 10.00 -14.12
N TYR D 490 3.14 10.63 -13.83
CA TYR D 490 2.99 12.08 -14.00
C TYR D 490 3.52 12.87 -12.77
N SER D 491 4.23 12.20 -11.87
CA SER D 491 4.92 12.89 -10.78
C SER D 491 6.40 12.63 -10.76
N ASP D 492 7.14 13.61 -10.28
CA ASP D 492 8.50 13.34 -9.73
C ASP D 492 8.34 12.69 -8.36
N ILE D 493 8.90 11.53 -8.15
CA ILE D 493 8.95 10.95 -6.81
C ILE D 493 10.33 11.31 -6.24
N ALA D 494 10.35 12.08 -5.17
CA ALA D 494 11.60 12.49 -4.56
C ALA D 494 11.75 11.91 -3.16
N ASN D 495 12.94 11.47 -2.81
CA ASN D 495 13.25 10.92 -1.52
C ASN D 495 14.07 11.93 -0.76
N ILE D 496 13.67 12.19 0.45
CA ILE D 496 14.36 13.10 1.30
C ILE D 496 14.78 12.31 2.55
N CYS D 497 16.07 12.36 2.86
CA CYS D 497 16.67 11.60 3.90
C CYS D 497 17.15 12.54 5.00
N ILE D 498 16.62 12.40 6.19
CA ILE D 498 16.98 13.28 7.30
C ILE D 498 17.85 12.50 8.31
N LYS D 499 19.09 12.88 8.50
CA LYS D 499 19.90 12.29 9.55
C LYS D 499 19.53 12.91 10.87
N ILE D 500 19.22 12.08 11.86
CA ILE D 500 18.73 12.57 13.14
C ILE D 500 19.88 12.70 14.19
#